data_3GW6
#
_entry.id   3GW6
#
_cell.length_a   62.650
_cell.length_b   79.950
_cell.length_c   109.580
_cell.angle_alpha   81.71
_cell.angle_beta   76.53
_cell.angle_gamma   87.11
#
_symmetry.space_group_name_H-M   'P 1'
#
loop_
_entity.id
_entity.type
_entity.pdbx_description
1 polymer Endo-N-acetylneuraminidase
2 non-polymer DI(HYDROXYETHYL)ETHER
3 non-polymer TRIS(HYDROXYETHYL)AMINOMETHANE
4 non-polymer 'CHLORIDE ION'
5 non-polymer 'BROMIDE ION'
6 non-polymer 'CALCIUM ION'
7 water water
#
_entity_poly.entity_id   1
_entity_poly.type   'polypeptide(L)'
_entity_poly.pdbx_seq_one_letter_code
;MEFTGDLGLGHVTIRASTSSNIRSEVLMEGEYGFIGKSIPTDNPAGQRIIFCGGEGTSSTTGAQITLYGANNTDSRRIVY
NGDEHLFQSADVKPYNDNVTALGGPSNRFTTAYLGSNPIVTANGERKTEPVVFDDAFLDAWGDVHYIMYQWLDAVQLKGN
DARIHFGVIAQQIRDVFIAHGLMDENSTNCRYAVLCYDKYPRMTDTVFSHNEIVEHTDEEGNVTTTEEPVYTEVVIHEEG
EEWGVRPDGIFFAEAAYQRRKLERIEARLSALEQK
;
_entity_poly.pdbx_strand_id   A,B,E,C,D,F
#
loop_
_chem_comp.id
_chem_comp.type
_chem_comp.name
_chem_comp.formula
BR non-polymer 'BROMIDE ION' 'Br -1'
CA non-polymer 'CALCIUM ION' 'Ca 2'
CL non-polymer 'CHLORIDE ION' 'Cl -1'
PEG non-polymer DI(HYDROXYETHYL)ETHER 'C4 H10 O3'
TAM non-polymer TRIS(HYDROXYETHYL)AMINOMETHANE 'C7 H17 N O3'
#
# COMPACT_ATOMS: atom_id res chain seq x y z
N HIS A 11 -26.57 -43.16 -24.46
CA HIS A 11 -26.01 -41.89 -24.91
C HIS A 11 -27.09 -40.97 -25.45
N VAL A 12 -26.80 -39.68 -25.44
CA VAL A 12 -27.66 -38.70 -26.10
C VAL A 12 -26.88 -38.02 -27.21
N THR A 13 -27.60 -37.55 -28.23
CA THR A 13 -27.03 -36.62 -29.18
C THR A 13 -27.91 -35.37 -29.24
N ILE A 14 -27.24 -34.22 -29.31
CA ILE A 14 -27.92 -32.92 -29.26
C ILE A 14 -27.98 -32.36 -30.67
N ARG A 15 -29.18 -32.00 -31.12
CA ARG A 15 -29.34 -31.50 -32.48
C ARG A 15 -29.67 -30.01 -32.52
N ILE A 22 -27.80 -25.46 -37.27
CA ILE A 22 -26.41 -25.22 -37.58
C ILE A 22 -25.56 -25.05 -36.32
N ARG A 23 -26.21 -25.23 -35.17
CA ARG A 23 -25.51 -25.25 -33.88
C ARG A 23 -26.39 -25.93 -32.84
N SER A 24 -25.77 -26.80 -32.04
CA SER A 24 -26.47 -27.45 -30.95
C SER A 24 -26.19 -26.72 -29.64
N GLU A 25 -27.14 -26.75 -28.72
CA GLU A 25 -27.03 -26.00 -27.47
C GLU A 25 -27.50 -26.76 -26.24
N VAL A 26 -26.75 -26.60 -25.17
CA VAL A 26 -27.16 -27.09 -23.86
C VAL A 26 -27.05 -25.93 -22.87
N LEU A 27 -28.20 -25.47 -22.38
CA LEU A 27 -28.23 -24.43 -21.37
C LEU A 27 -28.42 -25.03 -19.99
N MET A 28 -27.51 -24.73 -19.08
CA MET A 28 -27.66 -25.15 -17.69
C MET A 28 -28.24 -24.01 -16.87
N GLU A 29 -29.26 -24.32 -16.07
CA GLU A 29 -29.90 -23.30 -15.24
C GLU A 29 -29.39 -23.34 -13.81
N GLY A 30 -30.10 -22.67 -12.91
CA GLY A 30 -29.69 -22.60 -11.52
C GLY A 30 -28.65 -21.54 -11.28
N GLU A 31 -28.03 -21.56 -10.11
CA GLU A 31 -26.94 -20.63 -9.80
C GLU A 31 -25.70 -21.02 -10.60
N TYR A 32 -25.36 -22.30 -10.58
CA TYR A 32 -24.26 -22.82 -11.36
C TYR A 32 -24.61 -24.17 -11.98
N GLY A 33 -23.91 -24.53 -13.04
CA GLY A 33 -24.07 -25.83 -13.64
C GLY A 33 -22.93 -26.76 -13.25
N PHE A 34 -23.18 -28.07 -13.27
CA PHE A 34 -22.16 -29.02 -12.93
C PHE A 34 -22.17 -30.21 -13.88
N ILE A 35 -21.04 -30.44 -14.54
CA ILE A 35 -20.88 -31.60 -15.41
C ILE A 35 -19.76 -32.47 -14.88
N GLY A 36 -20.10 -33.64 -14.37
CA GLY A 36 -19.13 -34.49 -13.70
C GLY A 36 -19.17 -35.94 -14.09
N LYS A 37 -18.28 -36.72 -13.49
CA LYS A 37 -18.11 -38.13 -13.81
C LYS A 37 -18.36 -39.03 -12.59
N SER A 38 -19.37 -39.86 -12.67
CA SER A 38 -19.67 -40.80 -11.59
C SER A 38 -18.49 -41.74 -11.35
N ILE A 39 -18.51 -42.45 -10.23
CA ILE A 39 -17.46 -43.41 -9.92
C ILE A 39 -17.72 -44.72 -10.65
N PRO A 40 -16.88 -45.04 -11.64
CA PRO A 40 -17.03 -46.28 -12.42
C PRO A 40 -17.22 -47.49 -11.51
N THR A 41 -18.00 -48.46 -11.96
CA THR A 41 -18.25 -49.65 -11.19
C THR A 41 -17.09 -50.63 -11.31
N ASP A 42 -16.55 -50.76 -12.51
CA ASP A 42 -15.60 -51.83 -12.81
C ASP A 42 -14.15 -51.39 -13.03
N ASN A 43 -13.94 -50.13 -13.41
CA ASN A 43 -12.58 -49.61 -13.57
C ASN A 43 -12.42 -48.18 -13.08
N PRO A 44 -12.62 -47.97 -11.76
CA PRO A 44 -12.54 -46.64 -11.16
C PRO A 44 -11.14 -46.02 -11.29
N ALA A 45 -10.19 -46.81 -11.75
CA ALA A 45 -8.84 -46.29 -11.98
C ALA A 45 -8.80 -45.46 -13.26
N GLY A 46 -9.87 -45.55 -14.04
CA GLY A 46 -9.94 -44.85 -15.31
C GLY A 46 -10.88 -43.65 -15.30
N GLN A 47 -11.49 -43.39 -14.14
CA GLN A 47 -12.44 -42.28 -14.00
C GLN A 47 -11.93 -40.99 -14.64
N ARG A 48 -12.68 -40.49 -15.62
CA ARG A 48 -12.32 -39.25 -16.30
C ARG A 48 -13.39 -38.84 -17.31
N ILE A 49 -13.34 -37.59 -17.74
CA ILE A 49 -14.16 -37.12 -18.86
C ILE A 49 -13.30 -36.54 -19.95
N ILE A 50 -13.59 -36.91 -21.19
CA ILE A 50 -12.86 -36.39 -22.34
C ILE A 50 -13.73 -35.40 -23.11
N PHE A 51 -13.29 -34.15 -23.15
CA PHE A 51 -13.98 -33.13 -23.94
C PHE A 51 -13.26 -32.99 -25.28
N CYS A 52 -14.02 -33.10 -26.37
CA CYS A 52 -13.41 -33.15 -27.69
C CYS A 52 -14.08 -32.19 -28.69
N GLY A 53 -13.26 -31.46 -29.43
CA GLY A 53 -13.76 -30.60 -30.49
C GLY A 53 -14.15 -31.41 -31.71
N GLY A 54 -13.89 -32.71 -31.63
CA GLY A 54 -14.24 -33.64 -32.70
C GLY A 54 -15.11 -34.78 -32.22
N GLU A 55 -15.45 -35.67 -33.15
CA GLU A 55 -16.44 -36.72 -32.90
C GLU A 55 -15.89 -38.03 -32.35
N GLY A 56 -14.58 -38.14 -32.21
CA GLY A 56 -13.98 -39.38 -31.79
C GLY A 56 -13.20 -39.31 -30.49
N THR A 57 -13.17 -40.43 -29.76
CA THR A 57 -12.45 -40.49 -28.49
C THR A 57 -10.95 -40.29 -28.72
N SER A 58 -10.52 -40.48 -29.96
CA SER A 58 -9.12 -40.27 -30.32
C SER A 58 -8.86 -38.79 -30.59
N SER A 59 -7.72 -38.31 -30.10
CA SER A 59 -7.38 -36.90 -30.22
C SER A 59 -6.95 -36.50 -31.63
N THR A 60 -6.85 -37.47 -32.54
CA THR A 60 -6.61 -37.16 -33.94
C THR A 60 -7.88 -36.56 -34.53
N THR A 61 -8.93 -36.58 -33.73
CA THR A 61 -10.26 -36.17 -34.17
C THR A 61 -10.55 -34.69 -33.86
N GLY A 62 -9.97 -34.19 -32.78
CA GLY A 62 -10.17 -32.80 -32.39
C GLY A 62 -9.40 -32.47 -31.13
N ALA A 63 -9.28 -31.17 -30.84
CA ALA A 63 -8.62 -30.74 -29.62
C ALA A 63 -9.32 -31.32 -28.41
N GLN A 64 -8.54 -31.72 -27.41
CA GLN A 64 -9.13 -32.37 -26.24
C GLN A 64 -8.67 -31.78 -24.91
N ILE A 65 -9.54 -31.88 -23.92
CA ILE A 65 -9.21 -31.61 -22.54
C ILE A 65 -9.80 -32.73 -21.70
N THR A 66 -8.95 -33.40 -20.94
CA THR A 66 -9.39 -34.55 -20.16
C THR A 66 -9.23 -34.33 -18.67
N LEU A 67 -10.36 -34.40 -17.96
CA LEU A 67 -10.36 -34.22 -16.51
C LEU A 67 -10.29 -35.58 -15.83
N TYR A 68 -9.27 -35.78 -15.01
CA TYR A 68 -9.08 -37.04 -14.33
C TYR A 68 -9.71 -37.03 -12.93
N GLY A 69 -10.37 -38.13 -12.57
CA GLY A 69 -10.98 -38.25 -11.27
C GLY A 69 -9.94 -38.43 -10.18
N ALA A 70 -10.37 -38.33 -8.93
CA ALA A 70 -9.48 -38.55 -7.79
C ALA A 70 -9.14 -40.03 -7.69
N ASN A 71 -10.08 -40.87 -8.11
CA ASN A 71 -9.88 -42.31 -8.10
C ASN A 71 -8.94 -42.77 -9.20
N ASN A 72 -8.77 -41.93 -10.22
CA ASN A 72 -7.95 -42.29 -11.36
C ASN A 72 -6.50 -42.52 -10.98
N THR A 73 -5.86 -43.49 -11.64
CA THR A 73 -4.45 -43.79 -11.42
C THR A 73 -3.64 -42.50 -11.35
N ASP A 74 -3.92 -41.60 -12.29
CA ASP A 74 -3.29 -40.29 -12.31
C ASP A 74 -4.22 -39.27 -11.65
N SER A 75 -4.34 -39.35 -10.33
CA SER A 75 -5.30 -38.59 -9.55
C SER A 75 -5.37 -37.10 -9.91
N ARG A 76 -6.56 -36.66 -10.30
CA ARG A 76 -6.85 -35.24 -10.55
C ARG A 76 -5.95 -34.62 -11.61
N ARG A 77 -5.55 -35.41 -12.60
CA ARG A 77 -4.76 -34.90 -13.71
C ARG A 77 -5.61 -34.14 -14.72
N ILE A 78 -5.04 -33.11 -15.32
CA ILE A 78 -5.64 -32.49 -16.49
C ILE A 78 -4.68 -32.54 -17.66
N VAL A 79 -5.14 -33.06 -18.79
CA VAL A 79 -4.35 -33.04 -20.02
C VAL A 79 -5.04 -32.18 -21.06
N TYR A 80 -4.37 -31.08 -21.44
CA TYR A 80 -4.86 -30.23 -22.50
C TYR A 80 -4.13 -30.63 -23.78
N ASN A 81 -4.87 -31.20 -24.73
CA ASN A 81 -4.27 -31.70 -25.96
C ASN A 81 -4.79 -31.03 -27.23
N GLY A 82 -4.02 -30.06 -27.73
CA GLY A 82 -4.37 -29.39 -28.97
C GLY A 82 -3.13 -29.03 -29.76
N ASP A 83 -3.33 -28.56 -30.99
CA ASP A 83 -2.21 -28.16 -31.85
C ASP A 83 -1.87 -26.68 -31.65
N GLU A 84 -2.71 -26.00 -30.90
CA GLU A 84 -2.42 -24.65 -30.43
C GLU A 84 -3.05 -24.48 -29.04
N HIS A 85 -2.29 -23.94 -28.11
CA HIS A 85 -2.85 -23.54 -26.83
C HIS A 85 -2.79 -22.03 -26.72
N LEU A 86 -3.90 -21.38 -27.08
CA LEU A 86 -3.95 -19.93 -27.10
C LEU A 86 -4.78 -19.39 -25.94
N PHE A 87 -4.11 -18.70 -25.01
CA PHE A 87 -4.78 -18.10 -23.87
C PHE A 87 -5.06 -16.62 -24.13
N GLN A 88 -6.35 -16.29 -24.25
CA GLN A 88 -6.77 -14.97 -24.68
C GLN A 88 -7.30 -14.11 -23.53
N SER A 89 -7.03 -12.81 -23.60
CA SER A 89 -7.69 -11.81 -22.78
C SER A 89 -7.15 -11.65 -21.36
N ALA A 90 -6.23 -12.51 -20.95
CA ALA A 90 -5.72 -12.45 -19.59
C ALA A 90 -4.38 -13.14 -19.41
N ASP A 91 -3.55 -12.60 -18.51
CA ASP A 91 -2.28 -13.21 -18.17
C ASP A 91 -2.50 -14.68 -17.83
N VAL A 92 -1.48 -15.50 -18.08
CA VAL A 92 -1.50 -16.88 -17.61
C VAL A 92 -0.88 -16.91 -16.23
N LYS A 93 -1.70 -17.16 -15.22
CA LYS A 93 -1.25 -17.03 -13.83
C LYS A 93 -1.42 -18.30 -13.00
N PRO A 94 -0.56 -18.46 -11.98
CA PRO A 94 -0.79 -19.46 -10.95
C PRO A 94 -1.88 -18.96 -10.01
N TYR A 95 -2.68 -19.87 -9.47
CA TYR A 95 -3.78 -19.48 -8.59
C TYR A 95 -3.25 -18.79 -7.34
N ASN A 96 -2.27 -19.42 -6.71
CA ASN A 96 -1.65 -18.86 -5.51
C ASN A 96 -0.30 -18.19 -5.81
N ASP A 97 0.27 -17.56 -4.78
CA ASP A 97 1.53 -16.85 -4.95
C ASP A 97 2.72 -17.71 -4.54
N ASN A 98 3.71 -17.79 -5.43
CA ASN A 98 4.98 -18.46 -5.15
C ASN A 98 4.83 -19.88 -4.59
N VAL A 99 3.97 -20.69 -5.19
CA VAL A 99 3.80 -22.07 -4.75
C VAL A 99 3.80 -23.09 -5.90
N THR A 100 3.55 -22.64 -7.12
CA THR A 100 3.60 -23.52 -8.28
C THR A 100 4.52 -22.98 -9.38
N ALA A 101 5.03 -23.87 -10.21
CA ALA A 101 6.08 -23.52 -11.17
C ALA A 101 5.65 -23.66 -12.63
N LEU A 102 6.46 -23.11 -13.52
CA LEU A 102 6.36 -23.37 -14.94
C LEU A 102 7.37 -24.46 -15.27
N GLY A 103 6.88 -25.61 -15.73
CA GLY A 103 7.77 -26.70 -16.12
C GLY A 103 8.21 -27.57 -14.96
N GLY A 104 9.11 -28.51 -15.25
CA GLY A 104 9.64 -29.42 -14.26
C GLY A 104 10.90 -30.10 -14.75
N PRO A 105 11.66 -30.73 -13.84
CA PRO A 105 12.93 -31.38 -14.18
C PRO A 105 12.82 -32.21 -15.45
N SER A 106 11.75 -33.00 -15.55
CA SER A 106 11.53 -33.84 -16.73
C SER A 106 10.36 -33.33 -17.55
N ASN A 107 9.91 -32.11 -17.25
CA ASN A 107 8.88 -31.46 -18.05
C ASN A 107 9.33 -30.05 -18.41
N ARG A 108 10.48 -29.95 -19.06
CA ARG A 108 11.05 -28.67 -19.42
C ARG A 108 10.33 -28.03 -20.59
N PHE A 109 10.14 -26.72 -20.52
CA PHE A 109 9.78 -25.94 -21.70
C PHE A 109 11.06 -25.63 -22.46
N THR A 110 10.99 -25.66 -23.78
CA THR A 110 12.17 -25.39 -24.61
C THR A 110 12.71 -23.99 -24.31
N THR A 111 11.80 -23.03 -24.21
CA THR A 111 12.12 -21.66 -23.80
C THR A 111 10.86 -20.87 -23.54
N ALA A 112 11.05 -19.63 -23.13
CA ALA A 112 9.95 -18.66 -23.07
C ALA A 112 10.27 -17.54 -24.05
N TYR A 113 9.29 -17.18 -24.87
CA TYR A 113 9.40 -16.02 -25.74
C TYR A 113 8.78 -14.82 -25.04
N LEU A 114 9.60 -13.85 -24.70
CA LEU A 114 9.14 -12.71 -23.93
C LEU A 114 9.35 -11.39 -24.67
N GLY A 115 8.50 -10.41 -24.39
CA GLY A 115 8.62 -9.09 -24.97
C GLY A 115 9.50 -8.21 -24.11
N SER A 116 9.77 -8.67 -22.89
CA SER A 116 10.69 -8.01 -21.99
C SER A 116 11.30 -9.05 -21.05
N ASN A 117 12.34 -8.66 -20.33
CA ASN A 117 13.06 -9.58 -19.44
C ASN A 117 12.26 -9.91 -18.20
N PRO A 118 12.42 -11.14 -17.69
CA PRO A 118 11.67 -11.61 -16.51
C PRO A 118 11.81 -10.66 -15.32
N ILE A 119 10.73 -10.51 -14.56
CA ILE A 119 10.77 -9.77 -13.30
C ILE A 119 10.85 -10.75 -12.15
N VAL A 120 11.84 -10.57 -11.28
CA VAL A 120 11.90 -11.38 -10.07
C VAL A 120 11.61 -10.51 -8.86
N THR A 121 10.63 -10.94 -8.06
CA THR A 121 10.25 -10.22 -6.85
C THR A 121 10.03 -11.19 -5.70
N ALA A 122 10.19 -10.69 -4.48
CA ALA A 122 10.01 -11.49 -3.29
C ALA A 122 8.63 -11.22 -2.70
N ASN A 123 7.91 -10.28 -3.30
CA ASN A 123 6.60 -9.84 -2.80
C ASN A 123 6.53 -9.76 -1.27
N GLY A 124 7.52 -9.13 -0.66
CA GLY A 124 7.48 -8.85 0.76
C GLY A 124 7.88 -10.01 1.67
N GLU A 125 8.15 -11.17 1.08
CA GLU A 125 8.69 -12.28 1.86
C GLU A 125 10.05 -11.85 2.39
N ARG A 126 10.35 -12.23 3.63
CA ARG A 126 11.55 -11.74 4.29
C ARG A 126 12.81 -12.56 4.01
N LYS A 127 13.90 -11.85 3.76
CA LYS A 127 15.20 -12.47 3.53
C LYS A 127 16.07 -12.19 4.74
N THR A 128 17.10 -13.02 4.95
CA THR A 128 18.07 -12.75 6.00
C THR A 128 18.82 -11.48 5.65
N GLU A 129 19.80 -11.10 6.45
CA GLU A 129 20.56 -9.89 6.16
C GLU A 129 21.46 -10.09 4.94
N PRO A 130 21.36 -9.19 3.96
CA PRO A 130 22.15 -9.27 2.73
C PRO A 130 23.65 -9.35 3.03
N VAL A 131 24.27 -10.44 2.63
CA VAL A 131 25.67 -10.71 2.93
C VAL A 131 26.56 -10.59 1.69
N VAL A 132 27.78 -10.10 1.86
CA VAL A 132 28.68 -9.98 0.73
C VAL A 132 29.18 -11.36 0.30
N PHE A 133 29.83 -11.43 -0.86
CA PHE A 133 30.40 -12.69 -1.31
C PHE A 133 31.75 -12.88 -0.61
N ASP A 134 31.82 -13.89 0.25
CA ASP A 134 33.06 -14.19 0.96
C ASP A 134 34.17 -14.48 -0.03
N ASP A 135 35.42 -14.32 0.40
CA ASP A 135 36.56 -14.49 -0.50
C ASP A 135 36.84 -15.95 -0.85
N ALA A 136 36.39 -16.87 -0.01
CA ALA A 136 36.57 -18.29 -0.27
C ALA A 136 35.73 -18.72 -1.48
N PHE A 137 34.46 -18.34 -1.48
CA PHE A 137 33.55 -18.67 -2.58
C PHE A 137 33.99 -18.00 -3.87
N LEU A 138 34.63 -16.85 -3.74
CA LEU A 138 35.13 -16.10 -4.89
C LEU A 138 36.34 -16.78 -5.52
N ASP A 139 37.29 -17.20 -4.68
CA ASP A 139 38.44 -17.95 -5.16
C ASP A 139 37.97 -19.14 -5.99
N ALA A 140 36.92 -19.80 -5.50
CA ALA A 140 36.38 -20.98 -6.16
C ALA A 140 35.68 -20.63 -7.47
N TRP A 141 34.89 -19.55 -7.45
CA TRP A 141 34.14 -19.16 -8.63
C TRP A 141 35.06 -18.85 -9.80
N GLY A 142 36.33 -18.61 -9.50
CA GLY A 142 37.33 -18.36 -10.52
C GLY A 142 37.62 -19.58 -11.36
N ASP A 143 37.28 -20.75 -10.82
CA ASP A 143 37.49 -22.02 -11.51
C ASP A 143 36.30 -22.41 -12.38
N VAL A 144 35.23 -21.63 -12.33
CA VAL A 144 34.05 -21.89 -13.13
C VAL A 144 34.28 -21.51 -14.59
N HIS A 145 34.16 -22.50 -15.47
CA HIS A 145 34.46 -22.31 -16.88
C HIS A 145 33.22 -22.00 -17.71
N TYR A 146 33.27 -20.88 -18.43
CA TYR A 146 32.25 -20.55 -19.41
C TYR A 146 32.61 -21.23 -20.71
N ILE A 147 31.61 -21.73 -21.43
CA ILE A 147 31.87 -22.65 -22.54
C ILE A 147 30.89 -22.53 -23.69
N MET A 148 31.29 -23.08 -24.84
CA MET A 148 30.42 -23.24 -25.99
C MET A 148 30.20 -24.73 -26.18
N TYR A 149 29.04 -25.09 -26.71
CA TYR A 149 28.76 -26.49 -26.99
C TYR A 149 27.75 -26.66 -28.12
N GLN A 150 27.57 -27.90 -28.54
CA GLN A 150 26.57 -28.25 -29.54
C GLN A 150 25.89 -29.54 -29.10
N TRP A 151 24.67 -29.77 -29.60
CA TRP A 151 23.96 -30.99 -29.27
C TRP A 151 24.37 -32.13 -30.20
N LEU A 152 24.78 -33.26 -29.62
CA LEU A 152 25.27 -34.39 -30.39
C LEU A 152 24.40 -34.73 -31.59
N ASP A 153 23.10 -34.86 -31.35
CA ASP A 153 22.15 -35.23 -32.40
C ASP A 153 22.15 -34.24 -33.56
N ALA A 154 22.17 -32.95 -33.24
CA ALA A 154 22.30 -31.92 -34.27
C ALA A 154 23.63 -32.12 -34.98
N VAL A 155 24.67 -32.42 -34.21
CA VAL A 155 25.99 -32.68 -34.75
C VAL A 155 25.98 -33.91 -35.66
N GLN A 156 25.09 -34.84 -35.37
CA GLN A 156 24.88 -36.00 -36.24
C GLN A 156 24.38 -35.56 -37.60
N LEU A 157 23.59 -34.48 -37.62
CA LEU A 157 22.94 -34.02 -38.84
C LEU A 157 23.71 -32.91 -39.55
N LYS A 158 24.12 -31.89 -38.80
CA LYS A 158 24.80 -30.74 -39.40
C LYS A 158 26.27 -30.64 -38.99
N GLY A 159 26.73 -31.58 -38.16
CA GLY A 159 28.11 -31.61 -37.73
C GLY A 159 28.65 -30.25 -37.30
N ASN A 160 29.73 -29.82 -37.96
CA ASN A 160 30.35 -28.54 -37.65
C ASN A 160 29.37 -27.38 -37.70
N ASP A 161 28.32 -27.54 -38.51
CA ASP A 161 27.34 -26.49 -38.71
C ASP A 161 26.21 -26.50 -37.68
N ALA A 162 26.24 -27.49 -36.78
CA ALA A 162 25.24 -27.55 -35.71
C ALA A 162 25.29 -26.27 -34.90
N ARG A 163 24.11 -25.81 -34.47
CA ARG A 163 24.01 -24.55 -33.73
C ARG A 163 24.84 -24.59 -32.44
N ILE A 164 25.46 -23.47 -32.11
CA ILE A 164 26.33 -23.37 -30.94
C ILE A 164 25.65 -22.65 -29.79
N HIS A 165 25.71 -23.25 -28.61
CA HIS A 165 25.07 -22.68 -27.42
C HIS A 165 26.11 -22.29 -26.37
N PHE A 166 25.75 -21.32 -25.53
CA PHE A 166 26.63 -20.88 -24.45
C PHE A 166 26.11 -21.31 -23.08
N GLY A 167 27.02 -21.46 -22.13
CA GLY A 167 26.65 -21.79 -20.77
C GLY A 167 27.81 -22.34 -19.94
N VAL A 168 27.48 -22.98 -18.84
CA VAL A 168 28.47 -23.65 -18.01
C VAL A 168 27.91 -25.00 -17.62
N ILE A 169 28.75 -26.03 -17.61
CA ILE A 169 28.30 -27.37 -17.26
C ILE A 169 28.02 -27.50 -15.76
N ALA A 170 26.77 -27.81 -15.42
CA ALA A 170 26.36 -27.94 -14.04
C ALA A 170 27.34 -28.77 -13.20
N GLN A 171 27.75 -29.90 -13.75
CA GLN A 171 28.60 -30.85 -13.02
C GLN A 171 29.97 -30.28 -12.68
N GLN A 172 30.51 -29.42 -13.55
CA GLN A 172 31.85 -28.89 -13.34
C GLN A 172 31.85 -27.78 -12.29
N ILE A 173 30.73 -27.06 -12.18
CA ILE A 173 30.55 -26.11 -11.08
C ILE A 173 30.47 -26.90 -9.78
N ARG A 174 29.82 -28.06 -9.87
CA ARG A 174 29.70 -28.97 -8.74
C ARG A 174 31.09 -29.46 -8.33
N ASP A 175 31.92 -29.78 -9.32
CA ASP A 175 33.29 -30.23 -9.07
C ASP A 175 34.10 -29.12 -8.39
N VAL A 176 33.96 -27.90 -8.89
CA VAL A 176 34.67 -26.75 -8.32
C VAL A 176 34.33 -26.55 -6.86
N PHE A 177 33.03 -26.59 -6.53
CA PHE A 177 32.58 -26.43 -5.15
C PHE A 177 33.14 -27.54 -4.27
N ILE A 178 33.09 -28.77 -4.76
CA ILE A 178 33.58 -29.93 -4.01
C ILE A 178 35.09 -29.82 -3.77
N ALA A 179 35.82 -29.36 -4.78
CA ALA A 179 37.25 -29.18 -4.67
C ALA A 179 37.58 -28.10 -3.63
N HIS A 180 36.79 -27.04 -3.63
CA HIS A 180 37.00 -25.93 -2.71
C HIS A 180 36.24 -26.13 -1.39
N GLY A 181 35.84 -27.37 -1.12
CA GLY A 181 35.22 -27.73 0.14
C GLY A 181 33.93 -27.01 0.47
N LEU A 182 33.31 -26.40 -0.54
CA LEU A 182 32.02 -25.73 -0.35
C LEU A 182 30.87 -26.68 -0.63
N MET A 183 31.19 -27.97 -0.71
CA MET A 183 30.19 -28.99 -0.96
C MET A 183 30.83 -30.36 -0.81
N ASP A 184 30.01 -31.38 -0.55
CA ASP A 184 30.51 -32.75 -0.51
C ASP A 184 29.84 -33.65 -1.55
N GLU A 185 30.30 -34.88 -1.65
CA GLU A 185 29.85 -35.74 -2.71
C GLU A 185 28.35 -36.00 -2.70
N ASN A 186 27.63 -35.36 -1.78
CA ASN A 186 26.20 -35.58 -1.69
C ASN A 186 25.42 -35.06 -2.89
N SER A 187 24.12 -34.87 -2.74
CA SER A 187 23.27 -34.43 -3.83
C SER A 187 22.18 -33.50 -3.33
N CYS A 190 22.78 -29.20 -2.26
CA CYS A 190 23.69 -28.07 -2.48
C CYS A 190 23.29 -26.85 -1.65
N ARG A 191 24.26 -26.22 -1.02
CA ARG A 191 24.02 -25.03 -0.22
C ARG A 191 23.48 -23.88 -1.08
N TYR A 192 23.83 -23.89 -2.36
CA TYR A 192 23.53 -22.74 -3.21
C TYR A 192 22.40 -23.00 -4.20
N ALA A 193 21.59 -21.98 -4.45
CA ALA A 193 20.46 -22.08 -5.37
C ALA A 193 20.96 -22.09 -6.82
N VAL A 194 22.16 -21.56 -7.04
CA VAL A 194 22.71 -21.47 -8.38
C VAL A 194 22.83 -22.85 -9.03
N LEU A 195 23.17 -23.84 -8.22
CA LEU A 195 23.31 -25.22 -8.68
C LEU A 195 22.21 -26.07 -8.05
N CYS A 196 21.23 -26.48 -8.85
CA CYS A 196 20.06 -27.18 -8.32
C CYS A 196 19.84 -28.57 -8.90
N TYR A 197 19.86 -29.58 -8.02
CA TYR A 197 19.66 -30.97 -8.40
C TYR A 197 18.21 -31.41 -8.15
N ASP A 198 17.77 -32.44 -8.87
CA ASP A 198 16.41 -32.95 -8.72
C ASP A 198 16.29 -34.41 -9.13
N LYS A 199 15.56 -35.17 -8.33
CA LYS A 199 15.19 -36.54 -8.69
C LYS A 199 13.70 -36.53 -9.04
N TYR A 200 13.32 -37.28 -10.08
CA TYR A 200 11.93 -37.26 -10.53
C TYR A 200 11.38 -38.64 -10.88
N PRO A 201 10.10 -38.86 -10.55
CA PRO A 201 9.40 -40.14 -10.75
C PRO A 201 9.13 -40.39 -12.23
N ARG A 202 8.78 -41.61 -12.58
CA ARG A 202 8.41 -41.91 -13.96
C ARG A 202 7.04 -41.32 -14.26
N MET A 203 6.85 -40.89 -15.51
CA MET A 203 5.57 -40.34 -15.92
C MET A 203 4.85 -41.34 -16.81
N THR A 204 3.66 -41.73 -16.40
CA THR A 204 2.83 -42.60 -17.21
C THR A 204 1.49 -41.91 -17.49
N ASP A 205 0.78 -42.41 -18.49
CA ASP A 205 -0.53 -41.89 -18.82
C ASP A 205 -1.36 -42.99 -19.47
N THR A 206 -2.68 -42.82 -19.48
CA THR A 206 -3.55 -43.75 -20.17
C THR A 206 -3.97 -43.11 -21.49
N VAL A 207 -3.66 -43.77 -22.60
CA VAL A 207 -3.80 -43.17 -23.91
C VAL A 207 -4.51 -44.09 -24.91
N PHE A 208 -5.30 -43.49 -25.79
CA PHE A 208 -5.97 -44.22 -26.85
C PHE A 208 -4.95 -44.78 -27.83
N SER A 209 -5.09 -46.05 -28.18
CA SER A 209 -4.17 -46.66 -29.13
C SER A 209 -4.88 -47.06 -30.42
N HIS A 210 -5.92 -47.89 -30.29
CA HIS A 210 -6.65 -48.37 -31.46
C HIS A 210 -8.05 -48.83 -31.09
N ASN A 211 -8.86 -49.10 -32.11
CA ASN A 211 -10.16 -49.72 -31.91
C ASN A 211 -10.05 -51.22 -31.97
N GLU A 212 -10.86 -51.90 -31.17
CA GLU A 212 -10.83 -53.35 -31.09
C GLU A 212 -12.20 -53.93 -31.37
N ILE A 213 -12.26 -54.87 -32.32
CA ILE A 213 -13.52 -55.53 -32.62
C ILE A 213 -13.85 -56.59 -31.57
N VAL A 214 -14.98 -56.38 -30.89
CA VAL A 214 -15.47 -57.32 -29.89
C VAL A 214 -16.69 -58.03 -30.45
N GLU A 215 -16.74 -59.34 -30.29
CA GLU A 215 -17.86 -60.12 -30.82
C GLU A 215 -18.81 -60.60 -29.73
N HIS A 216 -20.11 -60.51 -30.02
CA HIS A 216 -21.13 -60.79 -29.03
C HIS A 216 -22.05 -61.91 -29.54
N THR A 217 -22.00 -63.05 -28.86
CA THR A 217 -22.78 -64.22 -29.28
C THR A 217 -23.82 -64.60 -28.23
N ASP A 218 -25.05 -64.82 -28.69
CA ASP A 218 -26.18 -65.06 -27.78
C ASP A 218 -26.44 -66.55 -27.53
N GLU A 219 -27.52 -66.84 -26.82
CA GLU A 219 -27.88 -68.22 -26.50
C GLU A 219 -28.07 -69.02 -27.78
N GLU A 220 -28.78 -68.44 -28.75
CA GLU A 220 -28.79 -68.98 -30.09
C GLU A 220 -27.40 -68.72 -30.67
N GLY A 221 -27.02 -69.46 -31.70
CA GLY A 221 -25.66 -69.38 -32.22
C GLY A 221 -25.22 -68.03 -32.75
N ASN A 222 -26.17 -67.10 -32.89
CA ASN A 222 -25.90 -65.80 -33.53
C ASN A 222 -24.70 -65.04 -32.94
N VAL A 223 -23.87 -64.50 -33.82
CA VAL A 223 -22.65 -63.81 -33.42
C VAL A 223 -22.56 -62.41 -34.04
N THR A 224 -22.85 -61.39 -33.23
CA THR A 224 -22.74 -60.00 -33.68
C THR A 224 -21.36 -59.41 -33.40
N THR A 225 -21.06 -58.29 -34.07
CA THR A 225 -19.74 -57.66 -33.98
C THR A 225 -19.84 -56.17 -33.66
N THR A 226 -18.84 -55.64 -32.97
CA THR A 226 -18.78 -54.21 -32.68
C THR A 226 -17.34 -53.74 -32.51
N GLU A 227 -17.14 -52.42 -32.66
CA GLU A 227 -15.81 -51.85 -32.48
C GLU A 227 -15.73 -50.98 -31.22
N GLU A 228 -15.03 -51.48 -30.22
CA GLU A 228 -14.83 -50.76 -28.97
C GLU A 228 -13.42 -50.19 -28.95
N PRO A 229 -13.24 -48.99 -28.37
CA PRO A 229 -11.89 -48.43 -28.27
C PRO A 229 -11.08 -49.01 -27.11
N VAL A 230 -9.81 -49.28 -27.36
CA VAL A 230 -8.91 -49.73 -26.31
C VAL A 230 -8.05 -48.57 -25.83
N TYR A 231 -7.93 -48.44 -24.51
CA TYR A 231 -6.98 -47.50 -23.92
C TYR A 231 -5.89 -48.29 -23.20
N THR A 232 -4.65 -47.81 -23.30
CA THR A 232 -3.54 -48.51 -22.66
C THR A 232 -2.67 -47.57 -21.85
N GLU A 233 -1.97 -48.11 -20.86
CA GLU A 233 -1.09 -47.33 -20.01
C GLU A 233 0.29 -47.20 -20.65
N VAL A 234 0.64 -45.99 -21.04
CA VAL A 234 1.91 -45.73 -21.71
C VAL A 234 2.90 -45.00 -20.80
N VAL A 235 4.16 -45.40 -20.88
CA VAL A 235 5.23 -44.68 -20.20
C VAL A 235 5.63 -43.48 -21.05
N ILE A 236 5.72 -42.32 -20.43
CA ILE A 236 6.13 -41.11 -21.13
C ILE A 236 7.60 -40.83 -20.86
N HIS A 237 8.02 -41.07 -19.63
CA HIS A 237 9.44 -41.10 -19.29
C HIS A 237 9.68 -41.85 -17.98
N GLU A 238 10.81 -42.54 -17.91
CA GLU A 238 11.16 -43.33 -16.74
C GLU A 238 11.65 -42.42 -15.62
N GLU A 239 11.83 -42.98 -14.43
CA GLU A 239 12.45 -42.24 -13.34
C GLU A 239 13.81 -41.76 -13.81
N GLY A 240 14.26 -40.64 -13.26
CA GLY A 240 15.55 -40.08 -13.60
C GLY A 240 15.97 -39.02 -12.62
N GLU A 241 17.13 -38.42 -12.88
CA GLU A 241 17.62 -37.31 -12.07
C GLU A 241 18.29 -36.31 -12.98
N GLU A 242 18.53 -35.12 -12.46
CA GLU A 242 19.01 -34.03 -13.31
C GLU A 242 19.71 -32.93 -12.53
N TRP A 243 20.84 -32.49 -13.06
CA TRP A 243 21.56 -31.34 -12.52
C TRP A 243 21.30 -30.13 -13.40
N GLY A 244 21.09 -28.97 -12.79
CA GLY A 244 20.83 -27.76 -13.54
C GLY A 244 21.44 -26.54 -12.90
N VAL A 245 21.25 -25.39 -13.53
CA VAL A 245 21.79 -24.15 -13.00
C VAL A 245 20.84 -23.00 -13.29
N ARG A 246 20.96 -21.93 -12.51
CA ARG A 246 20.27 -20.69 -12.80
C ARG A 246 21.27 -19.70 -13.40
N PRO A 247 21.21 -19.51 -14.72
CA PRO A 247 22.10 -18.55 -15.37
C PRO A 247 22.16 -17.22 -14.61
N ASP A 248 21.02 -16.73 -14.15
CA ASP A 248 20.98 -15.47 -13.41
C ASP A 248 21.81 -15.54 -12.12
N GLY A 249 21.76 -16.69 -11.44
CA GLY A 249 22.57 -16.90 -10.27
C GLY A 249 24.05 -16.91 -10.62
N ILE A 250 24.36 -17.54 -11.76
CA ILE A 250 25.72 -17.59 -12.26
C ILE A 250 26.26 -16.18 -12.51
N PHE A 251 25.40 -15.32 -13.08
CA PHE A 251 25.81 -13.97 -13.43
C PHE A 251 25.88 -13.04 -12.22
N PHE A 252 25.23 -13.43 -11.13
CA PHE A 252 25.33 -12.66 -9.89
C PHE A 252 26.66 -12.94 -9.20
N ALA A 253 27.07 -14.21 -9.19
CA ALA A 253 28.35 -14.59 -8.65
C ALA A 253 29.48 -13.98 -9.47
N GLU A 254 29.30 -13.97 -10.78
CA GLU A 254 30.29 -13.38 -11.68
C GLU A 254 30.46 -11.89 -11.41
N ALA A 255 29.35 -11.17 -11.36
CA ALA A 255 29.37 -9.74 -11.09
C ALA A 255 30.13 -9.44 -9.81
N ALA A 256 29.95 -10.29 -8.80
CA ALA A 256 30.69 -10.17 -7.56
C ALA A 256 32.17 -10.41 -7.83
N TYR A 257 32.46 -11.61 -8.35
CA TYR A 257 33.81 -12.00 -8.73
C TYR A 257 34.54 -10.89 -9.48
N GLN A 258 34.01 -10.51 -10.63
CA GLN A 258 34.64 -9.50 -11.48
C GLN A 258 34.82 -8.15 -10.78
N ARG A 259 33.96 -7.85 -9.81
CA ARG A 259 34.08 -6.59 -9.08
C ARG A 259 35.25 -6.61 -8.11
N ARG A 260 35.50 -7.77 -7.50
CA ARG A 260 36.64 -7.92 -6.60
C ARG A 260 37.94 -7.74 -7.38
N LYS A 261 37.99 -8.33 -8.57
CA LYS A 261 39.20 -8.26 -9.39
C LYS A 261 39.55 -6.83 -9.82
N LEU A 262 38.57 -6.10 -10.34
CA LEU A 262 38.82 -4.73 -10.81
C LEU A 262 39.24 -3.81 -9.67
N GLU A 263 38.73 -4.06 -8.46
CA GLU A 263 39.12 -3.27 -7.30
C GLU A 263 40.59 -3.47 -6.97
N ARG A 264 41.06 -4.71 -7.14
CA ARG A 264 42.47 -5.02 -6.99
C ARG A 264 43.24 -4.39 -8.15
N ILE A 265 42.61 -4.36 -9.31
CA ILE A 265 43.18 -3.68 -10.47
C ILE A 265 43.33 -2.20 -10.16
N GLU A 266 42.29 -1.61 -9.60
CA GLU A 266 42.35 -0.22 -9.15
C GLU A 266 43.50 -0.03 -8.16
N ALA A 267 43.61 -0.95 -7.21
CA ALA A 267 44.66 -0.91 -6.22
C ALA A 267 46.02 -0.82 -6.91
N ARG A 268 46.41 -1.90 -7.57
CA ARG A 268 47.65 -1.96 -8.33
C ARG A 268 47.95 -0.62 -8.99
N LEU A 269 47.07 -0.20 -9.90
CA LEU A 269 47.23 1.05 -10.63
C LEU A 269 47.63 2.22 -9.75
N SER A 270 46.83 2.50 -8.73
CA SER A 270 47.15 3.57 -7.79
C SER A 270 48.61 3.51 -7.38
N ALA A 271 49.09 2.31 -7.10
CA ALA A 271 50.46 2.10 -6.64
C ALA A 271 51.48 2.12 -7.77
N LEU A 272 51.24 2.94 -8.78
CA LEU A 272 52.21 3.16 -9.85
C LEU A 272 52.45 4.65 -10.04
N GLU A 273 51.64 5.47 -9.37
CA GLU A 273 51.76 6.91 -9.45
C GLU A 273 52.56 7.44 -8.27
N GLN A 274 52.68 6.60 -7.23
CA GLN A 274 53.41 6.99 -6.02
C GLN A 274 54.92 6.90 -6.23
N HIS B 11 -29.94 -32.43 -13.56
CA HIS B 11 -30.75 -33.53 -13.08
C HIS B 11 -30.89 -34.62 -14.16
N VAL B 12 -29.77 -34.89 -14.83
CA VAL B 12 -29.73 -35.92 -15.85
C VAL B 12 -28.44 -36.72 -15.74
N THR B 13 -28.51 -38.01 -16.03
CA THR B 13 -27.30 -38.82 -16.12
C THR B 13 -27.18 -39.48 -17.48
N ILE B 14 -26.04 -39.28 -18.12
CA ILE B 14 -25.74 -39.93 -19.39
C ILE B 14 -25.17 -41.31 -19.10
N ARG B 15 -25.92 -42.35 -19.44
CA ARG B 15 -25.46 -43.70 -19.18
C ARG B 15 -24.66 -44.25 -20.36
N ALA B 16 -23.95 -45.35 -20.15
CA ALA B 16 -23.11 -45.94 -21.19
C ALA B 16 -23.94 -46.70 -22.22
N ILE B 22 -19.24 -49.12 -20.50
CA ILE B 22 -17.84 -48.70 -20.42
C ILE B 22 -17.69 -47.19 -20.51
N ARG B 23 -18.47 -46.56 -21.39
CA ARG B 23 -18.39 -45.11 -21.57
C ARG B 23 -19.72 -44.47 -21.90
N SER B 24 -19.94 -43.26 -21.37
CA SER B 24 -21.10 -42.46 -21.71
C SER B 24 -20.70 -41.42 -22.75
N GLU B 25 -21.59 -41.14 -23.69
CA GLU B 25 -21.28 -40.24 -24.80
C GLU B 25 -22.36 -39.17 -25.01
N VAL B 26 -21.93 -37.92 -25.05
CA VAL B 26 -22.78 -36.84 -25.53
C VAL B 26 -22.17 -36.29 -26.81
N LEU B 27 -22.91 -36.41 -27.92
CA LEU B 27 -22.41 -35.93 -29.20
C LEU B 27 -23.24 -34.76 -29.71
N MET B 28 -22.56 -33.64 -29.98
CA MET B 28 -23.23 -32.42 -30.40
C MET B 28 -23.16 -32.23 -31.91
N GLU B 29 -24.31 -31.99 -32.52
CA GLU B 29 -24.39 -31.81 -33.96
C GLU B 29 -24.36 -30.34 -34.35
N GLY B 30 -24.68 -30.06 -35.61
CA GLY B 30 -24.59 -28.71 -36.13
C GLY B 30 -23.18 -28.39 -36.57
N GLU B 31 -22.92 -27.12 -36.88
CA GLU B 31 -21.57 -26.70 -37.25
C GLU B 31 -20.68 -26.66 -36.02
N TYR B 32 -21.24 -26.15 -34.91
CA TYR B 32 -20.53 -26.11 -33.65
C TYR B 32 -21.49 -26.40 -32.50
N GLY B 33 -20.95 -26.79 -31.35
CA GLY B 33 -21.75 -27.06 -30.19
C GLY B 33 -21.56 -25.99 -29.13
N PHE B 34 -22.59 -25.74 -28.34
CA PHE B 34 -22.51 -24.75 -27.28
C PHE B 34 -23.11 -25.26 -25.99
N ILE B 35 -22.32 -25.25 -24.93
CA ILE B 35 -22.77 -25.64 -23.61
C ILE B 35 -22.55 -24.47 -22.65
N GLY B 36 -23.64 -23.80 -22.28
CA GLY B 36 -23.55 -22.57 -21.52
C GLY B 36 -24.35 -22.57 -20.23
N LYS B 37 -24.31 -21.42 -19.55
CA LYS B 37 -24.98 -21.25 -18.28
C LYS B 37 -25.89 -20.02 -18.33
N SER B 38 -27.19 -20.23 -18.12
CA SER B 38 -28.16 -19.15 -18.14
C SER B 38 -27.93 -18.18 -16.99
N ILE B 39 -28.45 -16.97 -17.13
CA ILE B 39 -28.39 -16.00 -16.05
C ILE B 39 -29.27 -16.48 -14.89
N PRO B 40 -28.64 -16.74 -13.72
CA PRO B 40 -29.35 -17.26 -12.55
C PRO B 40 -30.44 -16.30 -12.08
N THR B 41 -31.55 -16.84 -11.59
CA THR B 41 -32.67 -16.02 -11.16
C THR B 41 -32.42 -15.30 -9.85
N ASP B 42 -31.86 -16.00 -8.87
CA ASP B 42 -31.82 -15.51 -7.50
C ASP B 42 -30.43 -15.12 -7.00
N ASN B 43 -29.38 -15.66 -7.63
CA ASN B 43 -28.00 -15.24 -7.32
C ASN B 43 -27.10 -15.24 -8.54
N PRO B 44 -27.32 -14.28 -9.45
CA PRO B 44 -26.56 -14.15 -10.69
C PRO B 44 -25.06 -13.98 -10.46
N ALA B 45 -24.66 -13.67 -9.23
CA ALA B 45 -23.26 -13.39 -8.93
C ALA B 45 -22.39 -14.66 -8.88
N GLY B 46 -23.04 -15.81 -8.80
CA GLY B 46 -22.34 -17.08 -8.76
C GLY B 46 -22.43 -17.83 -10.07
N GLN B 47 -22.96 -17.16 -11.09
CA GLN B 47 -23.09 -17.76 -12.42
C GLN B 47 -21.81 -18.43 -12.87
N ARG B 48 -21.90 -19.72 -13.20
CA ARG B 48 -20.73 -20.49 -13.62
C ARG B 48 -21.07 -21.95 -13.90
N ILE B 49 -20.23 -22.59 -14.70
CA ILE B 49 -20.27 -24.04 -14.85
C ILE B 49 -19.01 -24.66 -14.28
N ILE B 50 -19.16 -25.78 -13.60
CA ILE B 50 -18.05 -26.54 -13.07
C ILE B 50 -17.91 -27.84 -13.83
N PHE B 51 -16.80 -28.01 -14.56
CA PHE B 51 -16.52 -29.27 -15.22
C PHE B 51 -15.59 -30.07 -14.31
N CYS B 52 -15.91 -31.34 -14.12
CA CYS B 52 -15.19 -32.15 -13.15
C CYS B 52 -14.97 -33.59 -13.61
N GLY B 53 -13.78 -34.11 -13.34
CA GLY B 53 -13.44 -35.48 -13.69
C GLY B 53 -13.99 -36.47 -12.69
N GLY B 54 -14.52 -35.96 -11.57
CA GLY B 54 -15.03 -36.81 -10.52
C GLY B 54 -16.54 -36.72 -10.31
N GLU B 55 -17.01 -37.35 -9.24
CA GLU B 55 -18.43 -37.49 -8.97
C GLU B 55 -19.05 -36.24 -8.34
N GLY B 56 -18.23 -35.45 -7.65
CA GLY B 56 -18.76 -34.41 -6.79
C GLY B 56 -18.37 -32.98 -7.10
N THR B 57 -19.11 -32.05 -6.52
CA THR B 57 -18.89 -30.62 -6.72
C THR B 57 -17.60 -30.16 -6.05
N SER B 58 -17.08 -30.97 -5.12
CA SER B 58 -15.82 -30.69 -4.47
C SER B 58 -14.65 -31.14 -5.34
N SER B 59 -13.58 -30.34 -5.37
CA SER B 59 -12.44 -30.64 -6.22
C SER B 59 -11.58 -31.78 -5.67
N THR B 60 -11.81 -32.16 -4.42
CA THR B 60 -11.14 -33.34 -3.86
C THR B 60 -11.63 -34.57 -4.61
N THR B 61 -12.67 -34.36 -5.40
CA THR B 61 -13.36 -35.44 -6.09
C THR B 61 -12.74 -35.78 -7.44
N GLY B 62 -12.11 -34.79 -8.06
CA GLY B 62 -11.48 -34.96 -9.35
C GLY B 62 -11.00 -33.64 -9.90
N ALA B 63 -10.31 -33.68 -11.03
CA ALA B 63 -9.84 -32.44 -11.66
C ALA B 63 -11.03 -31.60 -12.13
N GLN B 64 -10.90 -30.29 -12.02
CA GLN B 64 -12.01 -29.41 -12.37
C GLN B 64 -11.56 -28.18 -13.16
N ILE B 65 -12.38 -27.80 -14.13
CA ILE B 65 -12.26 -26.51 -14.79
C ILE B 65 -13.56 -25.74 -14.58
N THR B 66 -13.44 -24.50 -14.15
CA THR B 66 -14.63 -23.71 -13.83
C THR B 66 -14.67 -22.43 -14.65
N LEU B 67 -15.74 -22.27 -15.42
CA LEU B 67 -15.94 -21.06 -16.20
C LEU B 67 -16.89 -20.12 -15.47
N TYR B 68 -16.44 -18.89 -15.26
CA TYR B 68 -17.26 -17.90 -14.57
C TYR B 68 -18.02 -17.04 -15.57
N GLY B 69 -19.33 -16.91 -15.36
CA GLY B 69 -20.15 -16.07 -16.21
C GLY B 69 -19.78 -14.61 -16.03
N ALA B 70 -20.21 -13.77 -16.97
CA ALA B 70 -19.94 -12.33 -16.89
C ALA B 70 -20.66 -11.68 -15.72
N ASN B 71 -21.72 -12.33 -15.24
CA ASN B 71 -22.50 -11.81 -14.13
C ASN B 71 -21.91 -12.20 -12.78
N ASN B 72 -20.83 -12.96 -12.82
CA ASN B 72 -20.20 -13.47 -11.60
C ASN B 72 -19.32 -12.43 -10.90
N THR B 73 -19.20 -12.54 -9.58
CA THR B 73 -18.34 -11.65 -8.81
C THR B 73 -16.95 -11.60 -9.44
N ASP B 74 -16.36 -12.76 -9.62
CA ASP B 74 -15.11 -12.88 -10.36
C ASP B 74 -15.45 -13.11 -11.83
N SER B 75 -15.61 -12.01 -12.56
CA SER B 75 -16.22 -12.03 -13.89
C SER B 75 -15.31 -12.57 -15.00
N ARG B 76 -15.83 -13.49 -15.80
CA ARG B 76 -15.09 -14.10 -16.91
C ARG B 76 -13.83 -14.81 -16.43
N ARG B 77 -13.82 -15.18 -15.16
CA ARG B 77 -12.69 -15.91 -14.60
C ARG B 77 -12.70 -17.36 -15.05
N ILE B 78 -11.52 -17.94 -15.21
CA ILE B 78 -11.39 -19.38 -15.33
C ILE B 78 -10.43 -19.89 -14.27
N VAL B 79 -10.81 -20.97 -13.60
CA VAL B 79 -9.94 -21.62 -12.64
C VAL B 79 -9.69 -23.05 -13.08
N TYR B 80 -8.42 -23.37 -13.32
CA TYR B 80 -8.03 -24.72 -13.67
C TYR B 80 -7.51 -25.41 -12.43
N ASN B 81 -8.26 -26.40 -11.93
CA ASN B 81 -7.87 -27.07 -10.70
C ASN B 81 -7.59 -28.56 -10.85
N GLY B 82 -6.30 -28.90 -10.85
CA GLY B 82 -5.86 -30.28 -10.91
C GLY B 82 -4.52 -30.43 -10.20
N ASP B 83 -4.11 -31.68 -9.99
CA ASP B 83 -2.82 -31.95 -9.36
C ASP B 83 -1.74 -32.00 -10.43
N GLU B 84 -2.16 -31.92 -11.69
CA GLU B 84 -1.25 -31.84 -12.82
C GLU B 84 -1.91 -31.05 -13.95
N HIS B 85 -1.21 -30.04 -14.46
CA HIS B 85 -1.64 -29.37 -15.68
C HIS B 85 -0.62 -29.68 -16.76
N LEU B 86 -0.93 -30.64 -17.62
CA LEU B 86 -0.02 -31.05 -18.67
C LEU B 86 -0.52 -30.60 -20.04
N PHE B 87 0.23 -29.72 -20.69
CA PHE B 87 -0.14 -29.23 -22.01
C PHE B 87 0.56 -30.00 -23.12
N GLN B 88 -0.22 -30.77 -23.87
CA GLN B 88 0.29 -31.71 -24.85
C GLN B 88 0.12 -31.21 -26.27
N SER B 89 1.13 -31.43 -27.10
CA SER B 89 1.04 -31.25 -28.55
C SER B 89 1.25 -29.83 -29.07
N ALA B 90 1.46 -28.87 -28.17
CA ALA B 90 1.64 -27.49 -28.62
C ALA B 90 2.18 -26.57 -27.53
N ASP B 91 2.93 -25.56 -27.96
CA ASP B 91 3.43 -24.54 -27.05
C ASP B 91 2.28 -23.95 -26.23
N VAL B 92 2.60 -23.47 -25.03
CA VAL B 92 1.65 -22.69 -24.26
C VAL B 92 1.84 -21.23 -24.62
N LYS B 93 0.91 -20.69 -25.40
CA LYS B 93 1.07 -19.36 -25.97
C LYS B 93 0.00 -18.37 -25.50
N PRO B 94 0.33 -17.08 -25.55
CA PRO B 94 -0.69 -16.03 -25.42
C PRO B 94 -1.48 -15.96 -26.72
N TYR B 95 -2.73 -15.53 -26.64
CA TYR B 95 -3.52 -15.35 -27.85
C TYR B 95 -2.87 -14.29 -28.73
N ASN B 96 -2.67 -13.11 -28.14
CA ASN B 96 -2.09 -11.96 -28.84
C ASN B 96 -0.62 -11.77 -28.55
N ASP B 97 0.03 -10.94 -29.35
CA ASP B 97 1.47 -10.72 -29.25
C ASP B 97 1.78 -9.61 -28.26
N ASN B 98 2.52 -9.94 -27.20
CA ASN B 98 3.06 -8.95 -26.29
C ASN B 98 1.99 -8.09 -25.61
N VAL B 99 0.91 -8.71 -25.17
CA VAL B 99 -0.15 -7.98 -24.46
C VAL B 99 -0.42 -8.55 -23.07
N THR B 100 -0.30 -9.86 -22.91
CA THR B 100 -0.52 -10.51 -21.63
C THR B 100 0.74 -11.23 -21.14
N ALA B 101 0.80 -11.51 -19.85
CA ALA B 101 2.04 -12.00 -19.23
C ALA B 101 1.88 -13.33 -18.52
N LEU B 102 3.03 -13.92 -18.17
CA LEU B 102 3.07 -15.09 -17.30
C LEU B 102 3.21 -14.62 -15.87
N GLY B 103 2.29 -15.04 -15.01
CA GLY B 103 2.35 -14.67 -13.60
C GLY B 103 2.00 -13.23 -13.34
N GLY B 104 2.20 -12.79 -12.11
CA GLY B 104 1.92 -11.42 -11.70
C GLY B 104 2.63 -11.08 -10.40
N PRO B 105 2.51 -9.83 -9.95
CA PRO B 105 3.18 -9.38 -8.72
C PRO B 105 2.78 -10.25 -7.54
N SER B 106 1.51 -10.63 -7.49
CA SER B 106 1.00 -11.45 -6.40
C SER B 106 0.56 -12.82 -6.93
N ASN B 107 1.04 -13.16 -8.12
CA ASN B 107 0.82 -14.48 -8.70
C ASN B 107 2.09 -14.96 -9.38
N ARG B 108 3.18 -15.02 -8.62
CA ARG B 108 4.46 -15.46 -9.15
C ARG B 108 4.51 -16.97 -9.27
N PHE B 109 5.10 -17.43 -10.36
CA PHE B 109 5.50 -18.83 -10.44
C PHE B 109 6.82 -18.97 -9.68
N THR B 110 7.00 -20.09 -9.01
CA THR B 110 8.22 -20.31 -8.24
C THR B 110 9.44 -20.20 -9.15
N THR B 111 9.33 -20.80 -10.33
CA THR B 111 10.39 -20.75 -11.32
C THR B 111 9.87 -21.26 -12.66
N ALA B 112 10.73 -21.18 -13.68
CA ALA B 112 10.48 -21.84 -14.94
C ALA B 112 11.62 -22.81 -15.18
N TYR B 113 11.28 -24.05 -15.51
CA TYR B 113 12.29 -25.04 -15.88
C TYR B 113 12.41 -25.07 -17.39
N LEU B 114 13.59 -24.68 -17.89
CA LEU B 114 13.78 -24.52 -19.33
C LEU B 114 14.87 -25.43 -19.89
N GLY B 115 14.69 -25.82 -21.14
CA GLY B 115 15.68 -26.60 -21.86
C GLY B 115 16.74 -25.69 -22.47
N SER B 116 16.38 -24.41 -22.59
CA SER B 116 17.34 -23.42 -23.05
C SER B 116 16.97 -22.03 -22.53
N ASN B 117 17.93 -21.12 -22.57
CA ASN B 117 17.76 -19.77 -22.02
C ASN B 117 16.68 -18.95 -22.73
N PRO B 118 15.88 -18.21 -21.96
CA PRO B 118 14.77 -17.39 -22.49
C PRO B 118 15.18 -16.54 -23.69
N ILE B 119 14.26 -16.41 -24.64
CA ILE B 119 14.46 -15.55 -25.80
C ILE B 119 13.66 -14.28 -25.64
N VAL B 120 14.33 -13.13 -25.68
CA VAL B 120 13.64 -11.85 -25.64
C VAL B 120 13.70 -11.19 -27.01
N THR B 121 12.54 -10.73 -27.48
CA THR B 121 12.45 -10.18 -28.83
C THR B 121 11.36 -9.12 -28.92
N ALA B 122 11.49 -8.22 -29.90
CA ALA B 122 10.53 -7.13 -30.08
C ALA B 122 9.54 -7.45 -31.19
N ASN B 123 9.88 -8.42 -32.02
CA ASN B 123 9.03 -8.81 -33.15
C ASN B 123 8.56 -7.63 -33.99
N GLY B 124 9.48 -6.97 -34.66
CA GLY B 124 9.15 -5.89 -35.56
C GLY B 124 8.92 -4.56 -34.85
N GLU B 125 8.33 -4.61 -33.67
CA GLU B 125 8.14 -3.40 -32.86
C GLU B 125 9.45 -2.63 -32.80
N ARG B 126 9.37 -1.31 -32.88
CA ARG B 126 10.60 -0.53 -32.98
C ARG B 126 10.84 0.37 -31.77
N LYS B 127 12.11 0.52 -31.42
CA LYS B 127 12.53 1.32 -30.27
C LYS B 127 12.98 2.70 -30.72
N THR B 128 13.22 3.59 -29.76
CA THR B 128 13.86 4.86 -30.05
C THR B 128 15.28 4.54 -30.51
N GLU B 129 16.04 5.56 -30.87
CA GLU B 129 17.41 5.33 -31.29
C GLU B 129 18.25 4.87 -30.11
N PRO B 130 18.89 3.70 -30.25
CA PRO B 130 19.75 3.15 -29.20
C PRO B 130 20.66 4.22 -28.60
N VAL B 131 20.90 4.13 -27.29
CA VAL B 131 21.69 5.14 -26.59
C VAL B 131 22.63 4.54 -25.56
N VAL B 132 23.86 5.04 -25.53
CA VAL B 132 24.87 4.58 -24.58
C VAL B 132 24.43 4.86 -23.14
N PHE B 133 24.98 4.09 -22.21
CA PHE B 133 24.74 4.34 -20.79
C PHE B 133 25.45 5.62 -20.38
N ASP B 134 24.68 6.67 -20.12
CA ASP B 134 25.26 7.95 -19.73
C ASP B 134 26.12 7.81 -18.48
N ASP B 135 27.24 8.51 -18.45
CA ASP B 135 28.21 8.39 -17.36
C ASP B 135 27.61 8.60 -15.97
N ALA B 136 26.67 9.53 -15.89
CA ALA B 136 26.02 9.84 -14.61
C ALA B 136 25.34 8.60 -14.02
N PHE B 137 24.72 7.80 -14.90
CA PHE B 137 24.02 6.60 -14.47
C PHE B 137 25.00 5.52 -14.01
N LEU B 138 26.15 5.43 -14.68
CA LEU B 138 27.16 4.44 -14.32
C LEU B 138 27.72 4.70 -12.94
N ASP B 139 28.02 5.96 -12.66
CA ASP B 139 28.53 6.35 -11.34
C ASP B 139 27.63 5.78 -10.26
N ALA B 140 26.32 5.86 -10.50
CA ALA B 140 25.33 5.35 -9.55
C ALA B 140 25.39 3.82 -9.46
N TRP B 141 25.38 3.17 -10.62
CA TRP B 141 25.32 1.71 -10.67
C TRP B 141 26.43 1.04 -9.87
N GLY B 142 27.54 1.75 -9.71
CA GLY B 142 28.68 1.22 -8.96
C GLY B 142 28.31 0.94 -7.51
N ASP B 143 27.29 1.62 -7.01
CA ASP B 143 26.88 1.48 -5.62
C ASP B 143 25.93 0.31 -5.39
N VAL B 144 25.51 -0.33 -6.48
CA VAL B 144 24.65 -1.50 -6.37
C VAL B 144 25.43 -2.65 -5.75
N HIS B 145 24.78 -3.42 -4.88
CA HIS B 145 25.43 -4.51 -4.18
C HIS B 145 24.96 -5.87 -4.68
N TYR B 146 25.90 -6.77 -4.90
CA TYR B 146 25.58 -8.15 -5.24
C TYR B 146 25.79 -9.03 -4.01
N ILE B 147 24.71 -9.64 -3.55
CA ILE B 147 24.71 -10.26 -2.23
C ILE B 147 24.31 -11.73 -2.21
N MET B 148 24.62 -12.39 -1.10
CA MET B 148 24.10 -13.72 -0.81
C MET B 148 23.06 -13.56 0.27
N TYR B 149 22.01 -14.37 0.23
CA TYR B 149 20.97 -14.29 1.26
C TYR B 149 20.23 -15.60 1.44
N GLN B 150 19.26 -15.58 2.34
CA GLN B 150 18.40 -16.73 2.59
C GLN B 150 17.03 -16.20 2.93
N TRP B 151 16.02 -17.08 2.88
CA TRP B 151 14.68 -16.72 3.32
C TRP B 151 14.52 -17.11 4.78
N LEU B 152 14.03 -16.19 5.59
CA LEU B 152 13.78 -16.48 7.00
C LEU B 152 12.96 -17.75 7.14
N ASP B 153 11.93 -17.86 6.30
CA ASP B 153 11.07 -19.06 6.28
C ASP B 153 11.89 -20.33 6.12
N ALA B 154 12.76 -20.35 5.11
CA ALA B 154 13.58 -21.52 4.85
C ALA B 154 14.46 -21.88 6.04
N VAL B 155 15.22 -20.91 6.52
CA VAL B 155 16.11 -21.12 7.66
C VAL B 155 15.35 -21.63 8.88
N GLN B 156 14.11 -21.17 9.04
CA GLN B 156 13.28 -21.60 10.15
C GLN B 156 13.09 -23.12 10.14
N LEU B 157 13.06 -23.69 8.93
CA LEU B 157 12.87 -25.13 8.77
C LEU B 157 14.20 -25.88 8.79
N LYS B 158 15.30 -25.17 8.52
CA LYS B 158 16.64 -25.73 8.69
C LYS B 158 17.61 -24.67 9.24
N ALA B 162 19.20 -25.01 4.43
CA ALA B 162 18.42 -23.98 3.73
C ALA B 162 19.30 -23.24 2.73
N ARG B 163 18.85 -23.22 1.48
CA ARG B 163 19.67 -22.74 0.38
C ARG B 163 20.01 -21.26 0.44
N ILE B 164 21.21 -20.92 -0.01
CA ILE B 164 21.62 -19.53 -0.20
C ILE B 164 21.30 -19.12 -1.63
N HIS B 165 20.82 -17.90 -1.81
CA HIS B 165 20.51 -17.38 -3.14
C HIS B 165 21.39 -16.18 -3.44
N PHE B 166 21.61 -15.91 -4.72
CA PHE B 166 22.37 -14.72 -5.12
C PHE B 166 21.46 -13.70 -5.80
N GLY B 167 21.70 -12.42 -5.56
CA GLY B 167 20.90 -11.38 -6.18
C GLY B 167 21.13 -9.98 -5.64
N VAL B 168 20.23 -9.08 -6.00
CA VAL B 168 20.31 -7.68 -5.56
C VAL B 168 18.99 -7.23 -4.96
N ILE B 169 19.04 -6.73 -3.72
CA ILE B 169 17.86 -6.24 -3.05
C ILE B 169 17.27 -5.03 -3.80
N ALA B 170 16.00 -5.16 -4.18
CA ALA B 170 15.32 -4.09 -4.93
C ALA B 170 15.48 -2.74 -4.26
N GLN B 171 15.27 -2.71 -2.95
CA GLN B 171 15.38 -1.46 -2.18
C GLN B 171 16.81 -0.92 -2.25
N GLN B 172 17.78 -1.82 -2.26
CA GLN B 172 19.18 -1.43 -2.37
C GLN B 172 19.43 -0.63 -3.65
N ILE B 173 18.88 -1.10 -4.76
CA ILE B 173 19.00 -0.38 -6.03
C ILE B 173 18.20 0.91 -5.98
N ARG B 174 17.09 0.88 -5.24
CA ARG B 174 16.22 2.04 -5.12
C ARG B 174 16.86 3.15 -4.29
N ASP B 175 17.41 2.77 -3.13
CA ASP B 175 18.11 3.72 -2.28
C ASP B 175 19.26 4.38 -3.05
N VAL B 176 19.84 3.62 -3.98
CA VAL B 176 20.91 4.14 -4.82
C VAL B 176 20.36 5.09 -5.88
N PHE B 177 19.25 4.71 -6.50
CA PHE B 177 18.60 5.55 -7.50
C PHE B 177 18.23 6.91 -6.92
N ILE B 178 17.96 6.94 -5.62
CA ILE B 178 17.57 8.17 -4.94
C ILE B 178 18.80 9.00 -4.56
N ALA B 179 19.78 8.34 -3.96
CA ALA B 179 21.01 9.01 -3.56
C ALA B 179 21.65 9.74 -4.73
N HIS B 180 21.49 9.21 -5.93
CA HIS B 180 22.10 9.83 -7.11
C HIS B 180 21.11 10.68 -7.90
N GLY B 181 19.95 10.96 -7.31
CA GLY B 181 18.97 11.88 -7.88
C GLY B 181 18.24 11.36 -9.11
N LEU B 182 18.33 10.06 -9.36
CA LEU B 182 17.74 9.49 -10.57
C LEU B 182 16.24 9.26 -10.42
N MET B 183 15.79 9.17 -9.17
CA MET B 183 14.40 8.88 -8.87
C MET B 183 13.92 9.67 -7.65
N ASP B 184 12.76 10.30 -7.77
CA ASP B 184 12.20 11.07 -6.67
C ASP B 184 11.72 10.14 -5.56
N GLU B 185 11.85 10.60 -4.32
CA GLU B 185 11.48 9.80 -3.14
C GLU B 185 10.10 9.19 -3.29
N SER B 187 6.46 4.61 -5.98
CA SER B 187 7.61 5.41 -6.39
C SER B 187 7.29 6.90 -6.52
N THR B 188 6.21 7.25 -7.21
CA THR B 188 5.25 6.29 -7.76
C THR B 188 5.72 5.60 -9.04
N ASN B 189 6.19 6.39 -10.01
CA ASN B 189 6.73 5.83 -11.25
C ASN B 189 8.24 5.69 -11.16
N CYS B 190 8.81 4.90 -12.07
CA CYS B 190 10.25 4.80 -12.18
C CYS B 190 10.69 4.95 -13.63
N ARG B 191 11.78 5.68 -13.84
CA ARG B 191 12.31 5.90 -15.19
C ARG B 191 12.78 4.60 -15.83
N TYR B 192 13.44 3.75 -15.03
CA TYR B 192 14.07 2.55 -15.58
C TYR B 192 13.29 1.28 -15.25
N ALA B 193 13.08 0.47 -16.27
CA ALA B 193 12.29 -0.76 -16.13
C ALA B 193 13.00 -1.83 -15.32
N VAL B 194 14.31 -1.70 -15.14
CA VAL B 194 15.06 -2.67 -14.37
C VAL B 194 14.53 -2.78 -12.94
N LEU B 195 14.04 -1.66 -12.43
CA LEU B 195 13.41 -1.63 -11.12
C LEU B 195 11.91 -1.43 -11.30
N CYS B 196 11.12 -2.44 -10.98
CA CYS B 196 9.68 -2.40 -11.26
C CYS B 196 8.81 -2.48 -10.01
N TYR B 197 8.01 -1.43 -9.79
CA TYR B 197 7.07 -1.39 -8.69
C TYR B 197 5.66 -1.73 -9.18
N ASP B 198 4.92 -2.50 -8.38
CA ASP B 198 3.55 -2.84 -8.71
C ASP B 198 2.65 -2.80 -7.49
N LYS B 199 1.36 -2.54 -7.73
CA LYS B 199 0.36 -2.42 -6.68
C LYS B 199 -0.87 -3.25 -7.05
N TYR B 200 -1.17 -4.25 -6.24
CA TYR B 200 -2.22 -5.22 -6.60
C TYR B 200 -3.40 -5.23 -5.63
N PRO B 201 -4.61 -5.51 -6.17
CA PRO B 201 -5.84 -5.63 -5.38
C PRO B 201 -5.82 -6.92 -4.57
N ARG B 202 -6.87 -7.16 -3.80
CA ARG B 202 -6.99 -8.43 -3.09
C ARG B 202 -7.70 -9.43 -4.00
N MET B 203 -7.37 -10.71 -3.82
CA MET B 203 -7.94 -11.76 -4.66
C MET B 203 -8.91 -12.62 -3.87
N THR B 204 -10.19 -12.53 -4.22
CA THR B 204 -11.21 -13.36 -3.58
C THR B 204 -11.61 -14.47 -4.52
N ASP B 205 -12.19 -15.53 -3.95
CA ASP B 205 -12.76 -16.61 -4.76
C ASP B 205 -13.87 -17.29 -3.99
N THR B 206 -14.89 -17.74 -4.72
CA THR B 206 -15.97 -18.52 -4.12
C THR B 206 -15.67 -19.99 -4.32
N VAL B 207 -15.43 -20.70 -3.22
CA VAL B 207 -14.95 -22.08 -3.27
C VAL B 207 -15.82 -23.00 -2.41
N PHE B 208 -15.80 -24.29 -2.74
CA PHE B 208 -16.55 -25.29 -1.98
C PHE B 208 -16.04 -25.39 -0.54
N SER B 209 -16.98 -25.45 0.40
CA SER B 209 -16.65 -25.55 1.81
C SER B 209 -16.99 -26.93 2.35
N HIS B 210 -18.24 -27.33 2.17
CA HIS B 210 -18.75 -28.59 2.68
C HIS B 210 -20.19 -28.70 2.23
N ASN B 211 -20.77 -29.90 2.30
CA ASN B 211 -22.20 -30.02 2.06
C ASN B 211 -23.00 -30.19 3.35
N GLU B 212 -23.93 -29.27 3.55
CA GLU B 212 -24.79 -29.26 4.73
C GLU B 212 -25.94 -30.23 4.56
N ILE B 213 -26.63 -30.51 5.65
CA ILE B 213 -27.90 -31.19 5.57
C ILE B 213 -29.01 -30.15 5.69
N VAL B 214 -29.98 -30.21 4.77
CA VAL B 214 -31.11 -29.31 4.83
C VAL B 214 -32.39 -30.11 5.10
N GLU B 215 -33.09 -29.74 6.18
CA GLU B 215 -34.36 -30.37 6.52
C GLU B 215 -35.52 -29.74 5.74
N HIS B 216 -36.43 -30.59 5.26
CA HIS B 216 -37.62 -30.16 4.54
C HIS B 216 -38.83 -30.76 5.25
N THR B 217 -39.78 -29.93 5.67
CA THR B 217 -41.00 -30.38 6.34
C THR B 217 -42.21 -29.93 5.55
N ASP B 218 -43.15 -30.82 5.28
CA ASP B 218 -44.36 -30.43 4.52
C ASP B 218 -45.41 -29.86 5.49
N GLU B 219 -46.53 -29.36 4.96
CA GLU B 219 -47.56 -28.80 5.83
C GLU B 219 -48.13 -29.88 6.74
N GLU B 220 -48.17 -31.13 6.27
CA GLU B 220 -48.61 -32.25 7.11
C GLU B 220 -47.65 -32.39 8.28
N GLY B 221 -46.37 -32.14 8.04
CA GLY B 221 -45.41 -31.97 9.12
C GLY B 221 -44.22 -32.91 9.16
N ASN B 222 -44.20 -33.91 8.28
CA ASN B 222 -43.10 -34.86 8.23
C ASN B 222 -41.82 -34.20 7.73
N VAL B 223 -40.68 -34.61 8.29
CA VAL B 223 -39.40 -33.99 8.00
C VAL B 223 -38.47 -34.94 7.23
N THR B 224 -38.00 -34.47 6.07
CA THR B 224 -37.06 -35.23 5.25
C THR B 224 -35.83 -34.35 5.03
N THR B 225 -34.70 -34.96 4.68
CA THR B 225 -33.46 -34.21 4.48
C THR B 225 -32.82 -34.48 3.11
N THR B 226 -32.04 -33.50 2.64
CA THR B 226 -31.26 -33.66 1.41
C THR B 226 -29.90 -33.01 1.62
N GLU B 227 -28.96 -33.27 0.71
CA GLU B 227 -27.63 -32.68 0.83
C GLU B 227 -27.38 -31.60 -0.21
N GLU B 228 -27.08 -30.40 0.27
CA GLU B 228 -26.75 -29.28 -0.60
C GLU B 228 -25.34 -28.79 -0.26
N PRO B 229 -24.53 -28.54 -1.30
CA PRO B 229 -23.16 -28.05 -1.11
C PRO B 229 -23.14 -26.59 -0.67
N VAL B 230 -22.16 -26.21 0.13
CA VAL B 230 -22.02 -24.84 0.59
C VAL B 230 -20.75 -24.21 0.02
N TYR B 231 -20.91 -23.09 -0.67
CA TYR B 231 -19.77 -22.33 -1.16
C TYR B 231 -19.60 -21.04 -0.38
N THR B 232 -18.35 -20.73 -0.05
CA THR B 232 -18.03 -19.54 0.72
C THR B 232 -17.10 -18.63 -0.07
N GLU B 233 -17.23 -17.33 0.10
CA GLU B 233 -16.25 -16.40 -0.46
C GLU B 233 -15.02 -16.38 0.45
N VAL B 234 -13.87 -16.64 -0.15
CA VAL B 234 -12.62 -16.74 0.60
C VAL B 234 -11.57 -15.82 0.02
N VAL B 235 -10.81 -15.17 0.91
CA VAL B 235 -9.70 -14.33 0.47
C VAL B 235 -8.48 -15.18 0.15
N ILE B 236 -7.89 -14.96 -1.02
CA ILE B 236 -6.72 -15.70 -1.45
C ILE B 236 -5.45 -14.95 -1.06
N HIS B 237 -5.43 -13.65 -1.35
CA HIS B 237 -4.39 -12.77 -0.83
C HIS B 237 -4.93 -11.35 -0.76
N GLU B 238 -4.41 -10.55 0.16
CA GLU B 238 -4.93 -9.21 0.40
C GLU B 238 -4.34 -8.19 -0.56
N GLU B 239 -4.85 -6.97 -0.50
CA GLU B 239 -4.25 -5.84 -1.19
C GLU B 239 -2.76 -5.82 -0.88
N GLY B 240 -1.97 -5.18 -1.74
CA GLY B 240 -0.55 -5.09 -1.48
C GLY B 240 0.25 -4.43 -2.58
N GLU B 241 1.51 -4.13 -2.28
CA GLU B 241 2.44 -3.58 -3.25
C GLU B 241 3.75 -4.33 -3.18
N GLU B 242 4.58 -4.15 -4.19
CA GLU B 242 5.85 -4.87 -4.26
C GLU B 242 6.85 -4.19 -5.17
N TRP B 243 8.12 -4.23 -4.77
CA TRP B 243 9.22 -3.80 -5.62
C TRP B 243 9.92 -5.04 -6.18
N GLY B 244 10.26 -4.99 -7.47
CA GLY B 244 10.95 -6.10 -8.08
C GLY B 244 12.02 -5.58 -9.03
N VAL B 245 12.90 -6.47 -9.47
CA VAL B 245 13.96 -6.09 -10.40
C VAL B 245 13.97 -7.03 -11.59
N ARG B 246 14.68 -6.63 -12.64
CA ARG B 246 14.90 -7.49 -13.80
C ARG B 246 16.36 -7.87 -13.88
N PRO B 247 16.70 -9.07 -13.38
CA PRO B 247 18.09 -9.54 -13.36
C PRO B 247 18.81 -9.28 -14.67
N ASP B 248 18.16 -9.62 -15.79
CA ASP B 248 18.76 -9.40 -17.10
C ASP B 248 19.09 -7.92 -17.33
N GLY B 249 18.18 -7.04 -16.91
CA GLY B 249 18.43 -5.61 -16.98
C GLY B 249 19.63 -5.22 -16.12
N ILE B 250 19.67 -5.79 -14.92
CA ILE B 250 20.78 -5.56 -14.00
C ILE B 250 22.10 -5.95 -14.65
N PHE B 251 22.09 -7.04 -15.41
CA PHE B 251 23.31 -7.57 -16.02
C PHE B 251 23.70 -6.79 -17.27
N PHE B 252 22.72 -6.18 -17.95
CA PHE B 252 23.02 -5.30 -19.06
C PHE B 252 23.71 -4.05 -18.54
N ALA B 253 23.20 -3.51 -17.44
CA ALA B 253 23.78 -2.31 -16.82
C ALA B 253 25.16 -2.60 -16.24
N GLU B 254 25.33 -3.77 -15.64
CA GLU B 254 26.62 -4.16 -15.11
C GLU B 254 27.63 -4.26 -16.25
N ALA B 255 27.20 -4.81 -17.37
CA ALA B 255 28.02 -4.93 -18.56
C ALA B 255 28.52 -3.55 -18.99
N ALA B 256 27.57 -2.64 -19.23
CA ALA B 256 27.92 -1.27 -19.59
C ALA B 256 28.86 -0.68 -18.55
N TYR B 257 28.54 -0.91 -17.27
CA TYR B 257 29.33 -0.40 -16.17
C TYR B 257 30.79 -0.85 -16.29
N GLN B 258 31.00 -2.16 -16.21
CA GLN B 258 32.35 -2.70 -16.21
C GLN B 258 33.14 -2.38 -17.48
N ARG B 259 32.45 -2.33 -18.62
CA ARG B 259 33.11 -2.00 -19.87
C ARG B 259 33.75 -0.61 -19.81
N ARG B 260 33.10 0.31 -19.10
CA ARG B 260 33.67 1.64 -18.91
C ARG B 260 34.85 1.56 -17.95
N LYS B 261 34.69 0.81 -16.87
CA LYS B 261 35.77 0.63 -15.91
C LYS B 261 36.97 -0.03 -16.60
N LEU B 262 36.70 -0.76 -17.67
CA LEU B 262 37.76 -1.38 -18.47
C LEU B 262 38.36 -0.39 -19.47
N GLU B 263 37.51 0.45 -20.05
CA GLU B 263 37.98 1.49 -20.95
C GLU B 263 38.97 2.40 -20.24
N ARG B 264 38.58 2.84 -19.05
CA ARG B 264 39.38 3.81 -18.29
C ARG B 264 40.64 3.18 -17.68
N ILE B 265 40.56 1.90 -17.33
CA ILE B 265 41.71 1.21 -16.76
C ILE B 265 42.79 0.94 -17.81
N GLU B 266 42.37 0.75 -19.05
CA GLU B 266 43.30 0.49 -20.14
C GLU B 266 43.92 1.77 -20.68
N ALA B 267 43.40 2.91 -20.22
CA ALA B 267 44.00 4.20 -20.53
C ALA B 267 45.11 4.49 -19.54
N ARG B 268 44.86 4.13 -18.27
CA ARG B 268 45.84 4.33 -17.22
C ARG B 268 46.95 3.29 -17.27
N LEU B 269 46.72 2.20 -18.00
CA LEU B 269 47.74 1.19 -18.22
C LEU B 269 48.66 1.58 -19.37
N SER B 270 48.14 2.37 -20.30
CA SER B 270 48.91 2.76 -21.48
C SER B 270 49.80 3.96 -21.22
N ALA B 271 49.21 5.05 -20.74
CA ALA B 271 49.95 6.28 -20.48
C ALA B 271 51.11 6.03 -19.53
N LEU B 272 51.03 4.92 -18.80
CA LEU B 272 52.03 4.57 -17.81
C LEU B 272 53.01 3.50 -18.30
N GLU B 273 52.56 2.69 -19.27
CA GLU B 273 53.45 1.73 -19.92
C GLU B 273 54.53 2.48 -20.67
N GLN B 274 54.17 3.65 -21.21
CA GLN B 274 55.09 4.46 -22.00
C GLN B 274 55.27 5.84 -21.39
N VAL C 12 26.33 38.88 27.12
CA VAL C 12 26.89 39.61 26.02
C VAL C 12 25.78 40.21 25.18
N THR C 13 26.11 41.20 24.36
CA THR C 13 25.15 41.68 23.37
C THR C 13 25.66 41.40 21.96
N ILE C 14 24.83 40.75 21.16
CA ILE C 14 25.11 40.55 19.75
C ILE C 14 24.62 41.80 19.03
N ARG C 15 25.55 42.55 18.46
CA ARG C 15 25.18 43.72 17.68
C ARG C 15 25.14 43.37 16.20
N ALA C 16 24.43 44.16 15.41
CA ALA C 16 24.25 43.88 13.98
C ALA C 16 25.54 43.41 13.31
N ASN C 21 23.29 46.89 10.92
CA ASN C 21 22.25 47.91 10.91
C ASN C 21 20.90 47.37 11.36
N ILE C 22 20.45 46.30 10.71
CA ILE C 22 19.08 45.83 10.88
C ILE C 22 18.96 44.47 11.58
N ARG C 23 20.03 43.68 11.56
CA ARG C 23 19.98 42.36 12.16
C ARG C 23 21.29 41.92 12.79
N SER C 24 21.19 41.41 14.02
CA SER C 24 22.31 40.75 14.68
C SER C 24 22.21 39.25 14.41
N GLU C 25 23.36 38.58 14.27
CA GLU C 25 23.35 37.17 13.92
C GLU C 25 24.34 36.33 14.72
N VAL C 26 23.88 35.17 15.17
CA VAL C 26 24.76 34.15 15.70
C VAL C 26 24.67 32.93 14.79
N LEU C 27 25.79 32.55 14.19
CA LEU C 27 25.83 31.37 13.33
C LEU C 27 26.56 30.23 14.03
N MET C 28 25.92 29.07 14.07
CA MET C 28 26.54 27.88 14.67
C MET C 28 27.11 26.98 13.59
N GLU C 29 28.34 26.53 13.79
CA GLU C 29 29.01 25.69 12.81
C GLU C 29 28.99 24.23 13.23
N GLY C 30 29.67 23.39 12.46
CA GLY C 30 29.70 21.96 12.70
C GLY C 30 28.54 21.27 12.04
N GLU C 31 28.30 20.00 12.38
CA GLU C 31 27.13 19.29 11.88
C GLU C 31 25.87 19.83 12.53
N TYR C 32 25.94 20.04 13.84
CA TYR C 32 24.82 20.63 14.58
C TYR C 32 25.31 21.60 15.64
N GLY C 33 24.41 22.46 16.10
CA GLY C 33 24.72 23.38 17.17
C GLY C 33 23.92 23.03 18.41
N PHE C 34 24.47 23.35 19.58
CA PHE C 34 23.79 23.08 20.84
C PHE C 34 23.75 24.33 21.68
N ILE C 35 22.55 24.69 22.14
CA ILE C 35 22.38 25.80 23.06
C ILE C 35 21.67 25.28 24.30
N GLY C 36 22.39 25.21 25.41
CA GLY C 36 21.88 24.57 26.61
C GLY C 36 22.14 25.30 27.91
N LYS C 37 21.64 24.71 28.99
CA LYS C 37 21.70 25.31 30.31
C LYS C 37 22.49 24.44 31.28
N SER C 38 23.59 24.99 31.82
CA SER C 38 24.40 24.25 32.78
C SER C 38 23.61 23.99 34.06
N ILE C 39 24.06 22.98 34.82
CA ILE C 39 23.46 22.69 36.11
C ILE C 39 23.80 23.78 37.10
N PRO C 40 22.77 24.47 37.62
CA PRO C 40 22.97 25.59 38.55
C PRO C 40 23.65 25.14 39.85
N THR C 41 24.63 25.91 40.30
CA THR C 41 25.36 25.58 41.51
C THR C 41 24.53 25.79 42.77
N ASP C 42 23.74 26.87 42.80
CA ASP C 42 23.06 27.28 44.03
C ASP C 42 21.58 26.88 44.11
N ASN C 43 20.83 27.10 43.04
CA ASN C 43 19.41 26.77 43.02
C ASN C 43 19.03 25.93 41.80
N PRO C 44 19.61 24.73 41.68
CA PRO C 44 19.44 23.83 40.53
C PRO C 44 17.99 23.63 40.10
N ALA C 45 17.06 23.67 41.05
CA ALA C 45 15.65 23.41 40.75
C ALA C 45 15.03 24.48 39.86
N GLY C 46 15.78 25.54 39.57
CA GLY C 46 15.28 26.60 38.71
C GLY C 46 15.91 26.53 37.33
N GLN C 47 16.57 25.42 37.03
CA GLN C 47 17.27 25.26 35.76
C GLN C 47 16.35 25.41 34.54
N ARG C 48 16.70 26.33 33.66
CA ARG C 48 15.90 26.59 32.47
C ARG C 48 16.53 27.66 31.59
N ILE C 49 16.15 27.69 30.32
CA ILE C 49 16.46 28.81 29.45
C ILE C 49 15.18 29.51 29.02
N ILE C 50 15.19 30.84 29.06
CA ILE C 50 14.08 31.64 28.58
C ILE C 50 14.44 32.30 27.27
N PHE C 51 13.74 31.93 26.20
CA PHE C 51 13.90 32.62 24.92
C PHE C 51 12.77 33.63 24.77
N CYS C 52 13.10 34.84 24.36
CA CYS C 52 12.13 35.92 24.35
C CYS C 52 12.33 36.89 23.19
N GLY C 53 11.23 37.32 22.58
CA GLY C 53 11.27 38.26 21.48
C GLY C 53 11.47 39.70 21.93
N GLY C 54 11.59 39.89 23.24
CA GLY C 54 11.71 41.22 23.82
C GLY C 54 12.93 41.47 24.68
N GLU C 55 12.95 42.65 25.30
CA GLU C 55 14.10 43.12 26.06
C GLU C 55 14.26 42.45 27.42
N GLY C 56 13.16 41.98 27.99
CA GLY C 56 13.18 41.60 29.40
C GLY C 56 12.74 40.19 29.76
N THR C 57 12.97 39.83 31.01
CA THR C 57 12.63 38.50 31.50
C THR C 57 11.12 38.32 31.69
N SER C 58 10.39 39.43 31.69
CA SER C 58 8.94 39.40 31.78
C SER C 58 8.32 39.15 30.41
N SER C 59 7.32 38.29 30.36
CA SER C 59 6.67 37.93 29.11
C SER C 59 5.89 39.12 28.53
N THR C 60 5.75 40.18 29.33
CA THR C 60 5.07 41.38 28.88
C THR C 60 5.88 42.12 27.82
N THR C 61 7.12 41.68 27.63
CA THR C 61 8.06 42.36 26.74
C THR C 61 8.08 41.74 25.34
N GLY C 62 7.62 40.50 25.25
CA GLY C 62 7.60 39.79 23.99
C GLY C 62 7.27 38.34 24.22
N ALA C 63 6.95 37.62 23.15
CA ALA C 63 6.64 36.20 23.26
C ALA C 63 7.83 35.45 23.84
N GLN C 64 7.55 34.37 24.57
CA GLN C 64 8.62 33.60 25.20
C GLN C 64 8.42 32.11 25.01
N ILE C 65 9.54 31.41 24.92
CA ILE C 65 9.56 29.95 25.02
C ILE C 65 10.57 29.58 26.09
N THR C 66 10.16 28.76 27.04
CA THR C 66 11.03 28.38 28.13
C THR C 66 11.20 26.87 28.18
N LEU C 67 12.44 26.43 28.15
CA LEU C 67 12.76 25.02 28.31
C LEU C 67 13.28 24.79 29.72
N TYR C 68 12.64 23.87 30.43
CA TYR C 68 13.00 23.58 31.81
C TYR C 68 14.00 22.42 31.86
N GLY C 69 15.01 22.56 32.71
CA GLY C 69 15.99 21.50 32.87
C GLY C 69 15.42 20.30 33.59
N ALA C 70 16.12 19.17 33.53
CA ALA C 70 15.67 17.95 34.20
C ALA C 70 15.74 18.10 35.72
N ASN C 71 16.61 18.99 36.18
CA ASN C 71 16.76 19.25 37.61
C ASN C 71 15.72 20.23 38.12
N ASN C 72 14.89 20.73 37.21
CA ASN C 72 13.90 21.75 37.56
C ASN C 72 12.68 21.18 38.28
N THR C 73 12.11 21.97 39.18
CA THR C 73 10.90 21.60 39.89
C THR C 73 9.90 20.96 38.93
N ASP C 74 9.59 21.69 37.86
CA ASP C 74 8.73 21.18 36.80
C ASP C 74 9.62 20.59 35.70
N SER C 75 10.06 19.34 35.91
CA SER C 75 11.10 18.73 35.10
C SER C 75 10.75 18.55 33.63
N ARG C 76 11.62 19.05 32.75
CA ARG C 76 11.45 18.92 31.31
C ARG C 76 10.18 19.57 30.79
N ARG C 77 9.73 20.62 31.47
CA ARG C 77 8.55 21.34 31.04
C ARG C 77 8.92 22.30 29.92
N ILE C 78 8.02 22.46 28.95
CA ILE C 78 8.13 23.56 28.00
C ILE C 78 6.91 24.46 28.12
N VAL C 79 7.15 25.77 28.18
CA VAL C 79 6.06 26.73 28.23
C VAL C 79 6.15 27.69 27.05
N TYR C 80 5.21 27.56 26.14
CA TYR C 80 5.12 28.47 24.99
C TYR C 80 4.19 29.61 25.34
N ASN C 81 4.70 30.83 25.36
CA ASN C 81 3.89 31.99 25.76
C ASN C 81 3.86 33.16 24.78
N GLY C 82 2.75 33.26 24.05
CA GLY C 82 2.53 34.38 23.15
C GLY C 82 1.05 34.68 22.99
N ASP C 83 0.75 35.81 22.35
CA ASP C 83 -0.63 36.19 22.11
C ASP C 83 -1.19 35.49 20.88
N GLU C 84 -0.29 34.91 20.09
CA GLU C 84 -0.69 34.03 19.00
C GLU C 84 0.30 32.88 18.92
N HIS C 85 -0.21 31.67 18.74
CA HIS C 85 0.63 30.51 18.46
C HIS C 85 0.26 29.99 17.08
N LEU C 86 1.00 30.42 16.06
CA LEU C 86 0.66 30.09 14.68
C LEU C 86 1.60 29.03 14.11
N PHE C 87 1.07 27.85 13.84
CA PHE C 87 1.87 26.76 13.29
C PHE C 87 1.78 26.72 11.76
N GLN C 88 2.86 27.12 11.12
CA GLN C 88 2.89 27.28 9.67
C GLN C 88 3.54 26.10 8.97
N SER C 89 2.99 25.74 7.82
CA SER C 89 3.64 24.81 6.87
C SER C 89 3.52 23.33 7.16
N ALA C 90 2.84 22.96 8.25
CA ALA C 90 2.72 21.54 8.60
C ALA C 90 1.66 21.24 9.66
N ASP C 91 1.16 20.01 9.63
CA ASP C 91 0.22 19.54 10.63
C ASP C 91 0.82 19.67 12.02
N VAL C 92 -0.03 19.84 13.02
CA VAL C 92 0.41 19.77 14.40
C VAL C 92 0.18 18.35 14.90
N LYS C 93 1.26 17.59 15.04
CA LYS C 93 1.15 16.17 15.34
C LYS C 93 1.89 15.79 16.62
N PRO C 94 1.53 14.62 17.18
CA PRO C 94 2.34 14.00 18.23
C PRO C 94 3.54 13.35 17.56
N TYR C 95 4.57 13.04 18.34
CA TYR C 95 5.76 12.40 17.81
C TYR C 95 5.48 10.93 17.52
N ASN C 96 4.84 10.26 18.46
CA ASN C 96 4.50 8.85 18.34
C ASN C 96 3.03 8.64 17.97
N ASP C 97 2.61 7.38 17.89
CA ASP C 97 1.24 7.08 17.48
C ASP C 97 0.37 6.62 18.65
N ASN C 98 -0.72 7.34 18.87
CA ASN C 98 -1.72 6.96 19.86
C ASN C 98 -1.15 6.75 21.26
N VAL C 99 -0.32 7.68 21.70
CA VAL C 99 0.26 7.62 23.05
C VAL C 99 0.12 8.93 23.83
N THR C 100 0.10 10.05 23.12
CA THR C 100 -0.12 11.35 23.75
C THR C 100 -1.40 12.00 23.23
N ALA C 101 -1.89 13.03 23.93
CA ALA C 101 -3.21 13.57 23.63
C ALA C 101 -3.26 15.09 23.54
N LEU C 102 -4.38 15.59 23.00
CA LEU C 102 -4.66 17.01 23.00
C LEU C 102 -5.39 17.41 24.28
N GLY C 103 -4.81 18.36 25.02
CA GLY C 103 -5.41 18.80 26.26
C GLY C 103 -5.39 17.75 27.34
N GLY C 104 -6.14 18.01 28.41
CA GLY C 104 -6.23 17.09 29.53
C GLY C 104 -7.35 17.47 30.48
N PRO C 105 -7.60 16.61 31.49
CA PRO C 105 -8.67 16.80 32.47
C PRO C 105 -8.73 18.23 32.99
N SER C 106 -7.62 18.74 33.53
CA SER C 106 -7.58 20.10 34.06
C SER C 106 -6.82 21.01 33.09
N ASN C 107 -6.71 20.57 31.85
CA ASN C 107 -6.08 21.36 30.79
C ASN C 107 -6.90 21.24 29.50
N ARG C 108 -8.16 21.66 29.58
CA ARG C 108 -9.07 21.53 28.47
C ARG C 108 -8.94 22.67 27.47
N PHE C 109 -8.97 22.33 26.19
CA PHE C 109 -9.15 23.34 25.15
C PHE C 109 -10.63 23.67 25.08
N THR C 110 -10.95 24.93 24.79
CA THR C 110 -12.34 25.34 24.73
C THR C 110 -13.10 24.58 23.64
N THR C 111 -12.49 24.50 22.46
CA THR C 111 -13.02 23.69 21.37
C THR C 111 -11.96 23.44 20.31
N ALA C 112 -12.39 22.83 19.22
CA ALA C 112 -11.58 22.70 18.03
C ALA C 112 -12.37 23.27 16.85
N TYR C 113 -11.84 24.32 16.24
CA TYR C 113 -12.41 24.84 15.01
C TYR C 113 -11.88 24.02 13.84
N LEU C 114 -12.72 23.18 13.28
CA LEU C 114 -12.31 22.27 12.22
C LEU C 114 -13.03 22.55 10.90
N GLY C 115 -12.39 22.20 9.80
CA GLY C 115 -12.97 22.36 8.48
C GLY C 115 -13.79 21.16 8.09
N SER C 116 -13.48 20.02 8.70
CA SER C 116 -14.26 18.80 8.52
C SER C 116 -14.28 17.99 9.82
N ASN C 117 -15.15 16.98 9.88
CA ASN C 117 -15.32 16.21 11.11
C ASN C 117 -14.15 15.28 11.40
N PRO C 118 -13.81 15.12 12.68
CA PRO C 118 -12.66 14.32 13.12
C PRO C 118 -12.70 12.88 12.61
N ILE C 119 -11.51 12.31 12.41
CA ILE C 119 -11.38 10.92 12.02
C ILE C 119 -10.84 10.11 13.19
N VAL C 120 -11.46 8.96 13.45
CA VAL C 120 -11.01 8.09 14.53
C VAL C 120 -10.61 6.71 13.99
N THR C 121 -9.30 6.51 13.83
CA THR C 121 -8.78 5.28 13.25
C THR C 121 -8.10 4.41 14.31
N ALA C 122 -7.89 3.14 13.97
CA ALA C 122 -7.19 2.21 14.85
C ALA C 122 -5.76 2.01 14.37
N ASN C 123 -5.52 2.33 13.10
CA ASN C 123 -4.22 2.13 12.47
C ASN C 123 -3.66 0.73 12.69
N GLY C 124 -4.41 -0.28 12.28
CA GLY C 124 -3.94 -1.65 12.34
C GLY C 124 -3.94 -2.26 13.73
N GLU C 125 -4.10 -1.42 14.76
CA GLU C 125 -4.15 -1.93 16.12
C GLU C 125 -5.29 -2.94 16.28
N ARG C 126 -5.01 -4.02 17.00
CA ARG C 126 -5.93 -5.14 17.09
C ARG C 126 -7.06 -4.94 18.09
N LYS C 127 -8.29 -5.09 17.63
CA LYS C 127 -9.45 -5.07 18.49
C LYS C 127 -9.87 -6.50 18.83
N THR C 128 -10.65 -6.65 19.90
CA THR C 128 -11.27 -7.94 20.20
C THR C 128 -12.38 -8.17 19.19
N GLU C 129 -13.02 -9.32 19.27
CA GLU C 129 -14.12 -9.64 18.36
C GLU C 129 -15.37 -8.82 18.71
N PRO C 130 -15.82 -7.98 17.78
CA PRO C 130 -16.99 -7.11 17.98
C PRO C 130 -18.16 -7.85 18.63
N VAL C 131 -18.83 -7.19 19.56
CA VAL C 131 -19.95 -7.79 20.26
C VAL C 131 -21.16 -6.86 20.25
N VAL C 132 -22.24 -7.30 19.61
CA VAL C 132 -23.47 -6.55 19.60
C VAL C 132 -23.80 -6.06 21.00
N PHE C 133 -24.35 -4.85 21.09
CA PHE C 133 -24.74 -4.29 22.38
C PHE C 133 -25.62 -5.28 23.12
N ASP C 134 -25.13 -5.81 24.23
CA ASP C 134 -25.93 -6.74 25.02
C ASP C 134 -27.25 -6.07 25.35
N ASP C 135 -28.31 -6.86 25.46
CA ASP C 135 -29.64 -6.31 25.73
C ASP C 135 -29.66 -5.48 27.01
N ALA C 136 -29.23 -6.08 28.11
CA ALA C 136 -29.23 -5.44 29.42
C ALA C 136 -28.73 -3.99 29.39
N PHE C 137 -27.64 -3.75 28.67
CA PHE C 137 -27.04 -2.42 28.59
C PHE C 137 -27.97 -1.43 27.92
N LEU C 138 -28.77 -1.89 26.95
CA LEU C 138 -29.70 -1.02 26.25
C LEU C 138 -30.91 -0.65 27.10
N ASP C 139 -31.33 -1.57 27.97
CA ASP C 139 -32.41 -1.28 28.91
C ASP C 139 -32.00 -0.08 29.75
N ALA C 140 -30.78 -0.14 30.28
CA ALA C 140 -30.24 0.93 31.11
C ALA C 140 -30.10 2.22 30.31
N TRP C 141 -29.59 2.10 29.09
CA TRP C 141 -29.34 3.27 28.26
C TRP C 141 -30.63 4.04 27.95
N GLY C 142 -31.77 3.39 28.16
CA GLY C 142 -33.05 4.02 27.97
C GLY C 142 -33.31 5.08 29.02
N ASP C 143 -32.65 4.93 30.17
CA ASP C 143 -32.83 5.85 31.28
C ASP C 143 -31.89 7.05 31.20
N VAL C 144 -31.05 7.08 30.16
CA VAL C 144 -30.18 8.21 29.92
C VAL C 144 -31.01 9.39 29.43
N HIS C 145 -30.66 10.59 29.86
CA HIS C 145 -31.42 11.78 29.49
C HIS C 145 -30.59 12.77 28.68
N TYR C 146 -31.25 13.43 27.72
CA TYR C 146 -30.63 14.49 26.94
C TYR C 146 -31.24 15.81 27.35
N ILE C 147 -30.38 16.72 27.78
CA ILE C 147 -30.83 17.96 28.39
C ILE C 147 -30.35 19.18 27.65
N MET C 148 -30.84 20.34 28.08
CA MET C 148 -30.28 21.62 27.70
C MET C 148 -29.77 22.24 28.98
N TYR C 149 -28.81 23.15 28.88
CA TYR C 149 -28.31 23.83 30.07
C TYR C 149 -27.64 25.15 29.73
N GLN C 150 -27.31 25.90 30.77
CA GLN C 150 -26.58 27.15 30.64
C GLN C 150 -25.49 27.14 31.70
N TRP C 151 -24.55 28.07 31.61
CA TRP C 151 -23.50 28.19 32.62
C TRP C 151 -23.92 29.23 33.66
N LEU C 152 -23.85 28.86 34.93
CA LEU C 152 -24.27 29.74 36.02
C LEU C 152 -23.67 31.15 35.89
N ASP C 153 -22.37 31.21 35.66
CA ASP C 153 -21.70 32.50 35.51
C ASP C 153 -22.20 33.26 34.28
N ALA C 154 -22.57 32.52 33.24
CA ALA C 154 -23.19 33.11 32.07
C ALA C 154 -24.55 33.69 32.45
N VAL C 155 -25.33 32.90 33.18
CA VAL C 155 -26.63 33.34 33.68
C VAL C 155 -26.47 34.57 34.56
N GLN C 156 -25.49 34.53 35.45
CA GLN C 156 -25.20 35.67 36.31
C GLN C 156 -25.15 36.97 35.51
N LEU C 157 -24.55 36.90 34.32
CA LEU C 157 -24.37 38.06 33.48
C LEU C 157 -25.58 38.37 32.59
N LYS C 158 -26.06 37.34 31.87
CA LYS C 158 -27.11 37.54 30.88
C LYS C 158 -28.45 36.91 31.26
N GLY C 159 -28.44 36.06 32.29
CA GLY C 159 -29.65 35.39 32.73
C GLY C 159 -30.29 34.55 31.64
N ASN C 160 -31.56 34.84 31.35
CA ASN C 160 -32.32 34.10 30.36
C ASN C 160 -31.64 34.08 28.99
N ASP C 161 -30.86 35.11 28.70
CA ASP C 161 -30.24 35.27 27.39
C ASP C 161 -28.84 34.66 27.29
N ALA C 162 -28.43 33.94 28.34
CA ALA C 162 -27.18 33.20 28.30
C ALA C 162 -27.33 32.08 27.28
N ARG C 163 -26.22 31.68 26.68
CA ARG C 163 -26.26 30.65 25.65
C ARG C 163 -26.70 29.31 26.23
N ILE C 164 -27.54 28.60 25.50
CA ILE C 164 -27.96 27.26 25.89
C ILE C 164 -27.11 26.22 25.16
N HIS C 165 -26.66 25.21 25.89
CA HIS C 165 -25.89 24.12 25.29
C HIS C 165 -26.66 22.82 25.41
N PHE C 166 -26.31 21.86 24.55
CA PHE C 166 -26.92 20.54 24.62
C PHE C 166 -25.92 19.51 25.16
N GLY C 167 -26.45 18.36 25.56
CA GLY C 167 -25.60 17.27 26.04
C GLY C 167 -26.26 16.43 27.11
N VAL C 168 -25.46 15.58 27.73
CA VAL C 168 -25.93 14.76 28.86
C VAL C 168 -25.01 14.99 30.05
N ILE C 169 -25.51 14.70 31.25
CA ILE C 169 -24.71 14.85 32.46
C ILE C 169 -24.03 13.53 32.83
N ALA C 170 -22.73 13.59 33.04
CA ALA C 170 -21.95 12.41 33.39
C ALA C 170 -22.48 11.75 34.66
N GLN C 171 -22.86 12.58 35.63
CA GLN C 171 -23.33 12.06 36.91
C GLN C 171 -24.57 11.19 36.76
N GLN C 172 -25.51 11.63 35.94
CA GLN C 172 -26.77 10.91 35.79
C GLN C 172 -26.62 9.70 34.88
N ILE C 173 -25.55 9.66 34.08
CA ILE C 173 -25.22 8.47 33.31
C ILE C 173 -24.54 7.48 34.25
N ARG C 174 -23.88 8.01 35.26
CA ARG C 174 -23.25 7.20 36.29
C ARG C 174 -24.33 6.57 37.17
N ASP C 175 -25.31 7.39 37.55
CA ASP C 175 -26.46 6.90 38.32
C ASP C 175 -27.12 5.73 37.60
N VAL C 176 -27.36 5.90 36.30
CA VAL C 176 -27.98 4.86 35.50
C VAL C 176 -27.10 3.62 35.45
N PHE C 177 -25.81 3.81 35.22
CA PHE C 177 -24.86 2.72 35.20
C PHE C 177 -24.78 2.05 36.57
N ILE C 178 -25.00 2.83 37.62
CA ILE C 178 -24.98 2.33 38.99
C ILE C 178 -26.27 1.57 39.34
N ALA C 179 -27.38 2.04 38.80
CA ALA C 179 -28.68 1.44 39.09
C ALA C 179 -28.83 0.05 38.45
N HIS C 180 -28.57 -0.03 37.15
CA HIS C 180 -28.74 -1.29 36.42
C HIS C 180 -27.62 -2.28 36.69
N GLY C 181 -26.68 -1.90 37.55
CA GLY C 181 -25.66 -2.81 38.02
C GLY C 181 -24.54 -3.12 37.05
N LEU C 182 -24.38 -2.31 36.01
CA LEU C 182 -23.24 -2.46 35.12
C LEU C 182 -22.03 -1.79 35.76
N MET C 183 -22.30 -0.96 36.76
CA MET C 183 -21.25 -0.28 37.50
C MET C 183 -21.50 -0.36 39.01
N ASP C 184 -20.42 -0.38 39.78
CA ASP C 184 -20.51 -0.44 41.23
C ASP C 184 -20.41 0.97 41.82
N GLU C 185 -20.75 1.10 43.10
CA GLU C 185 -20.62 2.38 43.79
C GLU C 185 -19.60 2.29 44.93
N THR C 188 -14.43 3.81 41.20
CA THR C 188 -15.16 4.71 40.32
C THR C 188 -14.93 4.38 38.86
N ASN C 189 -13.86 3.65 38.56
CA ASN C 189 -13.55 3.28 37.19
C ASN C 189 -14.76 2.70 36.49
N CYS C 190 -14.87 2.97 35.19
CA CYS C 190 -16.00 2.48 34.40
C CYS C 190 -15.52 1.39 33.46
N ARG C 191 -16.37 0.38 33.24
CA ARG C 191 -16.08 -0.64 32.26
C ARG C 191 -16.18 0.00 30.88
N TYR C 192 -17.06 0.98 30.75
CA TYR C 192 -17.35 1.61 29.48
C TYR C 192 -16.61 2.95 29.32
N ALA C 193 -15.94 3.11 28.18
CA ALA C 193 -15.15 4.30 27.90
C ALA C 193 -16.02 5.54 27.71
N VAL C 194 -17.30 5.34 27.41
CA VAL C 194 -18.22 6.45 27.18
C VAL C 194 -18.26 7.40 28.38
N LEU C 195 -17.94 6.87 29.55
CA LEU C 195 -17.88 7.67 30.78
C LEU C 195 -16.46 7.66 31.34
N CYS C 196 -15.84 8.83 31.42
CA CYS C 196 -14.43 8.92 31.81
C CYS C 196 -14.22 9.66 33.12
N TYR C 197 -13.63 8.98 34.11
CA TYR C 197 -13.24 9.63 35.35
C TYR C 197 -11.75 9.91 35.40
N ASP C 198 -11.38 11.09 35.86
CA ASP C 198 -9.97 11.44 35.97
C ASP C 198 -9.65 12.26 37.21
N LYS C 199 -8.66 11.77 37.96
CA LYS C 199 -8.08 12.51 39.06
C LYS C 199 -6.83 13.20 38.54
N TYR C 200 -6.61 14.45 38.93
CA TYR C 200 -5.44 15.16 38.46
C TYR C 200 -4.69 15.88 39.56
N PRO C 201 -3.36 15.91 39.47
CA PRO C 201 -2.50 16.60 40.44
C PRO C 201 -2.71 18.10 40.33
N ARG C 202 -2.19 18.85 41.29
CA ARG C 202 -2.18 20.30 41.17
C ARG C 202 -1.00 20.66 40.28
N MET C 203 -1.09 21.77 39.58
CA MET C 203 0.02 22.22 38.75
C MET C 203 0.51 23.59 39.17
N THR C 204 1.82 23.68 39.41
CA THR C 204 2.43 24.94 39.76
C THR C 204 3.38 25.36 38.65
N ASP C 205 3.77 26.63 38.67
CA ASP C 205 4.77 27.15 37.75
C ASP C 205 5.60 28.18 38.48
N THR C 206 6.81 28.42 38.00
CA THR C 206 7.65 29.48 38.55
C THR C 206 7.69 30.62 37.55
N VAL C 207 7.02 31.71 37.90
CA VAL C 207 6.81 32.81 36.98
C VAL C 207 7.29 34.16 37.50
N PHE C 208 7.74 35.01 36.57
CA PHE C 208 8.21 36.35 36.90
C PHE C 208 7.17 37.13 37.68
N SER C 209 7.55 37.62 38.86
CA SER C 209 6.63 38.42 39.68
C SER C 209 6.95 39.90 39.57
N HIS C 210 8.19 40.26 39.87
CA HIS C 210 8.59 41.66 39.93
C HIS C 210 10.09 41.76 40.10
N ASN C 211 10.57 42.99 40.26
CA ASN C 211 11.96 43.23 40.57
C ASN C 211 12.09 43.65 42.02
N GLU C 212 13.09 43.11 42.71
CA GLU C 212 13.40 43.53 44.07
C GLU C 212 14.59 44.46 44.03
N ILE C 213 14.85 45.14 45.14
CA ILE C 213 16.11 45.85 45.27
C ILE C 213 16.99 45.08 46.25
N VAL C 214 18.18 44.72 45.80
CA VAL C 214 19.10 43.96 46.64
C VAL C 214 20.09 44.89 47.33
N GLU C 215 20.37 44.60 48.60
CA GLU C 215 21.34 45.38 49.35
C GLU C 215 22.70 44.69 49.38
N HIS C 216 23.72 45.43 48.99
CA HIS C 216 25.09 44.91 49.01
C HIS C 216 25.94 45.67 50.01
N THR C 217 26.59 44.95 50.91
CA THR C 217 27.42 45.60 51.92
C THR C 217 28.90 45.27 51.73
N ASP C 218 29.72 46.31 51.67
CA ASP C 218 31.17 46.16 51.57
C ASP C 218 31.71 45.29 52.69
N GLU C 219 32.97 44.87 52.54
CA GLU C 219 33.70 44.27 53.63
C GLU C 219 33.90 45.36 54.69
N GLU C 220 33.45 46.56 54.35
CA GLU C 220 33.62 47.73 55.21
C GLU C 220 32.28 48.24 55.75
N GLY C 221 31.19 47.79 55.14
CA GLY C 221 29.86 48.17 55.58
C GLY C 221 29.25 49.30 54.77
N ASN C 222 29.76 49.51 53.56
CA ASN C 222 29.21 50.52 52.67
C ASN C 222 28.16 49.91 51.75
N VAL C 223 26.89 50.06 52.11
CA VAL C 223 25.80 49.44 51.36
C VAL C 223 25.57 50.10 50.01
N THR C 224 25.29 49.28 49.01
CA THR C 224 24.92 49.75 47.68
C THR C 224 23.70 48.97 47.22
N THR C 225 22.87 49.58 46.38
CA THR C 225 21.59 48.98 46.03
C THR C 225 21.39 48.74 44.53
N THR C 226 21.01 47.51 44.19
CA THR C 226 20.74 47.14 42.80
C THR C 226 19.29 46.70 42.65
N GLU C 227 18.85 46.56 41.41
CA GLU C 227 17.51 46.06 41.11
C GLU C 227 17.63 44.69 40.41
N GLU C 228 16.90 43.71 40.92
CA GLU C 228 17.04 42.33 40.43
C GLU C 228 15.71 41.61 40.29
N PRO C 229 15.44 41.05 39.10
CA PRO C 229 14.24 40.24 38.83
C PRO C 229 14.02 39.17 39.88
N VAL C 230 12.76 38.96 40.26
CA VAL C 230 12.40 37.96 41.25
C VAL C 230 11.29 37.05 40.75
N TYR C 231 11.57 35.74 40.76
CA TYR C 231 10.55 34.77 40.40
C TYR C 231 9.89 34.19 41.64
N THR C 232 8.86 33.39 41.43
CA THR C 232 8.07 32.86 42.54
C THR C 232 7.28 31.65 42.10
N GLU C 233 7.30 30.59 42.90
CA GLU C 233 6.44 29.45 42.62
C GLU C 233 5.00 29.94 42.76
N VAL C 234 4.10 29.32 42.01
CA VAL C 234 2.74 29.83 41.91
C VAL C 234 1.76 28.72 41.56
N VAL C 235 0.61 28.73 42.24
CA VAL C 235 -0.43 27.76 41.97
C VAL C 235 -1.26 28.16 40.75
N ILE C 236 -1.30 27.29 39.74
CA ILE C 236 -2.14 27.52 38.59
C ILE C 236 -3.51 26.93 38.84
N HIS C 237 -3.54 25.66 39.23
CA HIS C 237 -4.77 25.02 39.70
C HIS C 237 -4.43 23.91 40.69
N GLU C 238 -5.36 23.63 41.59
CA GLU C 238 -5.14 22.62 42.63
C GLU C 238 -5.50 21.22 42.13
N GLU C 239 -5.13 20.22 42.92
CA GLU C 239 -5.51 18.85 42.62
C GLU C 239 -7.03 18.80 42.48
N GLY C 240 -7.53 17.75 41.84
CA GLY C 240 -8.96 17.60 41.67
C GLY C 240 -9.34 16.37 40.88
N GLU C 241 -10.64 16.18 40.69
CA GLU C 241 -11.14 15.06 39.93
C GLU C 241 -12.34 15.51 39.11
N GLU C 242 -12.66 14.79 38.05
CA GLU C 242 -13.73 15.19 37.15
C GLU C 242 -14.34 14.02 36.39
N TRP C 243 -15.65 14.11 36.15
CA TRP C 243 -16.34 13.14 35.32
C TRP C 243 -16.68 13.79 33.99
N GLY C 244 -16.39 13.09 32.90
CA GLY C 244 -16.72 13.55 31.57
C GLY C 244 -17.36 12.47 30.74
N VAL C 245 -17.72 12.80 29.51
CA VAL C 245 -18.30 11.81 28.60
C VAL C 245 -17.69 11.92 27.21
N ARG C 246 -17.82 10.85 26.43
CA ARG C 246 -17.47 10.90 25.01
C ARG C 246 -18.75 10.97 24.20
N PRO C 247 -19.08 12.17 23.69
CA PRO C 247 -20.31 12.38 22.92
C PRO C 247 -20.52 11.33 21.83
N ASP C 248 -19.46 11.02 21.08
CA ASP C 248 -19.56 10.01 20.04
C ASP C 248 -19.94 8.65 20.61
N GLY C 249 -19.31 8.27 21.72
CA GLY C 249 -19.64 7.04 22.40
C GLY C 249 -21.08 7.02 22.83
N ILE C 250 -21.59 8.18 23.23
CA ILE C 250 -22.99 8.32 23.59
C ILE C 250 -23.89 8.03 22.39
N PHE C 251 -23.48 8.50 21.22
CA PHE C 251 -24.29 8.38 20.02
C PHE C 251 -24.21 7.00 19.36
N PHE C 252 -23.19 6.23 19.71
CA PHE C 252 -23.11 4.85 19.25
C PHE C 252 -24.10 3.99 20.01
N ALA C 253 -24.11 4.14 21.33
CA ALA C 253 -25.03 3.40 22.18
C ALA C 253 -26.48 3.84 21.91
N GLU C 254 -26.65 5.12 21.58
CA GLU C 254 -27.97 5.65 21.27
C GLU C 254 -28.48 5.06 19.97
N ALA C 255 -27.57 4.86 19.01
CA ALA C 255 -27.91 4.24 17.75
C ALA C 255 -28.34 2.80 17.96
N ALA C 256 -27.48 2.03 18.63
CA ALA C 256 -27.78 0.64 18.95
C ALA C 256 -29.12 0.55 19.65
N TYR C 257 -29.31 1.39 20.66
CA TYR C 257 -30.55 1.43 21.43
C TYR C 257 -31.73 1.80 20.56
N GLN C 258 -31.60 2.90 19.80
CA GLN C 258 -32.67 3.36 18.93
C GLN C 258 -32.84 2.49 17.71
N ARG C 259 -32.06 1.43 17.62
CA ARG C 259 -32.25 0.42 16.59
C ARG C 259 -33.03 -0.75 17.15
N ARG C 260 -32.57 -1.28 18.28
CA ARG C 260 -33.28 -2.36 18.96
C ARG C 260 -34.68 -1.92 19.37
N LYS C 261 -34.93 -0.61 19.32
CA LYS C 261 -36.27 -0.09 19.56
C LYS C 261 -37.12 -0.09 18.31
N LEU C 262 -36.50 0.10 17.15
CA LEU C 262 -37.23 0.12 15.88
C LEU C 262 -37.53 -1.28 15.37
N GLU C 263 -36.64 -2.24 15.66
CA GLU C 263 -36.93 -3.64 15.36
C GLU C 263 -38.19 -4.06 16.10
N ARG C 264 -38.25 -3.72 17.39
CA ARG C 264 -39.40 -4.03 18.22
C ARG C 264 -40.67 -3.35 17.69
N ILE C 265 -40.61 -2.03 17.59
CA ILE C 265 -41.76 -1.25 17.13
C ILE C 265 -42.30 -1.77 15.80
N GLU C 266 -41.41 -2.30 14.97
CA GLU C 266 -41.81 -2.86 13.67
C GLU C 266 -42.24 -4.32 13.78
N ALA C 267 -41.73 -5.01 14.81
CA ALA C 267 -42.12 -6.38 15.06
C ALA C 267 -43.54 -6.44 15.61
N ARG C 268 -43.86 -5.53 16.52
CA ARG C 268 -45.21 -5.42 17.05
C ARG C 268 -46.12 -4.90 15.94
N LEU C 269 -45.57 -4.00 15.13
CA LEU C 269 -46.28 -3.45 13.98
C LEU C 269 -46.75 -4.56 13.07
N SER C 270 -45.82 -5.41 12.66
CA SER C 270 -46.09 -6.47 11.69
C SER C 270 -47.20 -7.42 12.15
N ALA C 271 -47.35 -7.59 13.46
CA ALA C 271 -48.36 -8.48 14.01
C ALA C 271 -49.76 -7.96 13.74
N LEU C 272 -50.04 -6.74 14.20
CA LEU C 272 -51.37 -6.15 14.06
C LEU C 272 -51.61 -5.58 12.66
N GLU C 273 -50.91 -6.14 11.67
CA GLU C 273 -51.20 -5.87 10.27
C GLU C 273 -51.78 -7.14 9.65
N GLN C 274 -52.16 -8.07 10.52
CA GLN C 274 -52.72 -9.35 10.11
C GLN C 274 -53.10 -10.19 11.32
N HIS D 11 27.65 40.12 14.55
CA HIS D 11 27.84 38.80 13.95
C HIS D 11 28.92 38.01 14.69
N VAL D 12 28.50 37.03 15.46
CA VAL D 12 29.42 36.01 15.95
C VAL D 12 29.09 34.69 15.30
N THR D 13 30.12 33.91 15.03
CA THR D 13 29.91 32.53 14.62
C THR D 13 30.57 31.61 15.64
N ILE D 14 29.79 30.67 16.15
CA ILE D 14 30.31 29.70 17.11
C ILE D 14 30.88 28.51 16.35
N ARG D 15 32.07 28.09 16.73
CA ARG D 15 32.71 26.96 16.08
C ARG D 15 32.81 25.79 17.05
N ALA D 16 33.01 24.59 16.51
CA ALA D 16 33.12 23.38 17.33
C ALA D 16 34.10 23.58 18.50
N ILE D 22 32.30 18.94 14.77
CA ILE D 22 31.01 18.27 14.59
C ILE D 22 29.87 19.02 15.25
N ARG D 23 30.14 19.61 16.41
CA ARG D 23 29.11 20.38 17.10
C ARG D 23 29.63 21.66 17.74
N SER D 24 28.93 22.76 17.46
CA SER D 24 29.17 24.02 18.14
C SER D 24 28.34 24.04 19.42
N GLU D 25 28.80 24.80 20.42
CA GLU D 25 28.21 24.68 21.75
C GLU D 25 28.16 25.99 22.50
N VAL D 26 26.97 26.34 22.97
CA VAL D 26 26.79 27.49 23.85
C VAL D 26 26.12 27.06 25.15
N LEU D 27 26.83 27.23 26.26
CA LEU D 27 26.29 26.86 27.56
C LEU D 27 26.10 28.10 28.43
N MET D 28 24.91 28.23 29.00
CA MET D 28 24.59 29.37 29.84
C MET D 28 24.60 28.97 31.31
N GLU D 29 25.33 29.72 32.11
CA GLU D 29 25.45 29.43 33.53
C GLU D 29 24.34 30.10 34.33
N GLY D 30 24.52 30.14 35.65
CA GLY D 30 23.54 30.74 36.53
C GLY D 30 22.36 29.82 36.81
N GLU D 31 21.36 30.35 37.50
CA GLU D 31 20.14 29.60 37.74
C GLU D 31 19.42 29.34 36.44
N TYR D 32 19.18 30.41 35.67
CA TYR D 32 18.56 30.27 34.36
C TYR D 32 19.28 31.13 33.33
N GLY D 33 19.04 30.84 32.06
CA GLY D 33 19.59 31.63 30.98
C GLY D 33 18.51 32.43 30.28
N PHE D 34 18.87 33.60 29.78
CA PHE D 34 17.92 34.45 29.06
C PHE D 34 18.52 34.93 27.75
N ILE D 35 17.81 34.68 26.67
CA ILE D 35 18.21 35.15 25.35
C ILE D 35 17.10 36.01 24.77
N GLY D 36 17.30 37.33 24.79
CA GLY D 36 16.24 38.25 24.41
C GLY D 36 16.60 39.20 23.29
N LYS D 37 15.63 40.02 22.91
CA LYS D 37 15.80 40.99 21.84
C LYS D 37 15.62 42.40 22.36
N SER D 38 16.67 43.22 22.24
CA SER D 38 16.62 44.60 22.67
C SER D 38 15.52 45.35 21.92
N ILE D 39 15.17 46.53 22.43
CA ILE D 39 14.20 47.38 21.75
C ILE D 39 14.86 48.07 20.57
N PRO D 40 14.44 47.73 19.34
CA PRO D 40 15.03 48.33 18.15
C PRO D 40 14.87 49.85 18.18
N THR D 41 15.95 50.57 17.92
CA THR D 41 15.91 52.03 17.94
C THR D 41 15.13 52.61 16.77
N ASP D 42 15.39 52.09 15.57
CA ASP D 42 14.87 52.67 14.34
C ASP D 42 13.64 51.96 13.81
N ASN D 43 13.52 50.67 14.10
CA ASN D 43 12.43 49.88 13.55
C ASN D 43 11.79 48.98 14.61
N PRO D 44 11.26 49.59 15.69
CA PRO D 44 10.72 48.86 16.84
C PRO D 44 9.58 47.91 16.46
N ALA D 45 8.83 48.26 15.42
CA ALA D 45 7.69 47.45 15.00
C ALA D 45 8.11 46.07 14.49
N GLY D 46 9.40 45.92 14.21
CA GLY D 46 9.93 44.67 13.70
C GLY D 46 10.68 43.86 14.74
N GLN D 47 10.65 44.34 15.98
CA GLN D 47 11.34 43.66 17.08
C GLN D 47 10.98 42.18 17.12
N ARG D 48 11.98 41.34 16.93
CA ARG D 48 11.78 39.89 16.98
C ARG D 48 13.10 39.14 16.95
N ILE D 49 13.07 37.86 17.26
CA ILE D 49 14.23 36.99 17.13
C ILE D 49 13.86 35.79 16.29
N ILE D 50 14.66 35.50 15.27
CA ILE D 50 14.44 34.34 14.42
C ILE D 50 15.43 33.23 14.74
N PHE D 51 14.90 32.10 15.19
CA PHE D 51 15.71 30.91 15.41
C PHE D 51 15.56 29.99 14.19
N CYS D 52 16.68 29.59 13.62
CA CYS D 52 16.63 28.80 12.40
C CYS D 52 17.56 27.59 12.46
N GLY D 53 17.10 26.47 11.90
CA GLY D 53 17.92 25.28 11.81
C GLY D 53 18.84 25.34 10.60
N GLY D 54 18.79 26.46 9.89
CA GLY D 54 19.59 26.63 8.69
C GLY D 54 20.35 27.94 8.66
N GLU D 55 21.02 28.17 7.54
CA GLU D 55 22.00 29.24 7.38
C GLU D 55 21.45 30.67 7.32
N GLY D 56 20.24 30.85 6.81
CA GLY D 56 19.80 32.20 6.49
C GLY D 56 18.48 32.66 7.10
N THR D 57 18.06 33.86 6.71
CA THR D 57 16.84 34.47 7.22
C THR D 57 15.61 33.80 6.61
N SER D 58 15.78 33.26 5.40
CA SER D 58 14.68 32.60 4.69
C SER D 58 14.33 31.22 5.24
N SER D 59 13.04 30.97 5.42
CA SER D 59 12.59 29.68 5.94
C SER D 59 12.85 28.52 4.96
N THR D 60 13.13 28.86 3.70
CA THR D 60 13.51 27.85 2.73
C THR D 60 14.80 27.14 3.15
N THR D 61 15.56 27.78 4.02
CA THR D 61 16.84 27.24 4.46
C THR D 61 16.68 26.25 5.62
N GLY D 62 15.66 26.45 6.44
CA GLY D 62 15.47 25.59 7.59
C GLY D 62 14.23 25.88 8.39
N ALA D 63 13.90 24.95 9.26
CA ALA D 63 12.79 25.14 10.18
C ALA D 63 13.05 26.36 11.04
N GLN D 64 12.00 27.15 11.29
CA GLN D 64 12.16 28.35 12.07
C GLN D 64 11.13 28.48 13.18
N ILE D 65 11.51 29.20 14.23
CA ILE D 65 10.59 29.66 15.25
C ILE D 65 10.88 31.13 15.47
N THR D 66 9.86 31.97 15.33
CA THR D 66 10.07 33.40 15.48
C THR D 66 9.30 33.95 16.67
N LEU D 67 10.03 34.57 17.58
CA LEU D 67 9.43 35.22 18.75
C LEU D 67 9.32 36.71 18.51
N TYR D 68 8.08 37.19 18.44
CA TYR D 68 7.82 38.61 18.20
C TYR D 68 7.84 39.39 19.51
N GLY D 69 8.54 40.52 19.51
CA GLY D 69 8.56 41.39 20.66
C GLY D 69 7.19 41.99 20.93
N ALA D 70 7.09 42.80 21.98
CA ALA D 70 5.82 43.43 22.33
C ALA D 70 5.61 44.72 21.53
N ASN D 71 6.71 45.35 21.14
CA ASN D 71 6.66 46.56 20.33
C ASN D 71 6.31 46.23 18.89
N ASN D 72 6.31 44.94 18.56
CA ASN D 72 6.11 44.49 17.20
C ASN D 72 4.66 44.62 16.73
N THR D 73 4.49 45.00 15.46
CA THR D 73 3.17 45.12 14.85
C THR D 73 2.24 44.02 15.32
N ASP D 74 2.72 42.78 15.25
CA ASP D 74 1.96 41.63 15.71
C ASP D 74 2.46 41.22 17.08
N SER D 75 2.06 41.99 18.09
CA SER D 75 2.61 41.90 19.45
C SER D 75 2.61 40.49 20.06
N ARG D 76 3.75 40.13 20.64
CA ARG D 76 3.93 38.86 21.35
C ARG D 76 3.50 37.63 20.55
N ARG D 77 3.64 37.71 19.23
CA ARG D 77 3.30 36.60 18.35
C ARG D 77 4.42 35.57 18.29
N ILE D 78 4.03 34.31 18.13
CA ILE D 78 4.99 33.25 17.79
C ILE D 78 4.52 32.52 16.53
N VAL D 79 5.43 32.35 15.58
CA VAL D 79 5.14 31.55 14.40
C VAL D 79 6.08 30.36 14.35
N TYR D 80 5.51 29.17 14.26
CA TYR D 80 6.30 27.94 14.16
C TYR D 80 6.29 27.46 12.71
N ASN D 81 7.46 27.47 12.08
CA ASN D 81 7.56 27.15 10.66
C ASN D 81 8.45 25.96 10.33
N GLY D 82 7.83 24.81 10.12
CA GLY D 82 8.54 23.61 9.71
C GLY D 82 7.67 22.73 8.83
N ASP D 83 8.29 21.73 8.20
CA ASP D 83 7.55 20.79 7.36
C ASP D 83 7.06 19.60 8.17
N GLU D 84 7.37 19.63 9.46
CA GLU D 84 6.86 18.67 10.42
C GLU D 84 6.86 19.33 11.80
N HIS D 85 5.72 19.28 12.48
CA HIS D 85 5.67 19.68 13.89
C HIS D 85 5.39 18.44 14.72
N LEU D 86 6.42 17.96 15.41
CA LEU D 86 6.31 16.73 16.18
C LEU D 86 6.51 16.98 17.66
N PHE D 87 5.43 16.82 18.44
CA PHE D 87 5.50 16.99 19.88
C PHE D 87 5.70 15.66 20.60
N GLN D 88 6.87 15.53 21.24
CA GLN D 88 7.31 14.27 21.81
C GLN D 88 7.22 14.26 23.34
N SER D 89 6.95 13.08 23.89
CA SER D 89 7.06 12.83 25.33
C SER D 89 5.93 13.43 26.19
N ALA D 90 5.07 14.25 25.60
CA ALA D 90 4.03 14.90 26.39
C ALA D 90 2.81 15.33 25.58
N ASP D 91 1.66 15.30 26.22
CA ASP D 91 0.43 15.81 25.62
C ASP D 91 0.68 17.23 25.12
N VAL D 92 -0.07 17.64 24.11
CA VAL D 92 -0.08 19.04 23.70
C VAL D 92 -1.22 19.73 24.42
N LYS D 93 -0.88 20.54 25.43
CA LYS D 93 -1.88 21.09 26.34
C LYS D 93 -1.96 22.60 26.34
N PRO D 94 -3.12 23.14 26.75
CA PRO D 94 -3.25 24.56 27.04
C PRO D 94 -2.66 24.82 28.41
N TYR D 95 -2.13 26.01 28.65
CA TYR D 95 -1.52 26.33 29.93
C TYR D 95 -2.57 26.37 31.04
N ASN D 96 -3.61 27.17 30.82
CA ASN D 96 -4.73 27.26 31.75
C ASN D 96 -5.84 26.28 31.39
N ASP D 97 -6.86 26.19 32.24
CA ASP D 97 -7.96 25.26 32.01
C ASP D 97 -9.12 25.94 31.31
N ASN D 98 -9.50 25.40 30.15
CA ASN D 98 -10.67 25.86 29.42
C ASN D 98 -10.73 27.37 29.19
N VAL D 99 -9.70 27.93 28.56
CA VAL D 99 -9.71 29.35 28.22
C VAL D 99 -9.17 29.61 26.81
N THR D 100 -8.40 28.66 26.28
CA THR D 100 -7.86 28.79 24.92
C THR D 100 -8.30 27.63 24.03
N ALA D 101 -8.37 27.90 22.73
CA ALA D 101 -8.97 26.96 21.79
C ALA D 101 -7.96 26.31 20.86
N LEU D 102 -8.37 25.19 20.26
CA LEU D 102 -7.66 24.60 19.14
C LEU D 102 -8.26 25.16 17.85
N GLY D 103 -7.53 26.05 17.20
CA GLY D 103 -7.96 26.59 15.92
C GLY D 103 -8.75 27.87 16.04
N GLY D 104 -9.47 28.22 14.98
CA GLY D 104 -10.27 29.44 14.97
C GLY D 104 -11.15 29.52 13.74
N PRO D 105 -12.08 30.50 13.73
CA PRO D 105 -13.02 30.71 12.63
C PRO D 105 -12.31 30.69 11.29
N SER D 106 -11.29 31.54 11.18
CA SER D 106 -10.51 31.68 9.95
C SER D 106 -9.12 31.07 10.13
N ASN D 107 -9.01 30.14 11.07
CA ASN D 107 -7.77 29.41 11.30
C ASN D 107 -8.06 27.96 11.62
N ARG D 108 -8.80 27.31 10.74
CA ARG D 108 -9.30 25.96 10.98
C ARG D 108 -8.25 24.89 10.73
N PHE D 109 -8.28 23.84 11.55
CA PHE D 109 -7.55 22.63 11.25
C PHE D 109 -8.45 21.76 10.38
N THR D 110 -7.87 21.17 9.34
CA THR D 110 -8.66 20.36 8.42
C THR D 110 -9.38 19.24 9.18
N THR D 111 -8.70 18.71 10.19
CA THR D 111 -9.27 17.70 11.08
C THR D 111 -8.33 17.38 12.23
N ALA D 112 -8.74 16.43 13.05
CA ALA D 112 -7.88 15.85 14.05
C ALA D 112 -7.89 14.34 13.83
N TYR D 113 -6.73 13.71 14.01
CA TYR D 113 -6.65 12.26 13.97
C TYR D 113 -6.53 11.71 15.38
N LEU D 114 -7.45 10.83 15.75
CA LEU D 114 -7.51 10.34 17.11
C LEU D 114 -7.62 8.82 17.18
N GLY D 115 -7.09 8.24 18.24
CA GLY D 115 -7.20 6.81 18.49
C GLY D 115 -8.48 6.47 19.22
N SER D 116 -9.15 7.51 19.73
CA SER D 116 -10.44 7.34 20.38
C SER D 116 -11.23 8.65 20.33
N ASN D 117 -12.49 8.59 20.77
CA ASN D 117 -13.41 9.73 20.66
C ASN D 117 -13.13 10.87 21.64
N PRO D 118 -13.30 12.12 21.15
CA PRO D 118 -13.07 13.32 21.97
C PRO D 118 -13.81 13.22 23.30
N ILE D 119 -13.20 13.78 24.34
CA ILE D 119 -13.81 13.82 25.66
C ILE D 119 -14.26 15.24 25.98
N VAL D 120 -15.49 15.36 26.49
CA VAL D 120 -16.01 16.65 26.89
C VAL D 120 -16.34 16.62 28.37
N THR D 121 -15.89 17.65 29.09
CA THR D 121 -16.07 17.70 30.54
C THR D 121 -16.08 19.14 31.03
N ALA D 122 -16.83 19.37 32.10
CA ALA D 122 -16.96 20.71 32.67
C ALA D 122 -15.90 20.94 33.74
N ASN D 123 -15.29 19.86 34.22
CA ASN D 123 -14.30 19.94 35.28
C ASN D 123 -14.84 20.69 36.48
N GLY D 124 -16.06 20.34 36.91
CA GLY D 124 -16.64 20.88 38.12
C GLY D 124 -17.33 22.22 37.94
N GLU D 125 -17.32 22.75 36.72
CA GLU D 125 -18.04 23.99 36.44
C GLU D 125 -19.54 23.78 36.60
N ARG D 126 -20.25 24.83 37.00
CA ARG D 126 -21.65 24.70 37.34
C ARG D 126 -22.60 25.07 36.21
N LYS D 127 -23.45 24.12 35.85
CA LYS D 127 -24.49 24.36 34.87
C LYS D 127 -25.79 24.65 35.61
N THR D 128 -26.69 25.39 34.98
CA THR D 128 -28.03 25.51 35.52
C THR D 128 -28.56 24.09 35.64
N GLU D 129 -29.62 23.90 36.42
CA GLU D 129 -30.18 22.56 36.52
C GLU D 129 -30.65 22.06 35.16
N PRO D 130 -30.15 20.90 34.75
CA PRO D 130 -30.49 20.31 33.45
C PRO D 130 -32.00 20.35 33.19
N VAL D 131 -32.37 20.88 32.03
CA VAL D 131 -33.76 21.01 31.63
C VAL D 131 -34.03 20.12 30.42
N VAL D 132 -35.27 19.67 30.26
CA VAL D 132 -35.63 18.84 29.12
C VAL D 132 -35.57 19.62 27.81
N PHE D 133 -35.59 18.90 26.70
CA PHE D 133 -35.79 19.54 25.42
C PHE D 133 -37.27 19.87 25.30
N ASP D 134 -37.58 21.17 25.22
CA ASP D 134 -38.97 21.61 25.17
C ASP D 134 -39.67 21.18 23.88
N ASP D 135 -40.99 21.07 23.95
CA ASP D 135 -41.78 20.66 22.79
C ASP D 135 -41.65 21.66 21.65
N ALA D 136 -41.59 22.95 22.00
CA ALA D 136 -41.49 24.01 21.01
C ALA D 136 -40.20 23.89 20.20
N PHE D 137 -39.10 23.56 20.88
CA PHE D 137 -37.82 23.39 20.21
C PHE D 137 -37.79 22.12 19.39
N LEU D 138 -38.34 21.03 19.95
CA LEU D 138 -38.39 19.76 19.25
C LEU D 138 -39.28 19.81 18.01
N ASP D 139 -40.20 20.76 17.99
CA ASP D 139 -41.09 20.92 16.84
C ASP D 139 -40.34 21.55 15.67
N ALA D 140 -39.33 22.35 15.97
CA ALA D 140 -38.54 23.02 14.95
C ALA D 140 -37.42 22.12 14.42
N TRP D 141 -36.93 21.24 15.28
CA TRP D 141 -35.81 20.36 14.90
C TRP D 141 -36.19 19.43 13.76
N GLY D 142 -37.49 19.16 13.62
CA GLY D 142 -37.98 18.33 12.55
C GLY D 142 -37.76 18.95 11.19
N ASP D 143 -37.52 20.26 11.18
CA ASP D 143 -37.26 20.99 9.93
C ASP D 143 -35.80 20.89 9.49
N VAL D 144 -34.95 20.40 10.39
CA VAL D 144 -33.53 20.22 10.08
C VAL D 144 -33.34 19.07 9.09
N HIS D 145 -32.62 19.35 8.01
CA HIS D 145 -32.38 18.35 6.98
C HIS D 145 -30.95 17.83 7.01
N TYR D 146 -30.80 16.51 6.94
CA TYR D 146 -29.49 15.89 6.84
C TYR D 146 -29.18 15.59 5.39
N ILE D 147 -28.04 16.09 4.92
CA ILE D 147 -27.77 16.13 3.49
C ILE D 147 -26.43 15.54 3.08
N MET D 148 -26.29 15.29 1.78
CA MET D 148 -25.02 14.90 1.18
C MET D 148 -24.54 16.08 0.34
N TYR D 149 -23.24 16.23 0.21
CA TYR D 149 -22.69 17.33 -0.58
C TYR D 149 -21.23 17.11 -0.93
N GLN D 150 -20.68 18.02 -1.71
CA GLN D 150 -19.27 18.02 -2.07
C GLN D 150 -18.82 19.47 -2.15
N TRP D 151 -17.53 19.70 -2.20
CA TRP D 151 -17.00 21.04 -2.35
C TRP D 151 -16.83 21.37 -3.84
N LEU D 152 -17.19 22.59 -4.22
CA LEU D 152 -17.06 23.01 -5.60
C LEU D 152 -15.61 22.89 -6.09
N ASP D 153 -14.68 23.30 -5.23
CA ASP D 153 -13.25 23.22 -5.56
C ASP D 153 -12.78 21.77 -5.71
N ALA D 154 -13.24 20.90 -4.81
CA ALA D 154 -12.92 19.49 -4.89
C ALA D 154 -13.43 18.90 -6.20
N VAL D 155 -14.69 19.21 -6.52
CA VAL D 155 -15.31 18.76 -7.75
C VAL D 155 -14.57 19.29 -8.98
N GLN D 156 -14.08 20.52 -8.88
CA GLN D 156 -13.33 21.13 -9.98
C GLN D 156 -12.11 20.29 -10.32
N LEU D 157 -11.60 19.56 -9.33
CA LEU D 157 -10.51 18.63 -9.54
C LEU D 157 -10.98 17.21 -9.24
N LYS D 158 -12.11 16.83 -9.83
CA LYS D 158 -12.69 15.51 -9.62
C LYS D 158 -11.62 14.42 -9.55
N ALA D 162 -13.68 13.71 -6.28
CA ALA D 162 -14.47 14.59 -5.42
C ALA D 162 -15.37 13.77 -4.48
N ARG D 163 -15.03 13.80 -3.20
CA ARG D 163 -15.75 12.99 -2.22
C ARG D 163 -17.04 13.64 -1.73
N ILE D 164 -17.91 12.82 -1.14
CA ILE D 164 -19.17 13.27 -0.57
C ILE D 164 -19.08 13.25 0.95
N HIS D 165 -19.41 14.36 1.59
CA HIS D 165 -19.46 14.42 3.05
C HIS D 165 -20.89 14.60 3.51
N PHE D 166 -21.21 14.13 4.71
CA PHE D 166 -22.54 14.30 5.28
C PHE D 166 -22.58 15.45 6.28
N GLY D 167 -23.80 15.83 6.67
CA GLY D 167 -23.99 16.88 7.64
C GLY D 167 -25.25 17.68 7.37
N VAL D 168 -25.23 18.94 7.79
CA VAL D 168 -26.35 19.86 7.53
C VAL D 168 -25.83 21.28 7.38
N ILE D 169 -26.35 21.99 6.39
CA ILE D 169 -25.95 23.37 6.16
C ILE D 169 -26.34 24.23 7.35
N ALA D 170 -25.40 25.03 7.83
CA ALA D 170 -25.64 25.89 8.99
C ALA D 170 -26.76 26.89 8.74
N GLN D 171 -26.76 27.49 7.55
CA GLN D 171 -27.73 28.52 7.21
C GLN D 171 -29.17 27.99 7.21
N GLN D 172 -29.30 26.70 6.92
CA GLN D 172 -30.63 26.09 6.88
C GLN D 172 -31.18 25.89 8.28
N ILE D 173 -30.27 25.58 9.22
CA ILE D 173 -30.62 25.53 10.63
C ILE D 173 -31.11 26.90 11.07
N ARG D 174 -30.36 27.91 10.66
CA ARG D 174 -30.65 29.29 11.01
C ARG D 174 -32.01 29.72 10.49
N ASP D 175 -32.30 29.38 9.24
CA ASP D 175 -33.60 29.67 8.65
C ASP D 175 -34.71 28.97 9.43
N VAL D 176 -34.44 27.74 9.86
CA VAL D 176 -35.41 26.97 10.64
C VAL D 176 -35.76 27.68 11.94
N PHE D 177 -34.74 27.97 12.76
CA PHE D 177 -34.96 28.67 14.02
C PHE D 177 -35.71 29.98 13.81
N ILE D 178 -35.41 30.66 12.70
CA ILE D 178 -36.05 31.93 12.38
C ILE D 178 -37.50 31.73 11.95
N ALA D 179 -37.78 30.61 11.31
CA ALA D 179 -39.14 30.28 10.89
C ALA D 179 -39.93 29.71 12.07
N HIS D 180 -39.40 29.90 13.27
CA HIS D 180 -40.02 29.32 14.46
C HIS D 180 -40.01 30.25 15.67
N GLY D 181 -39.55 31.49 15.47
CA GLY D 181 -39.52 32.47 16.54
C GLY D 181 -38.35 32.31 17.49
N LEU D 182 -37.63 31.21 17.34
CA LEU D 182 -36.46 30.93 18.18
C LEU D 182 -35.28 31.81 17.82
N MET D 183 -35.38 32.50 16.69
CA MET D 183 -34.30 33.37 16.24
C MET D 183 -34.83 34.53 15.41
N ASN D 186 -33.29 37.49 13.78
CA ASN D 186 -32.30 37.98 12.81
C ASN D 186 -31.02 38.44 13.49
N SER D 187 -30.82 38.03 14.73
CA SER D 187 -29.63 38.39 15.47
C SER D 187 -28.40 37.63 14.97
N THR D 188 -27.23 38.22 15.13
CA THR D 188 -25.99 37.55 14.76
C THR D 188 -25.52 36.67 15.90
N ASN D 189 -26.23 36.75 17.03
CA ASN D 189 -25.92 35.92 18.19
C ASN D 189 -27.05 34.94 18.46
N CYS D 190 -26.77 33.65 18.32
CA CYS D 190 -27.79 32.62 18.48
C CYS D 190 -28.02 32.29 19.96
N ARG D 191 -29.27 31.98 20.29
CA ARG D 191 -29.63 31.59 21.65
C ARG D 191 -29.02 30.23 21.96
N TYR D 192 -28.84 29.41 20.92
CA TYR D 192 -28.31 28.07 21.08
C TYR D 192 -26.85 27.98 20.62
N ALA D 193 -26.11 27.04 21.19
CA ALA D 193 -24.69 26.91 20.93
C ALA D 193 -24.39 26.03 19.72
N VAL D 194 -25.37 25.20 19.34
CA VAL D 194 -25.20 24.25 18.26
C VAL D 194 -25.02 24.97 16.92
N LEU D 195 -25.18 26.28 16.93
CA LEU D 195 -25.03 27.10 15.74
C LEU D 195 -24.26 28.36 16.13
N CYS D 196 -23.06 28.52 15.58
CA CYS D 196 -22.17 29.59 16.03
C CYS D 196 -21.84 30.59 14.94
N TYR D 197 -22.08 31.88 15.22
CA TYR D 197 -21.61 32.94 14.35
C TYR D 197 -20.29 33.47 14.89
N ASP D 198 -19.43 33.92 13.98
CA ASP D 198 -18.17 34.54 14.37
C ASP D 198 -17.74 35.57 13.35
N LYS D 199 -17.21 36.68 13.85
CA LYS D 199 -16.61 37.71 13.02
C LYS D 199 -15.12 37.75 13.31
N TYR D 200 -14.30 37.79 12.25
CA TYR D 200 -12.86 37.79 12.45
C TYR D 200 -12.17 38.90 11.67
N PRO D 201 -11.07 39.43 12.22
CA PRO D 201 -10.32 40.52 11.60
C PRO D 201 -9.40 39.96 10.53
N ARG D 202 -8.66 40.83 9.85
CA ARG D 202 -7.70 40.37 8.88
C ARG D 202 -6.42 39.94 9.59
N MET D 203 -5.77 38.92 9.03
CA MET D 203 -4.49 38.45 9.56
C MET D 203 -3.35 38.84 8.63
N THR D 204 -2.38 39.58 9.15
CA THR D 204 -1.22 39.97 8.37
C THR D 204 0.05 39.45 9.02
N ASP D 205 1.14 39.43 8.27
CA ASP D 205 2.43 38.99 8.81
C ASP D 205 3.60 39.55 8.02
N THR D 206 4.71 39.78 8.72
CA THR D 206 5.95 40.15 8.06
C THR D 206 6.66 38.88 7.60
N VAL D 207 6.88 38.77 6.29
CA VAL D 207 7.43 37.56 5.72
C VAL D 207 8.66 37.89 4.88
N PHE D 208 9.65 37.01 4.91
CA PHE D 208 10.84 37.20 4.08
C PHE D 208 10.42 37.20 2.61
N SER D 209 10.90 38.21 1.87
CA SER D 209 10.56 38.35 0.47
C SER D 209 11.74 38.00 -0.42
N HIS D 210 12.86 38.67 -0.19
CA HIS D 210 14.06 38.46 -0.99
C HIS D 210 15.23 39.25 -0.42
N ASN D 211 16.43 38.89 -0.87
CA ASN D 211 17.63 39.64 -0.52
C ASN D 211 17.93 40.70 -1.57
N GLU D 212 18.13 41.93 -1.11
CA GLU D 212 18.46 43.02 -2.02
C GLU D 212 19.94 43.36 -1.95
N ILE D 213 20.50 43.80 -3.06
CA ILE D 213 21.85 44.34 -3.06
C ILE D 213 21.79 45.81 -2.70
N VAL D 214 22.66 46.23 -1.81
CA VAL D 214 22.73 47.63 -1.40
C VAL D 214 24.10 48.18 -1.74
N GLU D 215 24.14 49.39 -2.28
CA GLU D 215 25.40 49.99 -2.70
C GLU D 215 25.95 50.97 -1.67
N HIS D 216 27.25 50.86 -1.41
CA HIS D 216 27.90 51.72 -0.43
C HIS D 216 29.01 52.53 -1.09
N THR D 217 28.90 53.85 -1.05
CA THR D 217 29.84 54.72 -1.75
C THR D 217 30.56 55.67 -0.80
N ASP D 218 31.89 55.54 -0.73
CA ASP D 218 32.69 56.41 0.12
C ASP D 218 33.02 57.71 -0.58
N GLU D 219 33.90 58.52 0.04
CA GLU D 219 34.25 59.82 -0.50
C GLU D 219 35.24 59.73 -1.67
N GLU D 220 35.87 58.57 -1.83
CA GLU D 220 36.87 58.39 -2.85
C GLU D 220 36.25 57.92 -4.17
N GLY D 221 34.96 57.60 -4.13
CA GLY D 221 34.25 57.13 -5.30
C GLY D 221 34.17 55.62 -5.37
N ASN D 222 34.83 54.95 -4.43
CA ASN D 222 34.77 53.49 -4.35
C ASN D 222 33.36 53.02 -4.02
N VAL D 223 32.78 52.21 -4.89
CA VAL D 223 31.46 51.66 -4.64
C VAL D 223 31.54 50.19 -4.24
N THR D 224 31.10 49.88 -3.02
CA THR D 224 31.12 48.52 -2.51
C THR D 224 29.69 47.97 -2.44
N THR D 225 29.55 46.70 -2.06
CA THR D 225 28.27 46.01 -2.15
C THR D 225 27.94 45.13 -0.95
N THR D 226 26.65 44.97 -0.68
CA THR D 226 26.18 44.15 0.43
C THR D 226 24.79 43.56 0.15
N GLU D 227 24.52 42.38 0.70
CA GLU D 227 23.20 41.77 0.62
C GLU D 227 22.44 41.98 1.92
N GLU D 228 21.32 42.69 1.84
CA GLU D 228 20.46 42.88 3.01
C GLU D 228 19.04 42.37 2.73
N PRO D 229 18.50 41.55 3.64
CA PRO D 229 17.18 40.94 3.50
C PRO D 229 16.06 41.98 3.44
N VAL D 230 14.99 41.65 2.72
CA VAL D 230 13.81 42.50 2.64
C VAL D 230 12.61 41.76 3.19
N TYR D 231 11.95 42.36 4.17
CA TYR D 231 10.71 41.81 4.70
C TYR D 231 9.53 42.68 4.30
N THR D 232 8.36 42.07 4.21
CA THR D 232 7.18 42.75 3.72
C THR D 232 5.94 42.31 4.50
N GLU D 233 5.03 43.24 4.76
CA GLU D 233 3.74 42.86 5.33
C GLU D 233 2.88 42.22 4.25
N VAL D 234 2.44 40.99 4.50
CA VAL D 234 1.54 40.33 3.57
C VAL D 234 0.24 39.98 4.26
N VAL D 235 -0.87 40.15 3.54
CA VAL D 235 -2.17 39.74 4.04
C VAL D 235 -2.27 38.22 3.95
N ILE D 236 -2.52 37.58 5.09
CA ILE D 236 -2.68 36.14 5.12
C ILE D 236 -4.14 35.78 4.83
N HIS D 237 -5.04 36.63 5.31
CA HIS D 237 -6.46 36.56 4.96
C HIS D 237 -7.19 37.81 5.44
N GLU D 238 -8.22 38.20 4.70
CA GLU D 238 -8.96 39.43 5.03
C GLU D 238 -10.02 39.18 6.09
N GLU D 239 -10.65 40.26 6.54
CA GLU D 239 -11.73 40.15 7.51
C GLU D 239 -12.88 39.36 6.91
N GLY D 240 -13.66 38.73 7.77
CA GLY D 240 -14.78 37.94 7.31
C GLY D 240 -15.65 37.48 8.46
N GLU D 241 -16.73 36.78 8.12
CA GLU D 241 -17.60 36.19 9.12
C GLU D 241 -17.94 34.78 8.68
N GLU D 242 -18.56 34.01 9.57
CA GLU D 242 -18.84 32.62 9.27
C GLU D 242 -19.86 32.00 10.21
N TRP D 243 -20.70 31.11 9.66
CA TRP D 243 -21.67 30.37 10.45
C TRP D 243 -21.25 28.93 10.59
N GLY D 244 -21.12 28.46 11.83
CA GLY D 244 -20.72 27.09 12.08
C GLY D 244 -21.76 26.32 12.86
N VAL D 245 -21.50 25.03 13.05
CA VAL D 245 -22.38 24.18 13.83
C VAL D 245 -21.55 23.22 14.66
N ARG D 246 -22.18 22.61 15.67
CA ARG D 246 -21.52 21.60 16.48
C ARG D 246 -22.20 20.26 16.25
N PRO D 247 -21.58 19.41 15.41
CA PRO D 247 -22.18 18.12 15.06
C PRO D 247 -22.63 17.36 16.30
N ASP D 248 -21.96 17.59 17.44
CA ASP D 248 -22.34 16.94 18.68
C ASP D 248 -23.62 17.51 19.25
N GLY D 249 -23.80 18.82 19.12
CA GLY D 249 -25.04 19.45 19.53
C GLY D 249 -26.19 18.96 18.67
N ILE D 250 -25.93 18.84 17.37
CA ILE D 250 -26.93 18.38 16.43
C ILE D 250 -27.39 16.95 16.76
N PHE D 251 -26.47 16.15 17.29
CA PHE D 251 -26.81 14.77 17.64
C PHE D 251 -27.48 14.65 19.00
N PHE D 252 -27.22 15.61 19.89
CA PHE D 252 -27.93 15.65 21.17
C PHE D 252 -29.38 16.01 20.94
N ALA D 253 -29.61 16.97 20.05
CA ALA D 253 -30.97 17.40 19.71
C ALA D 253 -31.76 16.30 19.01
N GLU D 254 -31.16 15.69 17.99
CA GLU D 254 -31.83 14.63 17.23
C GLU D 254 -32.08 13.41 18.12
N ALA D 255 -31.25 13.25 19.15
CA ALA D 255 -31.45 12.17 20.11
C ALA D 255 -32.72 12.41 20.91
N ALA D 256 -32.94 13.66 21.29
CA ALA D 256 -34.15 14.04 22.01
C ALA D 256 -35.36 13.98 21.09
N TYR D 257 -35.23 14.58 19.91
CA TYR D 257 -36.31 14.65 18.94
C TYR D 257 -36.82 13.27 18.52
N GLN D 258 -35.92 12.31 18.41
CA GLN D 258 -36.30 10.96 18.02
C GLN D 258 -36.94 10.19 19.16
N ARG D 259 -36.46 10.43 20.39
CA ARG D 259 -37.02 9.76 21.55
C ARG D 259 -38.45 10.19 21.83
N ARG D 260 -38.75 11.46 21.55
CA ARG D 260 -40.11 11.95 21.68
C ARG D 260 -40.98 11.31 20.60
N LYS D 261 -40.42 11.15 19.41
CA LYS D 261 -41.13 10.53 18.29
C LYS D 261 -41.44 9.06 18.57
N LEU D 262 -40.46 8.30 19.04
CA LEU D 262 -40.69 6.91 19.40
C LEU D 262 -41.74 6.78 20.50
N GLU D 263 -41.70 7.70 21.46
CA GLU D 263 -42.72 7.75 22.50
C GLU D 263 -44.11 7.89 21.90
N ARG D 264 -44.27 8.90 21.05
CA ARG D 264 -45.56 9.19 20.43
C ARG D 264 -45.96 8.10 19.44
N ILE D 265 -44.99 7.30 19.02
CA ILE D 265 -45.26 6.19 18.10
C ILE D 265 -45.63 4.93 18.88
N GLU D 266 -45.22 4.88 20.14
CA GLU D 266 -45.46 3.71 20.97
C GLU D 266 -46.76 3.79 21.76
N ALA D 267 -47.27 4.99 21.97
CA ALA D 267 -48.57 5.18 22.61
C ALA D 267 -49.67 4.88 21.61
N ARG D 268 -49.47 5.35 20.38
CA ARG D 268 -50.36 5.02 19.27
C ARG D 268 -50.34 3.52 19.05
N LEU D 269 -49.14 2.96 18.88
CA LEU D 269 -48.97 1.54 18.68
C LEU D 269 -49.57 0.76 19.83
N SER D 270 -49.68 1.41 20.99
CA SER D 270 -50.19 0.77 22.19
C SER D 270 -51.71 0.80 22.23
N ALA D 271 -52.31 1.84 21.65
CA ALA D 271 -53.75 2.02 21.66
C ALA D 271 -54.46 1.08 20.70
N LEU D 272 -53.70 0.54 19.73
CA LEU D 272 -54.30 -0.30 18.69
C LEU D 272 -54.77 -1.66 19.21
N GLU D 273 -53.84 -2.45 19.74
CA GLU D 273 -54.17 -3.77 20.26
C GLU D 273 -55.40 -3.71 21.16
N GLN D 274 -55.39 -2.78 22.12
CA GLN D 274 -56.52 -2.58 23.02
C GLN D 274 -56.91 -3.89 23.72
N HIS E 11 32.47 27.41 20.59
CA HIS E 11 32.48 26.79 21.90
C HIS E 11 32.63 27.86 22.97
N VAL E 12 31.52 28.22 23.60
CA VAL E 12 31.49 29.35 24.53
C VAL E 12 30.54 29.10 25.69
N THR E 13 30.80 29.75 26.82
CA THR E 13 29.86 29.73 27.94
C THR E 13 29.53 31.16 28.37
N ILE E 14 28.26 31.39 28.67
CA ILE E 14 27.82 32.70 29.11
C ILE E 14 27.63 32.71 30.63
N ARG E 15 28.12 33.77 31.27
CA ARG E 15 28.08 33.86 32.73
C ARG E 15 26.97 34.78 33.21
N ILE E 22 22.93 35.22 39.14
CA ILE E 22 21.78 34.32 39.14
C ILE E 22 21.33 33.95 37.73
N ARG E 23 21.52 34.87 36.78
CA ARG E 23 21.15 34.59 35.41
C ARG E 23 22.22 35.01 34.40
N SER E 24 22.33 34.26 33.32
CA SER E 24 23.19 34.62 32.20
C SER E 24 22.32 35.16 31.08
N GLU E 25 22.80 36.20 30.39
CA GLU E 25 21.98 36.86 29.39
C GLU E 25 22.71 37.12 28.08
N VAL E 26 22.04 36.81 26.98
CA VAL E 26 22.46 37.25 25.66
C VAL E 26 21.38 38.19 25.11
N LEU E 27 21.74 39.43 24.84
CA LEU E 27 20.80 40.33 24.20
C LEU E 27 21.23 40.64 22.77
N MET E 28 20.27 40.58 21.86
CA MET E 28 20.53 40.81 20.44
C MET E 28 19.98 42.17 20.00
N GLU E 29 20.82 42.95 19.33
CA GLU E 29 20.44 44.28 18.90
C GLU E 29 19.95 44.30 17.46
N GLY E 30 19.73 45.49 16.93
CA GLY E 30 19.18 45.65 15.59
C GLY E 30 17.67 45.53 15.58
N GLU E 31 17.07 45.50 14.40
CA GLU E 31 15.62 45.34 14.27
C GLU E 31 15.19 43.95 14.73
N TYR E 32 15.87 42.93 14.21
CA TYR E 32 15.63 41.57 14.67
C TYR E 32 16.94 40.82 14.89
N GLY E 33 16.88 39.78 15.72
CA GLY E 33 18.03 38.91 15.93
C GLY E 33 17.83 37.62 15.17
N PHE E 34 18.95 36.98 14.83
CA PHE E 34 18.90 35.73 14.09
C PHE E 34 19.92 34.74 14.64
N ILE E 35 19.47 33.54 14.98
CA ILE E 35 20.37 32.50 15.46
C ILE E 35 20.19 31.26 14.58
N GLY E 36 21.16 31.00 13.73
CA GLY E 36 21.03 29.96 12.73
C GLY E 36 22.16 28.94 12.66
N LYS E 37 22.02 28.02 11.71
CA LYS E 37 22.96 26.92 11.56
C LYS E 37 23.62 26.91 10.19
N SER E 38 24.94 27.07 10.17
CA SER E 38 25.69 26.99 8.91
C SER E 38 25.49 25.62 8.26
N ILE E 39 25.77 25.55 6.96
CA ILE E 39 25.73 24.27 6.27
C ILE E 39 26.95 23.47 6.65
N PRO E 40 26.74 22.29 7.25
CA PRO E 40 27.85 21.42 7.65
C PRO E 40 28.70 21.03 6.44
N THR E 41 30.02 21.04 6.62
CA THR E 41 30.93 20.76 5.52
C THR E 41 31.01 19.28 5.17
N ASP E 42 31.00 18.43 6.19
CA ASP E 42 31.21 17.00 6.00
C ASP E 42 29.94 16.16 6.01
N ASN E 43 28.94 16.57 6.79
CA ASN E 43 27.66 15.86 6.84
C ASN E 43 26.47 16.82 6.86
N PRO E 44 26.13 17.38 5.69
CA PRO E 44 25.03 18.34 5.54
C PRO E 44 23.68 17.76 5.93
N ALA E 45 23.59 16.44 6.06
CA ALA E 45 22.33 15.78 6.34
C ALA E 45 21.97 15.74 7.82
N GLY E 46 22.83 16.32 8.65
CA GLY E 46 22.59 16.37 10.08
C GLY E 46 22.31 17.78 10.55
N GLN E 47 22.34 18.72 9.60
CA GLN E 47 22.14 20.13 9.91
C GLN E 47 20.94 20.38 10.82
N ARG E 48 21.19 21.03 11.94
CA ARG E 48 20.14 21.30 12.92
C ARG E 48 20.73 22.01 14.13
N ILE E 49 19.92 22.84 14.78
CA ILE E 49 20.30 23.38 16.08
C ILE E 49 19.46 22.70 17.16
N ILE E 50 20.05 22.49 18.32
CA ILE E 50 19.32 21.89 19.43
C ILE E 50 19.26 22.89 20.57
N PHE E 51 18.05 23.16 21.04
CA PHE E 51 17.84 24.04 22.20
C PHE E 51 17.44 23.16 23.37
N CYS E 52 18.10 23.36 24.50
CA CYS E 52 17.92 22.47 25.64
C CYS E 52 17.87 23.24 26.95
N GLY E 53 16.96 22.83 27.83
CA GLY E 53 16.84 23.45 29.14
C GLY E 53 17.87 22.89 30.09
N GLY E 54 18.59 21.87 29.65
CA GLY E 54 19.55 21.20 30.48
C GLY E 54 21.00 21.24 29.99
N GLU E 55 21.85 20.54 30.74
CA GLU E 55 23.30 20.57 30.56
C GLU E 55 23.79 19.95 29.25
N GLY E 56 23.10 18.93 28.77
CA GLY E 56 23.67 18.11 27.71
C GLY E 56 22.83 17.81 26.49
N THR E 57 23.49 17.25 25.48
CA THR E 57 22.87 16.91 24.21
C THR E 57 21.72 15.92 24.41
N SER E 58 21.77 15.15 25.48
CA SER E 58 20.73 14.17 25.79
C SER E 58 19.47 14.85 26.33
N SER E 59 18.31 14.38 25.88
CA SER E 59 17.04 14.97 26.29
C SER E 59 16.66 14.58 27.72
N THR E 60 17.26 13.50 28.23
CA THR E 60 17.07 13.11 29.62
C THR E 60 17.60 14.22 30.52
N THR E 61 18.33 15.15 29.91
CA THR E 61 18.99 16.23 30.62
C THR E 61 18.08 17.45 30.82
N GLY E 62 17.14 17.63 29.90
CA GLY E 62 16.22 18.75 29.97
C GLY E 62 15.36 18.83 28.73
N ALA E 63 14.31 19.65 28.78
CA ALA E 63 13.44 19.84 27.63
C ALA E 63 14.22 20.35 26.43
N GLN E 64 13.80 19.96 25.23
CA GLN E 64 14.52 20.34 24.03
C GLN E 64 13.60 20.70 22.88
N ILE E 65 14.00 21.68 22.09
CA ILE E 65 13.40 21.94 20.80
C ILE E 65 14.48 21.86 19.73
N THR E 66 14.24 21.07 18.70
CA THR E 66 15.24 20.86 17.67
C THR E 66 14.71 21.33 16.32
N LEU E 67 15.46 22.24 15.69
CA LEU E 67 15.11 22.74 14.38
C LEU E 67 16.01 22.11 13.32
N TYR E 68 15.40 21.40 12.38
CA TYR E 68 16.16 20.75 11.31
C TYR E 68 16.34 21.69 10.12
N GLY E 69 17.54 21.69 9.55
CA GLY E 69 17.81 22.50 8.38
C GLY E 69 17.14 21.92 7.15
N ALA E 70 17.15 22.69 6.06
CA ALA E 70 16.60 22.21 4.80
C ALA E 70 17.41 21.03 4.27
N ASN E 71 18.71 21.07 4.48
CA ASN E 71 19.61 20.03 4.02
C ASN E 71 19.54 18.74 4.84
N ASN E 72 18.95 18.83 6.02
CA ASN E 72 18.81 17.66 6.90
C ASN E 72 17.96 16.56 6.28
N THR E 73 18.33 15.31 6.56
CA THR E 73 17.55 14.17 6.09
C THR E 73 16.06 14.45 6.29
N ASP E 74 15.70 14.76 7.53
CA ASP E 74 14.34 15.15 7.85
C ASP E 74 14.21 16.67 7.68
N SER E 75 14.06 17.08 6.42
CA SER E 75 14.15 18.49 6.03
C SER E 75 13.12 19.41 6.70
N ARG E 76 13.63 20.44 7.37
CA ARG E 76 12.79 21.46 7.99
C ARG E 76 11.88 20.90 9.07
N ARG E 77 12.32 19.82 9.71
CA ARG E 77 11.56 19.23 10.80
C ARG E 77 11.71 20.02 12.10
N ILE E 78 10.66 20.05 12.90
CA ILE E 78 10.78 20.53 14.27
C ILE E 78 10.30 19.45 15.22
N VAL E 79 11.14 19.14 16.20
CA VAL E 79 10.77 18.20 17.24
C VAL E 79 10.72 18.91 18.58
N TYR E 80 9.57 18.84 19.23
CA TYR E 80 9.40 19.43 20.55
C TYR E 80 9.44 18.33 21.60
N ASN E 81 10.53 18.26 22.36
CA ASN E 81 10.69 17.21 23.34
C ASN E 81 10.68 17.71 24.79
N GLY E 82 9.55 17.50 25.46
CA GLY E 82 9.39 17.86 26.85
C GLY E 82 8.39 16.96 27.55
N ASP E 83 8.43 16.95 28.89
CA ASP E 83 7.49 16.15 29.65
C ASP E 83 6.17 16.89 29.83
N GLU E 84 6.17 18.15 29.43
CA GLU E 84 4.94 18.94 29.35
C GLU E 84 5.02 19.89 28.17
N HIS E 85 3.91 20.09 27.49
CA HIS E 85 3.81 21.09 26.45
C HIS E 85 2.65 22.02 26.79
N LEU E 86 2.98 23.21 27.28
CA LEU E 86 1.98 24.13 27.78
C LEU E 86 1.93 25.42 26.98
N PHE E 87 0.81 25.62 26.28
CA PHE E 87 0.64 26.79 25.44
C PHE E 87 -0.18 27.85 26.17
N GLN E 88 0.48 28.95 26.52
CA GLN E 88 -0.08 29.97 27.38
C GLN E 88 -0.46 31.22 26.61
N SER E 89 -1.64 31.77 26.94
CA SER E 89 -2.03 33.11 26.51
C SER E 89 -2.61 33.23 25.09
N ALA E 90 -2.80 32.11 24.41
CA ALA E 90 -3.34 32.14 23.06
C ALA E 90 -3.78 30.76 22.58
N ASP E 91 -4.71 30.74 21.64
CA ASP E 91 -5.17 29.50 21.05
C ASP E 91 -4.01 28.81 20.32
N VAL E 92 -4.04 27.49 20.26
CA VAL E 92 -3.12 26.77 19.39
C VAL E 92 -3.71 26.77 17.98
N LYS E 93 -3.11 27.56 17.11
CA LYS E 93 -3.68 27.79 15.78
C LYS E 93 -2.77 27.37 14.63
N PRO E 94 -3.38 26.95 13.51
CA PRO E 94 -2.66 26.75 12.25
C PRO E 94 -2.44 28.11 11.63
N TYR E 95 -1.34 28.28 10.91
CA TYR E 95 -1.02 29.56 10.31
C TYR E 95 -2.06 29.94 9.24
N ASN E 96 -2.43 28.98 8.41
CA ASN E 96 -3.42 29.22 7.37
C ASN E 96 -4.76 28.60 7.71
N ASP E 97 -5.77 28.88 6.90
CA ASP E 97 -7.10 28.36 7.13
C ASP E 97 -7.33 27.05 6.40
N ASN E 98 -7.70 26.02 7.16
CA ASN E 98 -8.10 24.73 6.59
C ASN E 98 -7.12 24.13 5.57
N VAL E 99 -5.85 24.02 5.94
CA VAL E 99 -4.88 23.32 5.09
C VAL E 99 -3.98 22.37 5.90
N THR E 100 -3.86 22.60 7.20
CA THR E 100 -3.09 21.70 8.05
C THR E 100 -3.98 21.02 9.09
N ALA E 101 -3.60 19.82 9.49
CA ALA E 101 -4.43 19.00 10.38
C ALA E 101 -3.81 18.82 11.76
N LEU E 102 -4.64 18.40 12.70
CA LEU E 102 -4.18 17.97 14.01
C LEU E 102 -3.89 16.48 13.95
N GLY E 103 -2.63 16.11 14.16
CA GLY E 103 -2.22 14.72 14.08
C GLY E 103 -2.23 14.17 12.66
N GLY E 104 -2.12 12.86 12.53
CA GLY E 104 -2.11 12.20 11.25
C GLY E 104 -2.45 10.72 11.36
N PRO E 105 -2.53 10.02 10.22
CA PRO E 105 -2.88 8.60 10.17
C PRO E 105 -1.99 7.77 11.10
N SER E 106 -0.71 8.09 11.13
CA SER E 106 0.25 7.35 11.94
C SER E 106 0.77 8.23 13.09
N ASN E 107 0.21 9.43 13.20
CA ASN E 107 0.50 10.31 14.33
C ASN E 107 -0.80 10.74 15.00
N ARG E 108 -1.51 9.78 15.58
CA ARG E 108 -2.79 10.06 16.21
C ARG E 108 -2.61 10.53 17.65
N PHE E 109 -3.32 11.60 17.99
CA PHE E 109 -3.49 11.94 19.40
C PHE E 109 -4.49 10.94 19.97
N THR E 110 -4.24 10.47 21.19
CA THR E 110 -5.15 9.51 21.80
C THR E 110 -6.56 10.07 21.84
N THR E 111 -6.68 11.33 22.24
CA THR E 111 -7.97 12.00 22.32
C THR E 111 -7.77 13.51 22.47
N ALA E 112 -8.86 14.26 22.47
CA ALA E 112 -8.82 15.68 22.77
C ALA E 112 -9.74 15.96 23.96
N TYR E 113 -9.19 16.63 24.98
CA TYR E 113 -9.98 17.05 26.13
C TYR E 113 -10.52 18.46 25.91
N LEU E 114 -11.83 18.56 25.68
CA LEU E 114 -12.45 19.83 25.32
C LEU E 114 -13.48 20.30 26.34
N GLY E 115 -13.60 21.61 26.50
CA GLY E 115 -14.58 22.20 27.40
C GLY E 115 -15.96 22.28 26.76
N SER E 116 -15.98 22.21 25.44
CA SER E 116 -17.24 22.15 24.71
C SER E 116 -17.03 21.37 23.41
N ASN E 117 -18.11 21.08 22.71
CA ASN E 117 -18.04 20.24 21.51
C ASN E 117 -17.48 20.98 20.30
N PRO E 118 -16.73 20.25 19.45
CA PRO E 118 -16.06 20.81 18.28
C PRO E 118 -16.98 21.66 17.41
N ILE E 119 -16.40 22.69 16.78
CA ILE E 119 -17.14 23.52 15.84
C ILE E 119 -16.64 23.23 14.44
N VAL E 120 -17.54 22.77 13.58
CA VAL E 120 -17.20 22.55 12.19
C VAL E 120 -17.81 23.65 11.32
N THR E 121 -16.97 24.34 10.56
CA THR E 121 -17.44 25.41 9.69
C THR E 121 -16.70 25.37 8.36
N ALA E 122 -17.31 25.96 7.34
CA ALA E 122 -16.70 26.01 6.02
C ALA E 122 -16.09 27.37 5.78
N ASN E 123 -16.40 28.31 6.67
CA ASN E 123 -15.92 29.68 6.53
C ASN E 123 -16.18 30.24 5.14
N GLY E 124 -17.33 29.90 4.57
CA GLY E 124 -17.73 30.46 3.28
C GLY E 124 -17.30 29.66 2.06
N GLU E 125 -16.59 28.56 2.28
CA GLU E 125 -16.19 27.72 1.16
C GLU E 125 -17.43 27.11 0.50
N ARG E 126 -17.59 27.37 -0.80
CA ARG E 126 -18.76 26.93 -1.54
C ARG E 126 -18.84 25.42 -1.69
N LYS E 127 -19.98 24.86 -1.29
CA LYS E 127 -20.27 23.46 -1.49
C LYS E 127 -21.36 23.32 -2.56
N THR E 128 -21.52 22.11 -3.11
CA THR E 128 -22.58 21.88 -4.09
C THR E 128 -23.95 22.03 -3.42
N GLU E 129 -25.00 22.00 -4.22
CA GLU E 129 -26.34 22.05 -3.65
C GLU E 129 -26.61 20.76 -2.91
N PRO E 130 -27.09 20.87 -1.66
CA PRO E 130 -27.31 19.72 -0.78
C PRO E 130 -28.32 18.72 -1.34
N VAL E 131 -27.99 17.43 -1.28
CA VAL E 131 -28.89 16.38 -1.73
C VAL E 131 -29.24 15.48 -0.55
N VAL E 132 -30.48 15.04 -0.50
CA VAL E 132 -30.91 14.14 0.58
C VAL E 132 -30.28 12.76 0.39
N PHE E 133 -30.21 12.00 1.47
CA PHE E 133 -29.72 10.63 1.41
C PHE E 133 -30.63 9.79 0.54
N ASP E 134 -30.19 9.47 -0.67
CA ASP E 134 -30.98 8.64 -1.57
C ASP E 134 -31.38 7.34 -0.89
N ASP E 135 -32.45 6.73 -1.36
CA ASP E 135 -33.00 5.53 -0.73
C ASP E 135 -32.05 4.34 -0.79
N ALA E 136 -31.24 4.26 -1.84
CA ALA E 136 -30.32 3.15 -2.01
C ALA E 136 -29.21 3.16 -0.97
N PHE E 137 -28.84 4.36 -0.51
CA PHE E 137 -27.80 4.49 0.50
C PHE E 137 -28.33 4.13 1.89
N LEU E 138 -29.59 4.48 2.16
CA LEU E 138 -30.21 4.16 3.44
C LEU E 138 -30.48 2.66 3.57
N ASP E 139 -30.73 2.00 2.45
CA ASP E 139 -30.86 0.55 2.43
C ASP E 139 -29.54 -0.05 2.90
N ALA E 140 -28.46 0.43 2.31
CA ALA E 140 -27.12 -0.02 2.67
C ALA E 140 -26.81 0.25 4.13
N TRP E 141 -27.03 1.49 4.56
CA TRP E 141 -26.69 1.90 5.91
C TRP E 141 -27.38 1.05 6.97
N GLY E 142 -28.43 0.35 6.56
CA GLY E 142 -29.15 -0.53 7.47
C GLY E 142 -28.32 -1.73 7.86
N ASP E 143 -27.38 -2.10 7.00
CA ASP E 143 -26.51 -3.24 7.26
C ASP E 143 -25.25 -2.86 8.03
N VAL E 144 -25.20 -1.62 8.49
CA VAL E 144 -24.09 -1.16 9.33
C VAL E 144 -24.32 -1.58 10.77
N HIS E 145 -23.28 -2.14 11.40
CA HIS E 145 -23.43 -2.70 12.74
C HIS E 145 -22.71 -1.86 13.80
N TYR E 146 -23.46 -1.42 14.81
CA TYR E 146 -22.86 -0.72 15.92
C TYR E 146 -22.43 -1.73 16.98
N ILE E 147 -21.12 -1.78 17.23
CA ILE E 147 -20.54 -2.84 18.05
C ILE E 147 -19.81 -2.33 19.29
N MET E 148 -19.50 -3.25 20.20
CA MET E 148 -18.70 -2.95 21.37
C MET E 148 -17.38 -3.69 21.24
N TYR E 149 -16.31 -3.15 21.83
CA TYR E 149 -15.02 -3.80 21.73
C TYR E 149 -14.02 -3.38 22.82
N GLN E 150 -12.88 -4.05 22.82
CA GLN E 150 -11.80 -3.76 23.75
C GLN E 150 -10.52 -3.82 22.93
N TRP E 151 -9.51 -3.06 23.33
CA TRP E 151 -8.22 -3.10 22.63
C TRP E 151 -7.39 -4.28 23.14
N LEU E 152 -6.82 -5.03 22.21
CA LEU E 152 -6.02 -6.20 22.58
C LEU E 152 -4.81 -5.82 23.43
N ASP E 153 -4.34 -4.59 23.27
CA ASP E 153 -3.28 -4.08 24.12
C ASP E 153 -3.77 -4.04 25.56
N ALA E 154 -5.01 -3.61 25.73
CA ALA E 154 -5.57 -3.42 27.06
C ALA E 154 -6.06 -4.72 27.72
N VAL E 155 -6.30 -5.75 26.93
CA VAL E 155 -6.78 -7.03 27.47
C VAL E 155 -5.68 -7.76 28.25
N GLN E 156 -4.47 -7.75 27.70
CA GLN E 156 -3.30 -8.38 28.35
C GLN E 156 -3.17 -7.85 29.77
N LEU E 157 -3.27 -6.53 29.86
CA LEU E 157 -2.96 -5.79 31.08
C LEU E 157 -4.08 -5.88 32.13
N LYS E 158 -5.34 -5.83 31.68
CA LYS E 158 -6.50 -5.86 32.56
C LYS E 158 -7.63 -6.74 32.07
N GLY E 159 -7.47 -7.31 30.87
CA GLY E 159 -8.47 -8.18 30.29
C GLY E 159 -9.01 -9.28 31.20
N ASN E 160 -10.34 -9.39 31.22
CA ASN E 160 -11.14 -8.52 30.37
C ASN E 160 -11.81 -7.39 31.16
N ASP E 161 -11.24 -7.07 32.32
CA ASP E 161 -11.72 -5.93 33.09
C ASP E 161 -11.42 -4.65 32.30
N ALA E 162 -10.83 -4.83 31.13
CA ALA E 162 -10.47 -3.72 30.25
C ALA E 162 -11.66 -2.85 29.89
N ARG E 163 -11.38 -1.67 29.37
CA ARG E 163 -12.43 -0.73 28.99
C ARG E 163 -13.13 -1.14 27.70
N ILE E 164 -14.45 -1.02 27.69
CA ILE E 164 -15.26 -1.30 26.51
C ILE E 164 -15.51 -0.01 25.74
N HIS E 165 -15.18 -0.01 24.45
CA HIS E 165 -15.42 1.16 23.61
C HIS E 165 -16.57 0.88 22.65
N PHE E 166 -17.33 1.92 22.32
CA PHE E 166 -18.40 1.80 21.34
C PHE E 166 -17.93 2.32 19.99
N GLY E 167 -18.62 1.92 18.92
CA GLY E 167 -18.30 2.38 17.59
C GLY E 167 -18.51 1.32 16.52
N VAL E 168 -18.00 1.60 15.32
CA VAL E 168 -18.14 0.68 14.21
C VAL E 168 -16.77 0.28 13.68
N ILE E 169 -16.75 -0.71 12.79
CA ILE E 169 -15.52 -1.15 12.15
C ILE E 169 -15.48 -0.66 10.71
N ALA E 170 -14.46 0.13 10.38
CA ALA E 170 -14.32 0.70 9.04
C ALA E 170 -14.53 -0.36 7.96
N GLN E 171 -14.00 -1.56 8.20
CA GLN E 171 -14.10 -2.65 7.23
C GLN E 171 -15.53 -3.13 7.00
N GLN E 172 -16.26 -3.40 8.08
CA GLN E 172 -17.62 -3.92 7.94
C GLN E 172 -18.51 -2.86 7.31
N ILE E 173 -18.06 -1.61 7.32
CA ILE E 173 -18.73 -0.54 6.60
C ILE E 173 -18.39 -0.69 5.12
N ARG E 174 -17.11 -0.90 4.85
CA ARG E 174 -16.60 -1.08 3.49
C ARG E 174 -17.27 -2.25 2.81
N ASP E 175 -17.54 -3.31 3.56
CA ASP E 175 -18.24 -4.47 3.04
C ASP E 175 -19.66 -4.11 2.64
N VAL E 176 -20.38 -3.47 3.55
CA VAL E 176 -21.75 -3.04 3.31
C VAL E 176 -21.84 -2.15 2.08
N PHE E 177 -20.80 -1.35 1.86
CA PHE E 177 -20.74 -0.48 0.69
C PHE E 177 -20.55 -1.29 -0.59
N ILE E 178 -19.82 -2.40 -0.47
CA ILE E 178 -19.62 -3.31 -1.60
C ILE E 178 -20.90 -4.08 -1.90
N ALA E 179 -21.44 -4.74 -0.88
CA ALA E 179 -22.64 -5.55 -1.02
C ALA E 179 -23.77 -4.79 -1.71
N HIS E 180 -23.82 -3.47 -1.47
CA HIS E 180 -24.86 -2.63 -2.03
C HIS E 180 -24.36 -1.81 -3.22
N GLY E 181 -23.19 -2.19 -3.73
CA GLY E 181 -22.66 -1.59 -4.94
C GLY E 181 -22.68 -0.08 -5.03
N LEU E 182 -21.99 0.59 -4.09
CA LEU E 182 -21.65 1.99 -4.25
C LEU E 182 -20.16 2.21 -3.96
N MET E 183 -19.41 1.11 -3.94
CA MET E 183 -17.97 1.16 -3.75
C MET E 183 -17.32 -0.12 -4.26
N ASN E 189 -10.29 3.93 -3.10
CA ASN E 189 -10.43 5.36 -3.33
C ASN E 189 -11.84 5.80 -2.96
N CYS E 190 -12.27 5.50 -1.74
CA CYS E 190 -13.65 5.67 -1.29
C CYS E 190 -14.32 6.96 -1.78
N ARG E 191 -15.59 6.85 -2.12
CA ARG E 191 -16.38 8.00 -2.57
C ARG E 191 -16.96 8.77 -1.39
N TYR E 192 -17.06 8.11 -0.24
CA TYR E 192 -17.66 8.72 0.94
C TYR E 192 -16.63 9.11 2.00
N ALA E 193 -16.73 10.34 2.46
CA ALA E 193 -15.77 10.88 3.43
C ALA E 193 -15.92 10.24 4.81
N VAL E 194 -17.01 9.52 5.02
CA VAL E 194 -17.26 8.87 6.30
C VAL E 194 -16.28 7.72 6.52
N LEU E 195 -15.74 7.20 5.42
CA LEU E 195 -14.76 6.14 5.46
C LEU E 195 -13.43 6.71 4.99
N CYS E 196 -12.40 6.62 5.83
CA CYS E 196 -11.11 7.21 5.49
C CYS E 196 -9.96 6.20 5.48
N TYR E 197 -9.33 6.07 4.32
CA TYR E 197 -8.20 5.16 4.15
C TYR E 197 -6.93 5.95 3.85
N ASP E 198 -5.86 5.68 4.61
CA ASP E 198 -4.59 6.35 4.39
C ASP E 198 -3.45 5.34 4.30
N LYS E 199 -2.51 5.61 3.40
CA LYS E 199 -1.28 4.85 3.33
C LYS E 199 -0.13 5.80 3.66
N TYR E 200 0.73 5.39 4.59
CA TYR E 200 1.72 6.31 5.15
C TYR E 200 3.14 5.74 5.17
N PRO E 201 4.14 6.62 4.99
CA PRO E 201 5.55 6.25 4.96
C PRO E 201 6.05 5.88 6.35
N ARG E 202 7.24 5.29 6.41
CA ARG E 202 7.87 5.00 7.68
C ARG E 202 8.36 6.31 8.29
N MET E 203 8.59 6.29 9.60
CA MET E 203 9.14 7.46 10.28
C MET E 203 10.51 7.16 10.87
N THR E 204 11.49 7.98 10.51
CA THR E 204 12.83 7.87 11.08
C THR E 204 13.23 9.17 11.74
N ASP E 205 14.25 9.09 12.59
CA ASP E 205 14.74 10.26 13.31
C ASP E 205 16.20 9.99 13.67
N THR E 206 17.02 11.03 13.72
CA THR E 206 18.36 10.86 14.27
C THR E 206 18.30 11.28 15.74
N VAL E 207 18.70 10.34 16.60
CA VAL E 207 18.45 10.47 18.04
C VAL E 207 19.68 10.12 18.85
N PHE E 208 19.84 10.78 19.99
CA PHE E 208 20.95 10.46 20.90
C PHE E 208 20.75 9.08 21.51
N SER E 209 21.79 8.27 21.45
CA SER E 209 21.75 6.94 22.03
C SER E 209 22.70 6.83 23.21
N HIS E 210 23.96 7.22 22.99
CA HIS E 210 25.01 7.05 23.98
C HIS E 210 26.20 7.92 23.63
N ASN E 211 27.11 8.05 24.59
CA ASN E 211 28.45 8.54 24.29
C ASN E 211 29.30 7.30 24.00
N GLU E 212 30.43 7.49 23.33
CA GLU E 212 31.30 6.37 23.03
C GLU E 212 32.77 6.77 23.12
N ILE E 213 33.63 5.77 23.33
CA ILE E 213 35.06 6.03 23.35
C ILE E 213 35.60 6.31 21.95
N VAL E 214 36.32 7.42 21.83
CA VAL E 214 37.02 7.76 20.60
C VAL E 214 38.49 7.89 20.94
N GLU E 215 39.32 7.03 20.37
CA GLU E 215 40.75 7.11 20.66
C GLU E 215 41.49 8.01 19.67
N HIS E 216 42.40 8.81 20.21
CA HIS E 216 43.17 9.77 19.44
C HIS E 216 44.66 9.41 19.52
N THR E 217 45.30 9.17 18.36
CA THR E 217 46.74 8.93 18.33
C THR E 217 47.42 10.05 17.57
N ASP E 218 48.43 10.66 18.20
CA ASP E 218 49.17 11.72 17.49
C ASP E 218 50.19 11.10 16.53
N GLU E 219 50.96 11.96 15.85
CA GLU E 219 52.05 11.51 15.01
C GLU E 219 52.97 10.60 15.81
N GLU E 220 53.48 11.14 16.92
CA GLU E 220 54.17 10.34 17.92
C GLU E 220 53.16 9.26 18.31
N GLY E 221 53.62 8.08 18.72
CA GLY E 221 52.73 6.93 18.90
C GLY E 221 51.50 7.09 19.80
N ASN E 222 51.61 7.91 20.86
CA ASN E 222 50.66 7.87 21.96
C ASN E 222 49.13 8.01 21.69
N VAL E 223 48.34 7.21 22.40
CA VAL E 223 46.88 7.17 22.26
C VAL E 223 46.16 7.89 23.40
N THR E 224 45.32 8.88 23.06
CA THR E 224 44.51 9.59 24.05
C THR E 224 43.03 9.20 23.96
N THR E 225 42.22 9.73 24.86
CA THR E 225 40.81 9.33 24.94
C THR E 225 39.84 10.45 25.31
N THR E 226 38.74 10.50 24.60
CA THR E 226 37.65 11.42 24.89
C THR E 226 36.32 10.70 24.65
N GLU E 227 35.24 11.21 25.23
CA GLU E 227 33.91 10.70 24.95
C GLU E 227 33.15 11.68 24.07
N GLU E 228 32.55 11.17 23.01
CA GLU E 228 31.81 12.00 22.07
C GLU E 228 30.37 11.51 21.97
N PRO E 229 29.42 12.43 21.83
CA PRO E 229 28.02 12.04 21.66
C PRO E 229 27.83 11.31 20.34
N VAL E 230 27.02 10.26 20.35
CA VAL E 230 26.70 9.54 19.13
C VAL E 230 25.20 9.63 18.84
N TYR E 231 24.86 10.14 17.67
CA TYR E 231 23.47 10.17 17.23
C TYR E 231 23.24 9.10 16.17
N THR E 232 22.23 8.26 16.40
CA THR E 232 21.92 7.18 15.48
C THR E 232 20.55 7.36 14.84
N GLU E 233 20.42 7.02 13.56
CA GLU E 233 19.11 7.02 12.93
C GLU E 233 18.27 5.91 13.52
N VAL E 234 17.03 6.24 13.90
CA VAL E 234 16.14 5.27 14.53
C VAL E 234 14.85 5.16 13.75
N VAL E 235 14.27 3.97 13.74
CA VAL E 235 12.96 3.75 13.13
C VAL E 235 11.88 3.90 14.18
N ILE E 236 10.99 4.86 14.00
CA ILE E 236 9.89 5.07 14.92
C ILE E 236 8.75 4.12 14.61
N HIS E 237 8.44 3.97 13.32
CA HIS E 237 7.45 3.02 12.87
C HIS E 237 7.60 2.77 11.36
N GLU E 238 7.34 1.54 10.96
CA GLU E 238 7.49 1.15 9.56
C GLU E 238 6.35 1.68 8.70
N GLU E 239 6.60 1.79 7.39
CA GLU E 239 5.56 2.19 6.45
C GLU E 239 4.34 1.30 6.61
N GLY E 240 3.15 1.89 6.46
CA GLY E 240 1.92 1.12 6.62
C GLY E 240 0.68 1.85 6.14
N GLU E 241 -0.48 1.40 6.62
CA GLU E 241 -1.75 1.97 6.18
C GLU E 241 -2.86 1.80 7.23
N GLU E 242 -3.88 2.65 7.14
CA GLU E 242 -4.97 2.64 8.12
C GLU E 242 -6.34 2.77 7.49
N TRP E 243 -7.33 2.16 8.14
CA TRP E 243 -8.74 2.39 7.83
C TRP E 243 -9.36 3.12 9.01
N GLY E 244 -10.12 4.18 8.72
CA GLY E 244 -10.74 4.99 9.76
C GLY E 244 -12.11 5.50 9.37
N VAL E 245 -12.79 6.12 10.32
CA VAL E 245 -14.14 6.65 10.09
C VAL E 245 -14.33 8.02 10.72
N ARG E 246 -15.37 8.72 10.28
CA ARG E 246 -15.77 9.96 10.92
C ARG E 246 -17.09 9.75 11.67
N PRO E 247 -17.00 9.53 12.99
CA PRO E 247 -18.16 9.25 13.83
C PRO E 247 -19.33 10.18 13.55
N ASP E 248 -19.05 11.46 13.35
CA ASP E 248 -20.07 12.44 13.05
C ASP E 248 -20.77 12.11 11.73
N GLY E 249 -19.97 11.93 10.68
CA GLY E 249 -20.50 11.51 9.40
C GLY E 249 -21.34 10.26 9.59
N ILE E 250 -20.80 9.30 10.33
CA ILE E 250 -21.56 8.11 10.64
C ILE E 250 -22.92 8.51 11.21
N PHE E 251 -22.91 9.43 12.17
CA PHE E 251 -24.12 9.84 12.90
C PHE E 251 -25.07 10.73 12.08
N PHE E 252 -24.55 11.38 11.05
CA PHE E 252 -25.41 12.07 10.11
C PHE E 252 -26.20 11.05 9.29
N ALA E 253 -25.51 9.99 8.88
CA ALA E 253 -26.12 8.94 8.05
C ALA E 253 -27.21 8.18 8.80
N GLU E 254 -26.91 7.74 10.02
CA GLU E 254 -27.87 7.07 10.90
C GLU E 254 -29.09 7.93 11.15
N ALA E 255 -28.91 9.25 11.12
CA ALA E 255 -30.01 10.19 11.35
C ALA E 255 -30.92 10.25 10.14
N ALA E 256 -30.32 10.20 8.95
CA ALA E 256 -31.10 10.18 7.72
C ALA E 256 -31.87 8.87 7.63
N TYR E 257 -31.22 7.79 8.05
CA TYR E 257 -31.80 6.46 8.02
C TYR E 257 -32.95 6.32 9.01
N GLN E 258 -32.70 6.67 10.27
CA GLN E 258 -33.69 6.52 11.31
C GLN E 258 -34.90 7.44 11.14
N ARG E 259 -34.70 8.55 10.45
CA ARG E 259 -35.83 9.42 10.11
C ARG E 259 -36.69 8.77 9.03
N ARG E 260 -36.04 8.08 8.10
CA ARG E 260 -36.76 7.38 7.04
C ARG E 260 -37.58 6.24 7.59
N LYS E 261 -37.03 5.53 8.57
CA LYS E 261 -37.75 4.44 9.22
C LYS E 261 -38.96 4.95 9.99
N LEU E 262 -38.80 6.08 10.67
CA LEU E 262 -39.89 6.65 11.47
C LEU E 262 -41.05 7.17 10.64
N GLU E 263 -40.75 7.77 9.49
CA GLU E 263 -41.80 8.26 8.61
C GLU E 263 -42.58 7.09 8.02
N ARG E 264 -41.87 6.01 7.71
CA ARG E 264 -42.50 4.81 7.19
C ARG E 264 -43.26 4.07 8.29
N ILE E 265 -42.98 4.42 9.54
CA ILE E 265 -43.69 3.85 10.68
C ILE E 265 -44.91 4.69 11.04
N GLU E 266 -44.83 6.00 10.82
CA GLU E 266 -45.93 6.90 11.12
C GLU E 266 -47.03 6.85 10.07
N ALA E 267 -46.66 6.48 8.85
CA ALA E 267 -47.65 6.32 7.78
C ALA E 267 -48.38 5.00 7.93
N ARG E 268 -47.66 3.98 8.40
CA ARG E 268 -48.26 2.68 8.67
C ARG E 268 -49.26 2.78 9.81
N LEU E 269 -48.88 3.49 10.88
CA LEU E 269 -49.79 3.77 11.98
C LEU E 269 -51.01 4.52 11.49
N SER E 270 -50.78 5.54 10.67
CA SER E 270 -51.86 6.37 10.14
C SER E 270 -52.75 5.60 9.17
N ALA E 271 -52.19 4.57 8.54
CA ALA E 271 -52.93 3.76 7.59
C ALA E 271 -53.76 2.69 8.29
N LEU E 272 -53.34 2.32 9.51
CA LEU E 272 -54.06 1.32 10.29
C LEU E 272 -55.18 1.97 11.09
N GLU E 273 -55.05 3.28 11.32
CA GLU E 273 -56.03 4.02 12.11
C GLU E 273 -56.99 4.77 11.18
N HIS F 11 -31.22 -29.62 -28.80
CA HIS F 11 -31.21 -28.43 -27.95
C HIS F 11 -31.96 -28.71 -26.66
N VAL F 12 -31.26 -28.64 -25.53
CA VAL F 12 -31.89 -28.89 -24.25
C VAL F 12 -31.45 -27.92 -23.16
N THR F 13 -32.28 -27.80 -22.13
CA THR F 13 -31.86 -27.07 -20.93
C THR F 13 -31.91 -28.04 -19.76
N ILE F 14 -30.86 -28.00 -18.94
CA ILE F 14 -30.82 -28.82 -17.73
C ILE F 14 -31.29 -27.98 -16.55
N ARG F 15 -32.21 -28.54 -15.77
CA ARG F 15 -32.79 -27.82 -14.65
C ARG F 15 -32.33 -28.38 -13.31
N ILE F 22 -31.08 -24.25 -7.54
CA ILE F 22 -29.78 -23.65 -7.25
C ILE F 22 -28.67 -24.21 -8.14
N ARG F 23 -28.89 -25.40 -8.68
CA ARG F 23 -27.87 -26.01 -9.54
C ARG F 23 -28.40 -27.13 -10.43
N SER F 24 -27.94 -27.13 -11.67
CA SER F 24 -28.23 -28.22 -12.61
C SER F 24 -27.05 -29.19 -12.68
N GLU F 25 -27.34 -30.46 -12.90
CA GLU F 25 -26.30 -31.47 -12.91
C GLU F 25 -26.42 -32.45 -14.08
N VAL F 26 -25.34 -32.57 -14.84
CA VAL F 26 -25.19 -33.66 -15.79
C VAL F 26 -24.18 -34.63 -15.22
N LEU F 27 -24.52 -35.92 -15.21
CA LEU F 27 -23.61 -36.92 -14.66
C LEU F 27 -23.38 -38.06 -15.62
N MET F 28 -22.12 -38.33 -15.91
CA MET F 28 -21.74 -39.34 -16.88
C MET F 28 -21.30 -40.62 -16.19
N GLU F 29 -21.84 -41.75 -16.62
CA GLU F 29 -21.50 -43.04 -16.03
C GLU F 29 -20.44 -43.77 -16.85
N GLY F 30 -20.29 -45.06 -16.57
CA GLY F 30 -19.28 -45.88 -17.22
C GLY F 30 -17.92 -45.57 -16.67
N GLU F 31 -16.88 -46.12 -17.30
CA GLU F 31 -15.51 -45.85 -16.88
C GLU F 31 -15.17 -44.39 -17.11
N TYR F 32 -15.46 -43.90 -18.32
CA TYR F 32 -15.22 -42.50 -18.66
C TYR F 32 -16.38 -41.88 -19.44
N GLY F 33 -16.42 -40.55 -19.45
CA GLY F 33 -17.43 -39.84 -20.21
C GLY F 33 -16.80 -39.11 -21.38
N PHE F 34 -17.49 -39.13 -22.51
CA PHE F 34 -17.02 -38.41 -23.69
C PHE F 34 -18.06 -37.37 -24.13
N ILE F 35 -17.60 -36.14 -24.30
CA ILE F 35 -18.45 -35.07 -24.82
C ILE F 35 -17.79 -34.45 -26.05
N GLY F 36 -18.33 -34.77 -27.23
CA GLY F 36 -17.70 -34.37 -28.46
C GLY F 36 -18.58 -33.69 -29.49
N LYS F 37 -17.97 -33.34 -30.61
CA LYS F 37 -18.65 -32.64 -31.70
C LYS F 37 -18.59 -33.44 -32.99
N SER F 38 -19.75 -33.76 -33.55
CA SER F 38 -19.83 -34.52 -34.79
C SER F 38 -19.26 -33.73 -35.98
N ILE F 39 -18.91 -34.45 -37.04
CA ILE F 39 -18.48 -33.81 -38.28
C ILE F 39 -19.66 -33.07 -38.90
N PRO F 40 -19.54 -31.74 -39.02
CA PRO F 40 -20.59 -30.91 -39.60
C PRO F 40 -20.89 -31.31 -41.04
N THR F 41 -22.17 -31.48 -41.37
CA THR F 41 -22.58 -31.88 -42.71
C THR F 41 -22.23 -30.82 -43.75
N ASP F 42 -22.53 -29.55 -43.44
CA ASP F 42 -22.37 -28.47 -44.40
C ASP F 42 -21.04 -27.73 -44.32
N ASN F 43 -20.67 -27.25 -43.15
CA ASN F 43 -19.41 -26.54 -42.98
C ASN F 43 -18.47 -27.22 -41.98
N PRO F 44 -17.88 -28.35 -42.38
CA PRO F 44 -16.98 -29.14 -41.52
C PRO F 44 -15.78 -28.33 -41.03
N ALA F 45 -15.53 -27.20 -41.69
CA ALA F 45 -14.37 -26.38 -41.37
C ALA F 45 -14.58 -25.54 -40.12
N GLY F 46 -15.81 -25.51 -39.62
CA GLY F 46 -16.12 -24.76 -38.42
C GLY F 46 -16.33 -25.67 -37.21
N GLN F 47 -16.11 -26.96 -37.41
CA GLN F 47 -16.31 -27.96 -36.36
C GLN F 47 -15.63 -27.54 -35.06
N ARG F 48 -16.42 -27.42 -33.99
CA ARG F 48 -15.91 -27.01 -32.69
C ARG F 48 -17.01 -27.03 -31.65
N ILE F 49 -16.61 -27.10 -30.37
CA ILE F 49 -17.55 -26.92 -29.27
C ILE F 49 -17.14 -25.72 -28.43
N ILE F 50 -18.13 -24.91 -28.06
CA ILE F 50 -17.89 -23.75 -27.22
C ILE F 50 -18.45 -23.98 -25.82
N PHE F 51 -17.56 -24.02 -24.83
CA PHE F 51 -17.96 -24.12 -23.44
C PHE F 51 -18.00 -22.72 -22.86
N CYS F 52 -19.07 -22.41 -22.15
CA CYS F 52 -19.27 -21.04 -21.67
C CYS F 52 -19.83 -21.01 -20.24
N GLY F 53 -19.24 -20.15 -19.41
CA GLY F 53 -19.75 -19.95 -18.07
C GLY F 53 -20.94 -19.02 -18.08
N GLY F 54 -21.21 -18.44 -19.24
CA GLY F 54 -22.30 -17.51 -19.41
C GLY F 54 -23.39 -18.01 -20.34
N GLU F 55 -24.34 -17.13 -20.64
CA GLU F 55 -25.57 -17.50 -21.35
C GLU F 55 -25.47 -17.48 -22.87
N GLY F 56 -24.47 -16.80 -23.41
CA GLY F 56 -24.42 -16.58 -24.85
C GLY F 56 -23.20 -17.09 -25.60
N THR F 57 -23.31 -17.11 -26.92
CA THR F 57 -22.24 -17.56 -27.79
C THR F 57 -21.11 -16.52 -27.81
N SER F 58 -21.45 -15.30 -27.42
CA SER F 58 -20.49 -14.21 -27.33
C SER F 58 -19.68 -14.32 -26.03
N SER F 59 -18.38 -14.09 -26.11
CA SER F 59 -17.51 -14.23 -24.95
C SER F 59 -17.77 -13.16 -23.89
N THR F 60 -18.34 -12.03 -24.31
CA THR F 60 -18.72 -10.98 -23.36
C THR F 60 -19.70 -11.54 -22.34
N THR F 61 -20.27 -12.69 -22.68
CA THR F 61 -21.28 -13.34 -21.86
C THR F 61 -20.69 -14.09 -20.65
N GLY F 62 -19.43 -14.52 -20.80
CA GLY F 62 -18.75 -15.26 -19.76
C GLY F 62 -17.50 -15.93 -20.30
N ALA F 63 -16.67 -16.46 -19.41
CA ALA F 63 -15.46 -17.14 -19.82
C ALA F 63 -15.78 -18.31 -20.75
N GLN F 64 -14.93 -18.52 -21.75
CA GLN F 64 -15.15 -19.59 -22.71
C GLN F 64 -13.89 -20.38 -23.00
N ILE F 65 -14.07 -21.68 -23.21
CA ILE F 65 -13.02 -22.52 -23.78
C ILE F 65 -13.56 -23.16 -25.05
N THR F 66 -12.87 -22.95 -26.16
CA THR F 66 -13.30 -23.53 -27.43
C THR F 66 -12.34 -24.61 -27.89
N LEU F 67 -12.88 -25.80 -28.14
CA LEU F 67 -12.10 -26.90 -28.68
C LEU F 67 -12.40 -27.04 -30.17
N TYR F 68 -11.36 -26.94 -30.99
CA TYR F 68 -11.51 -27.04 -32.44
C TYR F 68 -11.32 -28.48 -32.92
N GLY F 69 -12.19 -28.91 -33.81
CA GLY F 69 -12.08 -30.24 -34.40
C GLY F 69 -10.96 -30.31 -35.42
N ALA F 70 -10.57 -31.52 -35.77
CA ALA F 70 -9.52 -31.73 -36.77
C ALA F 70 -9.94 -31.13 -38.11
N ASN F 71 -11.21 -31.28 -38.45
CA ASN F 71 -11.76 -30.78 -39.71
C ASN F 71 -11.74 -29.25 -39.79
N ASN F 72 -11.54 -28.60 -38.65
CA ASN F 72 -11.67 -27.15 -38.58
C ASN F 72 -10.54 -26.41 -39.28
N THR F 73 -10.87 -25.28 -39.88
CA THR F 73 -9.87 -24.42 -40.50
C THR F 73 -8.63 -24.34 -39.62
N ASP F 74 -8.83 -24.07 -38.34
CA ASP F 74 -7.75 -24.05 -37.36
C ASP F 74 -7.66 -25.41 -36.65
N SER F 75 -7.06 -26.38 -37.32
CA SER F 75 -7.09 -27.77 -36.87
C SER F 75 -6.59 -27.96 -35.44
N ARG F 76 -7.46 -28.52 -34.60
CA ARG F 76 -7.11 -28.90 -33.22
C ARG F 76 -6.68 -27.74 -32.33
N ARG F 77 -7.12 -26.54 -32.67
CA ARG F 77 -6.83 -25.37 -31.85
C ARG F 77 -7.64 -25.40 -30.54
N ILE F 78 -7.05 -24.89 -29.47
CA ILE F 78 -7.82 -24.59 -28.27
C ILE F 78 -7.71 -23.10 -27.96
N VAL F 79 -8.83 -22.50 -27.60
CA VAL F 79 -8.87 -21.09 -27.26
C VAL F 79 -9.45 -20.90 -25.87
N TYR F 80 -8.63 -20.36 -24.96
CA TYR F 80 -9.08 -20.08 -23.60
C TYR F 80 -9.36 -18.59 -23.48
N ASN F 81 -10.64 -18.22 -23.37
CA ASN F 81 -11.00 -16.82 -23.25
C ASN F 81 -11.57 -16.47 -21.87
N GLY F 82 -10.78 -15.74 -21.08
CA GLY F 82 -11.20 -15.29 -19.77
C GLY F 82 -10.44 -14.05 -19.33
N ASP F 83 -10.94 -13.38 -18.30
CA ASP F 83 -10.28 -12.18 -17.78
C ASP F 83 -9.30 -12.56 -16.70
N GLU F 84 -9.37 -13.82 -16.27
CA GLU F 84 -8.34 -14.40 -15.42
C GLU F 84 -8.10 -15.85 -15.85
N HIS F 85 -6.84 -16.25 -15.89
CA HIS F 85 -6.50 -17.65 -16.07
C HIS F 85 -5.71 -18.09 -14.85
N LEU F 86 -6.37 -18.80 -13.95
CA LEU F 86 -5.76 -19.19 -12.68
C LEU F 86 -5.54 -20.69 -12.60
N PHE F 87 -4.26 -21.09 -12.58
CA PHE F 87 -3.91 -22.50 -12.51
C PHE F 87 -3.59 -22.92 -11.08
N GLN F 88 -4.43 -23.82 -10.57
CA GLN F 88 -4.44 -24.18 -9.16
C GLN F 88 -4.00 -25.62 -8.88
N SER F 89 -3.27 -25.80 -7.78
CA SER F 89 -2.97 -27.12 -7.24
C SER F 89 -1.88 -27.89 -7.99
N ALA F 90 -1.27 -27.24 -8.98
CA ALA F 90 -0.24 -27.90 -9.77
C ALA F 90 0.54 -26.94 -10.65
N ASP F 91 1.79 -27.26 -10.91
CA ASP F 91 2.60 -26.51 -11.85
C ASP F 91 1.90 -26.48 -13.21
N VAL F 92 2.13 -25.43 -13.98
CA VAL F 92 1.75 -25.42 -15.38
C VAL F 92 2.88 -26.08 -16.17
N LYS F 93 2.61 -27.26 -16.70
CA LYS F 93 3.67 -28.06 -17.31
C LYS F 93 3.39 -28.44 -18.76
N PRO F 94 4.46 -28.67 -19.54
CA PRO F 94 4.34 -29.28 -20.86
C PRO F 94 4.21 -30.79 -20.68
N TYR F 95 3.45 -31.43 -21.55
CA TYR F 95 3.23 -32.86 -21.45
C TYR F 95 4.53 -33.64 -21.60
N ASN F 96 5.30 -33.31 -22.62
CA ASN F 96 6.56 -33.97 -22.89
C ASN F 96 7.75 -33.14 -22.40
N ASP F 97 8.95 -33.66 -22.61
CA ASP F 97 10.15 -33.00 -22.11
C ASP F 97 10.91 -32.28 -23.20
N ASN F 98 10.95 -30.95 -23.14
CA ASN F 98 11.78 -30.15 -24.03
C ASN F 98 11.37 -30.24 -25.50
N VAL F 99 10.07 -30.27 -25.77
CA VAL F 99 9.58 -30.26 -27.14
C VAL F 99 8.68 -29.06 -27.45
N THR F 100 8.00 -28.54 -26.42
CA THR F 100 7.12 -27.38 -26.60
C THR F 100 7.59 -26.16 -25.80
N ALA F 101 7.08 -24.99 -26.16
CA ALA F 101 7.62 -23.74 -25.65
C ALA F 101 6.58 -22.86 -24.97
N LEU F 102 7.06 -21.93 -24.16
CA LEU F 102 6.25 -20.86 -23.61
C LEU F 102 6.31 -19.66 -24.55
N GLY F 103 5.16 -19.27 -25.09
CA GLY F 103 5.12 -18.15 -26.02
C GLY F 103 5.67 -18.51 -27.38
N GLY F 104 5.85 -17.50 -28.22
CA GLY F 104 6.38 -17.70 -29.55
C GLY F 104 6.81 -16.40 -30.21
N PRO F 105 7.44 -16.50 -31.38
CA PRO F 105 7.93 -15.33 -32.13
C PRO F 105 6.83 -14.27 -32.31
N SER F 106 5.61 -14.71 -32.61
CA SER F 106 4.52 -13.78 -32.82
C SER F 106 3.44 -13.92 -31.75
N ASN F 107 3.74 -14.72 -30.74
CA ASN F 107 2.87 -14.86 -29.56
C ASN F 107 3.69 -14.72 -28.29
N ARG F 108 4.24 -13.53 -28.07
CA ARG F 108 5.12 -13.26 -26.95
C ARG F 108 4.35 -12.95 -25.68
N PHE F 109 4.88 -13.41 -24.55
CA PHE F 109 4.39 -12.95 -23.26
C PHE F 109 5.16 -11.70 -22.92
N THR F 110 4.48 -10.70 -22.37
CA THR F 110 5.14 -9.45 -22.01
C THR F 110 6.29 -9.73 -21.05
N THR F 111 6.03 -10.55 -20.04
CA THR F 111 7.06 -10.94 -19.10
C THR F 111 6.66 -12.22 -18.38
N ALA F 112 7.51 -12.64 -17.44
CA ALA F 112 7.17 -13.70 -16.51
C ALA F 112 7.45 -13.19 -15.11
N TYR F 113 6.47 -13.33 -14.22
CA TYR F 113 6.66 -12.95 -12.82
C TYR F 113 7.07 -14.18 -12.02
N LEU F 114 8.29 -14.14 -11.49
CA LEU F 114 8.84 -15.28 -10.77
C LEU F 114 9.27 -14.90 -9.36
N GLY F 115 9.40 -15.91 -8.51
CA GLY F 115 9.87 -15.71 -7.14
C GLY F 115 11.33 -16.07 -7.03
N SER F 116 11.81 -16.84 -7.99
CA SER F 116 13.22 -17.18 -8.10
C SER F 116 13.63 -17.18 -9.57
N ASN F 117 14.93 -17.23 -9.83
CA ASN F 117 15.42 -17.17 -11.20
C ASN F 117 15.31 -18.49 -11.96
N PRO F 118 15.04 -18.42 -13.27
CA PRO F 118 14.81 -19.57 -14.14
C PRO F 118 15.89 -20.64 -14.00
N ILE F 119 15.50 -21.90 -14.10
CA ILE F 119 16.45 -23.00 -14.09
C ILE F 119 16.60 -23.57 -15.49
N VAL F 120 17.82 -23.54 -16.01
CA VAL F 120 18.10 -24.18 -17.28
C VAL F 120 18.83 -25.50 -17.05
N THR F 121 18.28 -26.59 -17.59
CA THR F 121 18.89 -27.90 -17.43
C THR F 121 18.74 -28.71 -18.71
N ALA F 122 19.70 -29.60 -18.94
CA ALA F 122 19.70 -30.42 -20.14
C ALA F 122 19.11 -31.80 -19.89
N ASN F 123 18.70 -32.03 -18.65
CA ASN F 123 18.14 -33.32 -18.24
C ASN F 123 18.79 -34.53 -18.92
N GLY F 124 20.12 -34.59 -18.86
CA GLY F 124 20.85 -35.75 -19.34
C GLY F 124 21.12 -35.83 -20.82
N GLU F 125 20.69 -34.80 -21.57
CA GLU F 125 20.94 -34.77 -23.00
C GLU F 125 22.43 -34.53 -23.30
N ARG F 126 23.00 -35.37 -24.16
CA ARG F 126 24.43 -35.32 -24.47
C ARG F 126 24.84 -34.03 -25.15
N LYS F 127 25.97 -33.48 -24.72
CA LYS F 127 26.56 -32.31 -25.34
C LYS F 127 27.86 -32.70 -26.02
N THR F 128 28.29 -31.89 -26.98
CA THR F 128 29.65 -32.02 -27.48
C THR F 128 30.56 -31.60 -26.34
N GLU F 129 31.69 -32.25 -26.19
CA GLU F 129 32.63 -31.88 -25.14
C GLU F 129 32.81 -30.37 -25.16
N PRO F 130 32.42 -29.70 -24.06
CA PRO F 130 32.46 -28.23 -24.00
C PRO F 130 33.82 -27.65 -24.39
N VAL F 131 33.78 -26.50 -25.05
CA VAL F 131 34.97 -25.83 -25.55
C VAL F 131 35.05 -24.42 -24.97
N VAL F 132 36.26 -23.87 -24.88
CA VAL F 132 36.42 -22.51 -24.38
C VAL F 132 35.88 -21.51 -25.40
N PHE F 133 35.65 -20.27 -24.97
CA PHE F 133 35.35 -19.21 -25.91
C PHE F 133 36.64 -18.84 -26.65
N ASP F 134 36.67 -19.05 -27.95
CA ASP F 134 37.87 -18.82 -28.74
C ASP F 134 38.23 -17.34 -28.79
N ASP F 135 39.47 -17.05 -29.15
CA ASP F 135 39.97 -15.68 -29.23
C ASP F 135 39.32 -14.91 -30.37
N ALA F 136 39.06 -15.60 -31.48
CA ALA F 136 38.44 -14.98 -32.64
C ALA F 136 37.06 -14.43 -32.29
N PHE F 137 36.29 -15.21 -31.54
CA PHE F 137 34.93 -14.82 -31.16
C PHE F 137 34.95 -13.68 -30.15
N LEU F 138 35.77 -13.81 -29.11
CA LEU F 138 35.95 -12.75 -28.13
C LEU F 138 36.30 -11.44 -28.81
N ASP F 139 37.15 -11.51 -29.82
CA ASP F 139 37.53 -10.34 -30.60
C ASP F 139 36.30 -9.60 -31.11
N ALA F 140 35.38 -10.34 -31.71
CA ALA F 140 34.16 -9.76 -32.26
C ALA F 140 33.24 -9.23 -31.16
N TRP F 141 33.10 -10.02 -30.10
CA TRP F 141 32.19 -9.68 -29.01
C TRP F 141 32.43 -8.28 -28.45
N GLY F 142 33.65 -7.79 -28.59
CA GLY F 142 34.01 -6.47 -28.11
C GLY F 142 33.24 -5.35 -28.79
N ASP F 143 32.77 -5.61 -30.01
CA ASP F 143 32.04 -4.61 -30.76
C ASP F 143 30.55 -4.58 -30.41
N VAL F 144 30.10 -5.58 -29.66
CA VAL F 144 28.73 -5.59 -29.17
C VAL F 144 28.54 -4.40 -28.23
N HIS F 145 27.43 -3.69 -28.41
CA HIS F 145 27.14 -2.50 -27.63
C HIS F 145 25.97 -2.70 -26.68
N TYR F 146 26.16 -2.27 -25.43
CA TYR F 146 25.09 -2.29 -24.45
C TYR F 146 24.47 -0.91 -24.37
N ILE F 147 23.18 -0.84 -24.67
CA ILE F 147 22.51 0.45 -24.83
C ILE F 147 21.20 0.57 -24.05
N MET F 148 20.54 1.70 -24.22
CA MET F 148 19.26 1.97 -23.59
C MET F 148 18.26 2.36 -24.67
N TYR F 149 16.97 2.14 -24.40
CA TYR F 149 15.95 2.52 -25.37
C TYR F 149 14.57 2.70 -24.76
N GLN F 150 13.65 3.19 -25.58
CA GLN F 150 12.25 3.28 -25.24
C GLN F 150 11.50 2.74 -26.44
N TRP F 151 10.29 2.23 -26.22
CA TRP F 151 9.49 1.75 -27.34
C TRP F 151 8.78 2.91 -28.02
N LEU F 152 8.87 2.98 -29.35
CA LEU F 152 8.20 4.03 -30.10
C LEU F 152 6.73 4.10 -29.72
N ASP F 153 6.21 2.98 -29.20
CA ASP F 153 4.84 2.94 -28.72
C ASP F 153 4.70 3.77 -27.45
N ALA F 154 5.46 3.39 -26.42
CA ALA F 154 5.39 4.05 -25.13
C ALA F 154 5.47 5.57 -25.24
N VAL F 155 6.35 6.07 -26.09
CA VAL F 155 6.57 7.50 -26.22
C VAL F 155 5.35 8.24 -26.78
N GLN F 156 4.66 7.62 -27.73
CA GLN F 156 3.47 8.25 -28.32
C GLN F 156 2.33 8.35 -27.31
N LEU F 157 2.53 7.78 -26.12
CA LEU F 157 1.50 7.80 -25.08
C LEU F 157 2.00 8.41 -23.77
N LYS F 158 3.31 8.34 -23.55
CA LYS F 158 3.90 8.86 -22.32
C LYS F 158 5.04 9.84 -22.62
N GLY F 159 5.35 10.02 -23.90
CA GLY F 159 6.40 10.92 -24.32
C GLY F 159 7.75 10.56 -23.75
N ASN F 160 8.53 11.58 -23.41
CA ASN F 160 9.85 11.38 -22.82
C ASN F 160 9.74 10.80 -21.42
N ASP F 161 8.51 10.53 -20.99
CA ASP F 161 8.25 10.03 -19.65
C ASP F 161 8.10 8.51 -19.64
N ALA F 162 8.34 7.89 -20.79
CA ALA F 162 8.21 6.45 -20.94
C ALA F 162 9.39 5.71 -20.30
N ARG F 163 9.16 4.45 -19.94
CA ARG F 163 10.17 3.62 -19.30
C ARG F 163 11.40 3.44 -20.17
N ILE F 164 12.57 3.40 -19.55
CA ILE F 164 13.82 3.13 -20.24
C ILE F 164 14.28 1.71 -19.94
N HIS F 165 14.60 0.96 -20.99
CA HIS F 165 15.01 -0.43 -20.84
C HIS F 165 16.48 -0.61 -21.17
N PHE F 166 17.08 -1.69 -20.67
CA PHE F 166 18.47 -2.02 -21.02
C PHE F 166 18.52 -3.28 -21.87
N GLY F 167 19.50 -3.34 -22.77
CA GLY F 167 19.68 -4.52 -23.60
C GLY F 167 20.66 -4.29 -24.75
N VAL F 168 20.49 -5.08 -25.81
CA VAL F 168 21.29 -4.92 -27.01
C VAL F 168 20.37 -5.03 -28.21
N ILE F 169 20.78 -4.46 -29.34
CA ILE F 169 20.04 -4.63 -30.58
C ILE F 169 20.54 -5.87 -31.30
N ALA F 170 19.61 -6.75 -31.66
CA ALA F 170 19.97 -8.00 -32.32
C ALA F 170 20.67 -7.74 -33.65
N GLN F 171 20.32 -6.65 -34.32
CA GLN F 171 20.89 -6.33 -35.62
C GLN F 171 22.34 -5.89 -35.52
N GLN F 172 22.65 -5.10 -34.50
CA GLN F 172 24.01 -4.59 -34.34
C GLN F 172 24.96 -5.70 -33.91
N ILE F 173 24.42 -6.69 -33.20
CA ILE F 173 25.19 -7.88 -32.84
C ILE F 173 25.38 -8.77 -34.06
N ARG F 174 24.42 -8.72 -34.98
CA ARG F 174 24.54 -9.45 -36.23
C ARG F 174 25.60 -8.79 -37.11
N ASP F 175 25.53 -7.48 -37.24
CA ASP F 175 26.54 -6.71 -37.97
C ASP F 175 27.92 -7.10 -37.46
N VAL F 176 28.04 -7.23 -36.15
CA VAL F 176 29.29 -7.60 -35.51
C VAL F 176 29.77 -8.98 -35.97
N PHE F 177 28.85 -9.93 -36.02
CA PHE F 177 29.20 -11.28 -36.49
C PHE F 177 29.53 -11.26 -37.97
N ILE F 178 28.78 -10.48 -38.74
CA ILE F 178 28.98 -10.38 -40.19
C ILE F 178 30.31 -9.72 -40.53
N ALA F 179 30.62 -8.62 -39.87
CA ALA F 179 31.84 -7.88 -40.12
C ALA F 179 33.08 -8.65 -39.69
N HIS F 180 32.87 -9.74 -38.96
CA HIS F 180 33.98 -10.54 -38.44
C HIS F 180 34.07 -11.92 -39.07
N GLY F 181 33.22 -12.17 -40.07
CA GLY F 181 33.27 -13.40 -40.84
C GLY F 181 32.68 -14.60 -40.14
N LEU F 182 32.11 -14.39 -38.96
CA LEU F 182 31.51 -15.48 -38.19
C LEU F 182 30.10 -15.80 -38.69
N MET F 183 29.57 -14.92 -39.52
CA MET F 183 28.22 -15.09 -40.05
C MET F 183 28.09 -14.49 -41.44
N ASP F 184 27.71 -15.33 -42.41
CA ASP F 184 27.47 -14.86 -43.77
C ASP F 184 26.36 -13.82 -43.81
N GLU F 185 26.55 -12.77 -44.60
CA GLU F 185 25.54 -11.74 -44.75
C GLU F 185 24.29 -12.32 -45.43
N SER F 187 22.42 -14.86 -44.60
CA SER F 187 22.09 -16.21 -44.17
C SER F 187 21.25 -16.18 -42.89
N THR F 188 19.94 -16.20 -43.06
CA THR F 188 19.01 -16.14 -41.94
C THR F 188 19.35 -17.13 -40.83
N ASN F 189 19.76 -18.34 -41.22
CA ASN F 189 20.20 -19.34 -40.25
C ASN F 189 21.49 -18.88 -39.59
N CYS F 190 21.46 -18.73 -38.27
CA CYS F 190 22.63 -18.23 -37.55
C CYS F 190 23.43 -19.35 -36.89
N ARG F 191 24.70 -19.08 -36.63
CA ARG F 191 25.62 -20.07 -36.11
C ARG F 191 25.54 -20.19 -34.58
N TYR F 192 25.13 -19.11 -33.95
CA TYR F 192 25.02 -19.08 -32.49
C TYR F 192 23.57 -18.92 -32.03
N ALA F 193 23.23 -19.52 -30.90
CA ALA F 193 21.86 -19.52 -30.39
C ALA F 193 21.50 -18.19 -29.73
N VAL F 194 22.49 -17.37 -29.45
CA VAL F 194 22.28 -16.10 -28.76
C VAL F 194 21.48 -15.16 -29.65
N LEU F 195 21.60 -15.35 -30.95
CA LEU F 195 20.90 -14.53 -31.93
C LEU F 195 19.83 -15.37 -32.59
N CYS F 196 18.57 -15.02 -32.36
CA CYS F 196 17.45 -15.81 -32.86
C CYS F 196 16.64 -15.11 -33.95
N TYR F 197 16.56 -15.75 -35.11
CA TYR F 197 15.70 -15.29 -36.19
C TYR F 197 14.54 -16.26 -36.36
N ASP F 198 13.34 -15.72 -36.56
CA ASP F 198 12.17 -16.55 -36.78
C ASP F 198 11.29 -16.00 -37.89
N LYS F 199 10.81 -16.90 -38.74
CA LYS F 199 9.84 -16.58 -39.76
C LYS F 199 8.51 -17.18 -39.28
N TYR F 200 7.44 -16.40 -39.33
CA TYR F 200 6.15 -16.87 -38.82
C TYR F 200 4.96 -16.58 -39.73
N PRO F 201 4.00 -17.51 -39.78
CA PRO F 201 2.79 -17.42 -40.58
C PRO F 201 1.84 -16.37 -40.04
N ARG F 202 0.82 -16.03 -40.82
CA ARG F 202 -0.23 -15.14 -40.35
C ARG F 202 -1.14 -15.94 -39.44
N MET F 203 -1.86 -15.25 -38.56
CA MET F 203 -2.80 -15.92 -37.66
C MET F 203 -4.24 -15.44 -37.83
N THR F 204 -5.11 -16.35 -38.21
CA THR F 204 -6.54 -16.04 -38.27
C THR F 204 -7.26 -16.76 -37.15
N ASP F 205 -8.55 -16.46 -37.02
CA ASP F 205 -9.39 -17.10 -36.02
C ASP F 205 -10.84 -16.85 -36.41
N THR F 206 -11.70 -17.81 -36.13
CA THR F 206 -13.13 -17.62 -36.36
C THR F 206 -13.80 -17.13 -35.09
N VAL F 207 -14.38 -15.94 -35.18
CA VAL F 207 -14.79 -15.18 -34.01
C VAL F 207 -16.20 -14.59 -34.15
N PHE F 208 -16.96 -14.60 -33.06
CA PHE F 208 -18.29 -13.99 -33.08
C PHE F 208 -18.20 -12.49 -33.32
N SER F 209 -19.01 -11.99 -34.24
CA SER F 209 -18.99 -10.57 -34.54
C SER F 209 -20.32 -9.89 -34.23
N HIS F 210 -21.42 -10.46 -34.68
CA HIS F 210 -22.73 -9.85 -34.52
C HIS F 210 -23.87 -10.83 -34.76
N ASN F 211 -25.10 -10.32 -34.65
CA ASN F 211 -26.29 -11.05 -35.07
C ASN F 211 -26.79 -10.47 -36.37
N GLU F 212 -27.38 -11.29 -37.22
CA GLU F 212 -27.84 -10.84 -38.53
C GLU F 212 -29.33 -11.04 -38.70
N ILE F 213 -29.91 -10.29 -39.63
CA ILE F 213 -31.29 -10.54 -40.03
C ILE F 213 -31.36 -11.65 -41.06
N VAL F 214 -32.03 -12.73 -40.68
CA VAL F 214 -32.27 -13.86 -41.57
C VAL F 214 -33.75 -13.99 -41.91
N GLU F 215 -34.05 -13.87 -43.20
CA GLU F 215 -35.43 -13.92 -43.67
C GLU F 215 -35.89 -15.35 -43.93
N HIS F 216 -37.12 -15.66 -43.53
CA HIS F 216 -37.66 -17.00 -43.71
C HIS F 216 -38.90 -16.96 -44.61
N THR F 217 -38.79 -17.55 -45.80
CA THR F 217 -39.90 -17.52 -46.75
C THR F 217 -40.71 -18.82 -46.73
N ASP F 218 -41.98 -18.67 -46.39
CA ASP F 218 -42.96 -19.76 -46.38
C ASP F 218 -43.06 -20.37 -47.79
N GLU F 219 -43.71 -21.52 -47.90
CA GLU F 219 -43.98 -22.10 -49.21
C GLU F 219 -45.14 -21.35 -49.87
N GLU F 220 -45.74 -20.45 -49.11
CA GLU F 220 -46.81 -19.60 -49.61
C GLU F 220 -46.29 -18.21 -49.89
N GLY F 221 -45.02 -17.97 -49.57
CA GLY F 221 -44.38 -16.70 -49.85
C GLY F 221 -44.35 -15.74 -48.67
N ASN F 222 -44.91 -16.17 -47.54
CA ASN F 222 -44.91 -15.36 -46.33
C ASN F 222 -43.50 -15.27 -45.74
N VAL F 223 -43.06 -14.06 -45.43
CA VAL F 223 -41.70 -13.86 -44.92
C VAL F 223 -41.68 -13.43 -43.46
N THR F 224 -41.26 -14.35 -42.59
CA THR F 224 -41.05 -14.01 -41.18
C THR F 224 -39.57 -13.72 -40.93
N THR F 225 -39.20 -13.49 -39.67
CA THR F 225 -37.84 -13.06 -39.35
C THR F 225 -37.40 -13.50 -37.95
N THR F 226 -36.14 -13.92 -37.85
CA THR F 226 -35.51 -14.24 -36.56
C THR F 226 -34.04 -13.86 -36.66
N GLU F 227 -33.39 -13.66 -35.51
CA GLU F 227 -31.96 -13.32 -35.50
C GLU F 227 -31.08 -14.53 -35.14
N GLU F 228 -29.95 -14.65 -35.83
CA GLU F 228 -29.00 -15.73 -35.57
C GLU F 228 -27.58 -15.18 -35.43
N PRO F 229 -26.74 -15.83 -34.61
CA PRO F 229 -25.37 -15.35 -34.44
C PRO F 229 -24.52 -15.59 -35.67
N VAL F 230 -23.79 -14.58 -36.11
CA VAL F 230 -22.89 -14.74 -37.24
C VAL F 230 -21.44 -14.73 -36.78
N TYR F 231 -20.75 -15.83 -37.01
CA TYR F 231 -19.31 -15.88 -36.78
C TYR F 231 -18.59 -15.44 -38.05
N THR F 232 -17.40 -14.87 -37.89
CA THR F 232 -16.66 -14.34 -39.02
C THR F 232 -15.17 -14.62 -38.83
N GLU F 233 -14.44 -14.70 -39.94
CA GLU F 233 -13.00 -14.91 -39.87
C GLU F 233 -12.28 -13.58 -39.75
N VAL F 234 -11.35 -13.51 -38.80
CA VAL F 234 -10.58 -12.29 -38.59
C VAL F 234 -9.10 -12.57 -38.76
N VAL F 235 -8.33 -11.52 -39.01
CA VAL F 235 -6.88 -11.63 -39.05
C VAL F 235 -6.31 -11.06 -37.76
N ILE F 236 -5.82 -11.93 -36.90
CA ILE F 236 -5.20 -11.49 -35.65
C ILE F 236 -3.90 -10.75 -35.96
N HIS F 237 -3.10 -11.32 -36.86
CA HIS F 237 -1.89 -10.65 -37.34
C HIS F 237 -1.37 -11.29 -38.62
N GLU F 238 -0.80 -10.48 -39.49
CA GLU F 238 -0.24 -10.96 -40.74
C GLU F 238 1.10 -11.65 -40.51
N GLU F 239 1.55 -12.41 -41.50
CA GLU F 239 2.83 -13.09 -41.39
C GLU F 239 3.95 -12.07 -41.19
N GLY F 240 5.10 -12.55 -40.73
CA GLY F 240 6.22 -11.67 -40.48
C GLY F 240 7.45 -12.41 -39.98
N GLU F 241 8.36 -11.67 -39.35
CA GLU F 241 9.60 -12.24 -38.89
C GLU F 241 10.20 -11.38 -37.79
N GLU F 242 11.01 -12.00 -36.93
CA GLU F 242 11.62 -11.27 -35.83
C GLU F 242 13.06 -11.70 -35.59
N TRP F 243 13.89 -10.73 -35.19
CA TRP F 243 15.21 -11.04 -34.66
C TRP F 243 15.14 -10.84 -33.14
N GLY F 244 15.67 -11.82 -32.41
CA GLY F 244 15.70 -11.74 -30.96
C GLY F 244 17.02 -12.23 -30.43
N VAL F 245 17.23 -12.09 -29.14
CA VAL F 245 18.47 -12.54 -28.52
C VAL F 245 18.18 -13.29 -27.23
N ARG F 246 19.15 -14.11 -26.81
CA ARG F 246 19.08 -14.76 -25.50
C ARG F 246 19.95 -14.01 -24.52
N PRO F 247 19.34 -13.12 -23.72
CA PRO F 247 20.09 -12.31 -22.74
C PRO F 247 21.10 -13.14 -21.96
N ASP F 248 20.67 -14.30 -21.46
CA ASP F 248 21.59 -15.19 -20.73
C ASP F 248 22.81 -15.52 -21.58
N GLY F 249 22.58 -15.98 -22.81
CA GLY F 249 23.66 -16.28 -23.72
C GLY F 249 24.61 -15.11 -23.85
N ILE F 250 24.05 -13.91 -23.95
CA ILE F 250 24.84 -12.69 -24.06
C ILE F 250 25.80 -12.57 -22.88
N PHE F 251 25.29 -12.82 -21.68
CA PHE F 251 26.08 -12.65 -20.47
C PHE F 251 27.13 -13.75 -20.31
N PHE F 252 26.83 -14.96 -20.78
CA PHE F 252 27.82 -16.02 -20.77
C PHE F 252 29.04 -15.60 -21.59
N ALA F 253 28.78 -15.03 -22.76
CA ALA F 253 29.85 -14.56 -23.63
C ALA F 253 30.56 -13.35 -23.05
N GLU F 254 29.80 -12.46 -22.42
CA GLU F 254 30.37 -11.25 -21.81
C GLU F 254 31.22 -11.61 -20.60
N ALA F 255 30.87 -12.71 -19.95
CA ALA F 255 31.64 -13.19 -18.79
C ALA F 255 32.97 -13.79 -19.25
N ALA F 256 32.97 -14.37 -20.45
CA ALA F 256 34.17 -14.94 -21.04
C ALA F 256 35.05 -13.82 -21.59
N TYR F 257 34.41 -12.87 -22.27
CA TYR F 257 35.10 -11.72 -22.81
C TYR F 257 35.85 -10.97 -21.71
N GLN F 258 35.10 -10.43 -20.75
CA GLN F 258 35.70 -9.62 -19.69
C GLN F 258 36.69 -10.39 -18.83
N ARG F 259 36.58 -11.72 -18.80
CA ARG F 259 37.55 -12.53 -18.08
C ARG F 259 38.90 -12.57 -18.81
N ARG F 260 38.86 -12.68 -20.13
CA ARG F 260 40.08 -12.65 -20.93
C ARG F 260 40.74 -11.28 -20.82
N LYS F 261 39.93 -10.24 -20.81
CA LYS F 261 40.44 -8.88 -20.73
C LYS F 261 41.14 -8.66 -19.39
N LEU F 262 40.44 -8.96 -18.30
CA LEU F 262 41.01 -8.88 -16.96
C LEU F 262 42.34 -9.62 -16.88
N GLU F 263 42.43 -10.75 -17.57
CA GLU F 263 43.63 -11.57 -17.57
C GLU F 263 44.78 -10.82 -18.24
N ARG F 264 44.50 -10.28 -19.41
CA ARG F 264 45.50 -9.53 -20.18
C ARG F 264 45.92 -8.27 -19.44
N ILE F 265 45.01 -7.68 -18.69
CA ILE F 265 45.30 -6.49 -17.90
C ILE F 265 46.21 -6.83 -16.72
N GLU F 266 45.95 -7.96 -16.08
CA GLU F 266 46.75 -8.40 -14.94
C GLU F 266 48.18 -8.73 -15.34
N ALA F 267 48.34 -9.33 -16.52
CA ALA F 267 49.66 -9.67 -17.04
C ALA F 267 50.45 -8.41 -17.35
N ARG F 268 49.76 -7.39 -17.87
CA ARG F 268 50.39 -6.10 -18.13
C ARG F 268 50.75 -5.43 -16.82
N LEU F 269 49.96 -5.70 -15.78
CA LEU F 269 50.25 -5.20 -14.44
C LEU F 269 51.47 -5.91 -13.86
N SER F 270 51.43 -7.23 -13.85
CA SER F 270 52.52 -8.04 -13.31
C SER F 270 53.83 -7.79 -14.07
N ALA F 271 53.72 -7.26 -15.29
CA ALA F 271 54.89 -6.93 -16.09
C ALA F 271 55.35 -5.52 -15.78
N LEU F 272 54.40 -4.62 -15.53
CA LEU F 272 54.70 -3.25 -15.18
C LEU F 272 55.49 -3.19 -13.90
N GLU F 273 55.05 -3.98 -12.91
CA GLU F 273 55.77 -4.11 -11.66
C GLU F 273 57.12 -4.77 -11.94
N GLN F 274 58.00 -4.75 -10.95
CA GLN F 274 59.34 -5.33 -11.10
C GLN F 274 60.17 -4.48 -12.07
C1 PEG G . 21.00 -26.99 -34.33
O1 PEG G . 21.19 -27.57 -35.59
C2 PEG G . 20.36 -27.83 -33.22
O2 PEG G . 20.21 -27.22 -31.97
C3 PEG G . 19.91 -25.85 -31.93
C4 PEG G . 18.85 -25.38 -30.94
O4 PEG G . 18.50 -24.03 -30.99
C1 PEG H . 29.45 -6.36 -4.75
O1 PEG H . 29.22 -5.22 -5.52
C2 PEG H . 30.60 -7.27 -5.16
O2 PEG H . 31.09 -8.17 -4.22
C3 PEG H . 32.10 -7.78 -3.32
C4 PEG H . 31.74 -6.80 -2.20
O4 PEG H . 32.27 -7.04 -0.93
C TAM I . 9.30 -20.98 -0.92
C1 TAM I . 9.91 -21.82 -2.05
C2 TAM I . 9.37 -21.73 0.40
C3 TAM I . 7.83 -20.69 -1.23
C4 TAM I . 11.22 -22.55 -1.76
C5 TAM I . 10.45 -21.28 1.41
C6 TAM I . 7.04 -19.94 -0.16
N TAM I . 10.02 -19.72 -0.82
O4 TAM I . 12.20 -21.84 -1.03
O5 TAM I . 10.26 -20.04 2.03
O6 TAM I . 7.71 -19.03 0.64
C TAM J . 16.31 -31.96 -28.69
C1 TAM J . 15.63 -31.34 -29.91
C2 TAM J . 15.21 -32.54 -27.80
C3 TAM J . 17.07 -30.91 -27.87
C4 TAM J . 16.35 -31.40 -31.26
C5 TAM J . 14.21 -33.50 -28.46
C6 TAM J . 17.73 -29.71 -28.55
N TAM J . 17.20 -33.03 -29.09
O4 TAM J . 17.12 -30.28 -31.61
O5 TAM J . 13.04 -33.82 -27.75
O6 TAM J . 16.92 -28.84 -29.31
CL CL K . -11.84 -42.42 -32.47
BR BR L . -18.86 -33.26 -3.12
C1 PEG M . 2.24 -3.80 -25.45
O1 PEG M . 3.17 -4.28 -24.51
C2 PEG M . 2.70 -2.75 -26.45
O2 PEG M . 2.91 -1.44 -25.99
C3 PEG M . 4.07 -1.13 -25.26
C4 PEG M . 5.41 -1.54 -25.85
O4 PEG M . 5.98 -2.75 -25.42
BR BR N . 20.94 -18.21 -7.18
BR BR O . 15.24 -22.28 -0.36
C1 PEG P . 2.61 7.59 27.24
O1 PEG P . 1.45 6.82 27.06
C2 PEG P . 2.47 9.04 27.68
O2 PEG P . 3.64 9.80 27.86
C3 PEG P . 3.76 10.65 28.96
C4 PEG P . 3.64 10.02 30.36
O4 PEG P . 4.60 9.07 30.73
C1 PEG Q . 23.09 22.97 46.54
O1 PEG Q . 21.75 22.76 46.25
C2 PEG Q . 23.44 23.99 47.62
O2 PEG Q . 23.23 25.34 47.33
C3 PEG Q . 22.62 26.18 48.28
C4 PEG Q . 22.59 27.67 47.98
O4 PEG Q . 21.34 28.31 48.03
C1 PEG R . 30.84 22.72 9.60
O1 PEG R . 31.40 23.79 10.30
C2 PEG R . 31.60 21.39 9.57
O2 PEG R . 30.86 20.24 9.27
C3 PEG R . 31.25 19.03 9.86
C4 PEG R . 30.15 18.01 10.18
O4 PEG R . 29.28 17.67 9.13
C1 PEG S . -23.29 33.17 27.65
O1 PEG S . -23.84 34.18 26.86
C2 PEG S . -22.45 32.12 26.96
O2 PEG S . -22.10 30.98 27.69
C3 PEG S . -21.85 29.79 27.03
C4 PEG S . -20.50 29.59 26.35
O4 PEG S . -19.88 28.34 26.47
C1 PEG T . 26.09 28.33 37.72
O1 PEG T . 27.01 28.94 36.87
C2 PEG T . 25.59 29.16 38.91
O2 PEG T . 24.55 28.62 39.68
C3 PEG T . 23.68 29.47 40.36
C4 PEG T . 22.29 28.92 40.71
O4 PEG T . 21.53 29.63 41.64
C1 PEG U . 1.59 15.88 44.35
O1 PEG U . 1.85 16.10 43.00
C2 PEG U . 1.40 17.12 45.24
O2 PEG U . 1.83 17.03 46.57
C3 PEG U . 1.59 18.08 47.46
C4 PEG U . 1.91 17.85 48.93
O4 PEG U . 2.35 18.94 49.67
C1 PEG V . 3.72 46.17 31.06
O1 PEG V . 3.03 45.65 29.97
C2 PEG V . 5.17 46.63 30.84
O2 PEG V . 5.98 45.83 30.02
C3 PEG V . 7.32 45.62 30.40
C4 PEG V . 8.21 46.84 30.59
O4 PEG V . 9.44 46.64 31.24
BR BR W . -24.56 22.41 21.75
CL CL X . 11.43 42.61 32.62
C1 PEG Y . 11.02 52.65 20.63
O1 PEG Y . 12.38 52.28 20.51
C2 PEG Y . 10.25 52.15 21.83
O2 PEG Y . 10.89 52.19 23.07
C3 PEG Y . 10.17 52.48 24.25
C4 PEG Y . 10.22 53.90 24.78
O4 PEG Y . 9.26 54.29 25.72
BR BR Z . -18.63 12.49 6.36
CL CL AA . 18.33 33.73 3.05
CL CL BA . -12.78 15.99 -0.92
C1 PEG CA . 9.51 34.73 -2.51
O1 PEG CA . 9.49 34.69 -1.11
C2 PEG CA . 9.27 36.07 -3.20
O2 PEG CA . 8.52 37.02 -2.48
C3 PEG CA . 8.18 38.23 -3.10
C4 PEG CA . 7.36 39.23 -2.29
O4 PEG CA . 7.72 40.58 -2.37
C TAM DA . -15.44 29.86 31.08
C1 TAM DA . -16.39 31.04 31.18
C2 TAM DA . -16.09 28.61 31.69
C3 TAM DA . -14.17 30.17 31.86
C4 TAM DA . -16.85 31.69 29.88
C5 TAM DA . -17.35 28.00 31.10
C6 TAM DA . -13.22 29.00 32.15
N TAM DA . -15.09 29.62 29.69
O4 TAM DA . -17.94 31.09 29.25
O5 TAM DA . -17.68 28.24 29.76
O6 TAM DA . -12.06 29.25 32.90
C1 PEG EA . 17.12 49.40 14.08
O1 PEG EA . 15.85 48.83 14.07
C2 PEG EA . 17.64 49.96 15.42
O2 PEG EA . 18.30 49.08 16.28
C3 PEG EA . 19.36 49.54 17.06
C4 PEG EA . 20.36 48.52 17.58
O4 PEG EA . 21.73 48.85 17.49
CL CL FA . -16.74 4.99 23.83
C1 PEG GA . -9.30 34.39 21.80
O1 PEG GA . -8.97 33.97 20.50
C2 PEG GA . -10.16 33.47 22.65
O2 PEG GA . -9.71 32.14 22.82
C3 PEG GA . -10.57 31.18 23.36
C4 PEG GA . -11.86 30.86 22.60
O4 PEG GA . -12.53 29.68 22.95
CL CL HA . -22.48 25.15 5.82
CA CA IA . 15.50 -3.37 -18.15
C1 PEG JA . -16.50 -16.49 -29.23
O1 PEG JA . -16.20 -15.76 -30.38
C2 PEG JA . -16.98 -17.94 -29.39
O2 PEG JA . -16.04 -18.98 -29.21
C3 PEG JA . -15.15 -19.28 -30.25
C4 PEG JA . -15.73 -19.97 -31.49
O4 PEG JA . -15.03 -19.86 -32.70
C1 PEG KA . -7.76 -28.63 -42.27
O1 PEG KA . -8.92 -28.99 -42.98
C2 PEG KA . -7.64 -27.17 -41.83
O2 PEG KA . -6.41 -26.52 -42.03
C3 PEG KA . -5.32 -26.79 -41.19
C4 PEG KA . -4.40 -27.94 -41.55
O4 PEG KA . -4.41 -29.07 -40.73
C1 PEG LA . -2.19 -28.72 -3.62
O1 PEG LA . -1.98 -29.42 -4.82
C2 PEG LA . -2.32 -27.19 -3.69
O2 PEG LA . -1.14 -26.45 -3.89
C3 PEG LA . -1.23 -25.07 -4.11
C4 PEG LA . -1.73 -24.61 -5.48
O4 PEG LA . -2.44 -23.42 -5.60
C1 PEG MA . -25.18 -31.04 -38.42
O1 PEG MA . -24.76 -32.13 -37.63
C2 PEG MA . -24.50 -30.87 -39.77
O2 PEG MA . -24.38 -29.58 -40.31
C3 PEG MA . -23.40 -28.72 -39.80
C4 PEG MA . -22.59 -27.89 -40.80
O4 PEG MA . -23.09 -26.63 -41.19
BR BR NA . 23.10 -18.97 -26.03
#